data_5U17
#
_entry.id   5U17
#
_cell.length_a   215.288
_cell.length_b   69.740
_cell.length_c   142.359
_cell.angle_alpha   90.000
_cell.angle_beta   104.020
_cell.angle_gamma   90.000
#
_symmetry.space_group_name_H-M   'C 1 2 1'
#
loop_
_entity.id
_entity.type
_entity.pdbx_description
1 polymer 'Major histocompatibility complex class I-related gene protein'
2 polymer 'MAIT T-cell receptor alpha chain'
3 polymer 'MAIT T-cell receptor beta chain'
4 polymer Beta-2-microglobulin
5 non-polymer 2,4-diaminopteridine-6-carbaldehyde
6 non-polymer GLYCEROL
7 non-polymer 'ACETATE ION'
8 non-polymer 'SODIUM ION'
9 water water
#
loop_
_entity_poly.entity_id
_entity_poly.type
_entity_poly.pdbx_seq_one_letter_code
_entity_poly.pdbx_strand_id
1 'polypeptide(L)'
;MRTHSLRYFRLGVSDPIHGVPEFISVGYVDSHPITTYDSVTRQKEPRAPWMAENLAPDHWERYTQLLRGWQQMFKVELKR
LQRHYNHSGSHTYQRMIGCELLEDGSTTGFLQYAYDGQDFLIFNKDTLSWLAVDNVAHTIKQAWEANQHELLYQKNWLEE
ECIAWLKRFLEYGKDTLQRTEPPLVRVNRKETFPGVTALFCKAHGFYPPEIYMTWMKNGEEIVQEIDYGDILPSGDGTYQ
AWASIELDPQSSNLYSCHVEHSGVHMVLQVP
;
A,C
2 'polypeptide(L)'
;GQNIDQPTEMTATEGAIVQINCTYQTSGFNGLFWYQQHAGEAPTFLSYNVLDGLEEKGRFSSFLSRSKGYSYLLLKELQM
KDSASYLCAVKDSNYQLIWGAGTKLIIKPDIQNPDPAVYQLRDSKSSDKSVCLFTDFDSQTNVSQSKDSDVYITDKCVLD
MRSMDFKSNSAVAWSNKSDFACANAFNNSIIPEDTFFPSPESS
;
B,D
3 'polypeptide(L)'
;NAGVTQTPKFQVLKTGQSMTLQCAQDMNHNSMYWYRQDPGMGLRLIYYSASEGTTDKGEVPNGYNVSRLNKREFSLRLES
AAPSQTSVYFCASSVWTGEGSGELFFGEGSRLTVLEDLKNVFPPEVAVFEPSEAEISHTQKATLVCLATGFYPDHVELSW
WVNGKEVHSGVCTDPQPLKEQPALNDSRYALSSRLRVSATFWQNPRNHFRCQVQFYGLSENDEWTQDRAKPVTQIVSAEA
WGRAD
;
E,G
4 'polypeptide(L)'
;IQRTPKIQVYSRHPAENGKSNFLNCYVSGFHPSDIEVDLLKNGERIEKVEHSDLSFSKDWSFYLLYYTEFTPTEKDEYAC
RVNHVTLSQPKIVKWDRDM
;
F,H
#
loop_
_chem_comp.id
_chem_comp.type
_chem_comp.name
_chem_comp.formula
7WP non-polymer 2,4-diaminopteridine-6-carbaldehyde 'C7 H6 N6 O'
ACT non-polymer 'ACETATE ION' 'C2 H3 O2 -1'
GOL non-polymer GLYCEROL 'C3 H8 O3'
NA non-polymer 'SODIUM ION' 'Na 1'
#
# COMPACT_ATOMS: atom_id res chain seq x y z
N ARG A 2 21.58 11.12 13.29
CA ARG A 2 20.90 12.41 13.38
C ARG A 2 20.39 12.88 12.04
N THR A 3 19.87 14.10 12.02
CA THR A 3 19.41 14.71 10.78
C THR A 3 20.55 15.34 9.99
N HIS A 4 20.75 14.90 8.75
CA HIS A 4 21.74 15.53 7.91
C HIS A 4 21.07 16.19 6.71
N SER A 5 21.81 17.05 6.03
CA SER A 5 21.24 17.75 4.88
C SER A 5 22.30 18.05 3.82
N LEU A 6 21.86 18.15 2.57
CA LEU A 6 22.69 18.55 1.45
C LEU A 6 21.99 19.69 0.76
N ARG A 7 22.74 20.73 0.42
CA ARG A 7 22.15 21.79 -0.35
C ARG A 7 23.17 22.59 -1.18
N TYR A 8 22.69 23.09 -2.31
CA TYR A 8 23.47 23.87 -3.25
C TYR A 8 22.84 25.24 -3.38
N PHE A 9 23.62 26.29 -3.12
CA PHE A 9 23.17 27.66 -3.26
C PHE A 9 23.73 28.27 -4.53
N ARG A 10 23.02 29.25 -5.07
CA ARG A 10 23.50 30.04 -6.18
C ARG A 10 23.26 31.50 -5.85
N LEU A 11 24.25 32.35 -6.12
CA LEU A 11 24.08 33.78 -5.98
C LEU A 11 24.48 34.44 -7.29
N GLY A 12 23.54 35.18 -7.90
CA GLY A 12 23.79 35.95 -9.10
C GLY A 12 23.68 37.43 -8.79
N VAL A 13 24.61 38.23 -9.31
CA VAL A 13 24.64 39.66 -9.04
C VAL A 13 24.79 40.37 -10.38
N SER A 14 23.88 41.30 -10.70
CA SER A 14 24.02 42.03 -11.96
C SER A 14 24.84 43.27 -11.74
N ASP A 15 25.57 43.69 -12.76
CA ASP A 15 26.39 44.92 -12.68
C ASP A 15 27.20 45.01 -11.36
N PRO A 16 27.95 43.95 -11.02
CA PRO A 16 28.64 43.97 -9.73
C PRO A 16 29.79 44.98 -9.67
N ILE A 17 30.12 45.43 -8.47
CA ILE A 17 31.17 46.38 -8.27
C ILE A 17 32.43 45.65 -8.52
N HIS A 18 33.55 46.34 -8.37
CA HIS A 18 34.81 45.70 -8.57
C HIS A 18 34.93 44.69 -7.48
N GLY A 19 35.48 43.52 -7.77
CA GLY A 19 35.66 42.49 -6.77
C GLY A 19 34.51 41.61 -6.32
N VAL A 20 33.37 41.69 -6.96
CA VAL A 20 32.26 40.83 -6.59
C VAL A 20 31.95 39.99 -7.79
N PRO A 21 32.10 38.69 -7.67
CA PRO A 21 31.78 37.82 -8.82
C PRO A 21 30.35 38.03 -9.28
N GLU A 22 30.12 37.84 -10.56
CA GLU A 22 28.79 37.91 -11.12
C GLU A 22 27.96 36.73 -10.62
N PHE A 23 28.63 35.63 -10.33
CA PHE A 23 27.95 34.37 -10.00
C PHE A 23 28.82 33.59 -9.03
N ILE A 24 28.19 33.06 -7.97
CA ILE A 24 28.85 32.21 -6.99
C ILE A 24 27.93 31.05 -6.68
N SER A 25 28.46 29.83 -6.67
CA SER A 25 27.65 28.69 -6.27
C SER A 25 28.42 27.79 -5.30
N VAL A 26 27.78 27.47 -4.17
CA VAL A 26 28.42 26.79 -3.06
C VAL A 26 27.53 25.68 -2.53
N GLY A 27 28.15 24.54 -2.28
CA GLY A 27 27.48 23.40 -1.72
C GLY A 27 27.84 23.20 -0.27
N TYR A 28 26.87 22.70 0.50
CA TYR A 28 27.05 22.37 1.91
C TYR A 28 26.50 20.96 2.19
N VAL A 29 27.13 20.29 3.14
CA VAL A 29 26.55 19.14 3.82
C VAL A 29 26.51 19.56 5.28
N ASP A 30 25.30 19.59 5.84
CA ASP A 30 25.07 20.18 7.15
C ASP A 30 25.64 21.60 7.18
N SER A 31 26.48 21.91 8.15
CA SER A 31 27.05 23.26 8.21
C SER A 31 28.36 23.40 7.41
N HIS A 32 28.86 22.31 6.82
CA HIS A 32 30.17 22.29 6.17
C HIS A 32 30.15 22.60 4.69
N PRO A 33 30.94 23.61 4.25
CA PRO A 33 31.04 23.87 2.81
C PRO A 33 31.67 22.65 2.17
N ILE A 34 31.16 22.19 1.03
CA ILE A 34 31.79 21.04 0.38
C ILE A 34 32.32 21.35 -1.02
N THR A 35 31.67 22.30 -1.71
CA THR A 35 32.05 22.64 -3.07
C THR A 35 31.97 24.14 -3.32
N THR A 36 32.74 24.62 -4.29
CA THR A 36 32.62 26.02 -4.68
C THR A 36 32.90 26.20 -6.16
N TYR A 37 32.18 27.17 -6.72
CA TYR A 37 32.31 27.59 -8.09
C TYR A 37 32.04 29.09 -8.11
N ASP A 38 32.75 29.82 -8.96
CA ASP A 38 32.34 31.19 -9.22
C ASP A 38 32.77 31.65 -10.62
N SER A 39 32.19 32.77 -11.05
CA SER A 39 32.39 33.33 -12.38
C SER A 39 33.81 33.86 -12.60
N VAL A 40 34.63 33.91 -11.56
CA VAL A 40 36.02 34.35 -11.74
C VAL A 40 36.97 33.18 -12.01
N THR A 41 36.96 32.16 -11.15
CA THR A 41 37.76 30.97 -11.40
C THR A 41 37.20 30.12 -12.55
N ARG A 42 35.88 30.17 -12.72
CA ARG A 42 35.15 29.34 -13.65
C ARG A 42 35.47 27.84 -13.48
N GLN A 43 35.82 27.46 -12.25
CA GLN A 43 36.09 26.06 -11.89
C GLN A 43 35.29 25.61 -10.67
N LYS A 44 34.83 24.37 -10.68
CA LYS A 44 34.26 23.82 -9.45
C LYS A 44 35.32 23.06 -8.66
N GLU A 45 35.52 23.44 -7.41
CA GLU A 45 36.57 22.86 -6.56
C GLU A 45 36.00 22.35 -5.26
N PRO A 46 36.63 21.31 -4.68
CA PRO A 46 36.15 20.86 -3.36
C PRO A 46 36.52 21.86 -2.29
N ARG A 47 35.75 21.88 -1.21
CA ARG A 47 35.98 22.76 -0.08
C ARG A 47 36.08 21.96 1.22
N ALA A 48 36.08 20.63 1.08
CA ALA A 48 36.37 19.74 2.21
C ALA A 48 37.32 18.68 1.70
N PRO A 49 38.30 18.30 2.53
CA PRO A 49 39.27 17.30 2.04
C PRO A 49 38.62 15.94 1.83
N TRP A 50 37.55 15.62 2.57
CA TRP A 50 36.94 14.31 2.39
C TRP A 50 36.12 14.30 1.11
N MET A 51 35.84 15.49 0.56
CA MET A 51 35.28 15.58 -0.80
C MET A 51 36.37 15.39 -1.87
N ALA A 52 37.49 16.10 -1.72
CA ALA A 52 38.63 16.03 -2.63
C ALA A 52 39.21 14.61 -2.76
N GLU A 53 39.43 13.96 -1.62
CA GLU A 53 39.94 12.59 -1.61
C GLU A 53 39.01 11.53 -2.21
N ASN A 54 37.70 11.74 -2.22
CA ASN A 54 36.81 10.66 -2.66
C ASN A 54 36.16 10.86 -4.02
N LEU A 55 36.33 12.03 -4.60
CA LEU A 55 35.77 12.26 -5.93
C LEU A 55 36.87 12.50 -6.97
N ALA A 56 36.92 11.61 -7.95
CA ALA A 56 37.93 11.66 -9.01
C ALA A 56 37.75 12.93 -9.86
N PRO A 57 38.83 13.37 -10.53
CA PRO A 57 38.82 14.58 -11.37
C PRO A 57 37.64 14.67 -12.33
N ASP A 58 37.20 13.53 -12.86
CA ASP A 58 36.03 13.47 -13.74
C ASP A 58 34.87 14.29 -13.17
N HIS A 59 34.67 14.19 -11.86
CA HIS A 59 33.55 14.84 -11.18
C HIS A 59 33.69 16.37 -11.31
N TRP A 60 34.82 16.90 -10.86
CA TRP A 60 35.05 18.35 -10.92
C TRP A 60 35.03 18.83 -12.35
N GLU A 61 35.55 18.01 -13.26
CA GLU A 61 35.60 18.39 -14.68
C GLU A 61 34.20 18.51 -15.27
N ARG A 62 33.36 17.51 -15.01
CA ARG A 62 31.99 17.50 -15.52
C ARG A 62 31.19 18.65 -14.94
N TYR A 63 31.23 18.83 -13.63
CA TYR A 63 30.41 19.86 -12.99
C TYR A 63 30.95 21.27 -13.27
N THR A 64 32.22 21.37 -13.63
CA THR A 64 32.73 22.66 -14.06
C THR A 64 31.93 23.07 -15.31
N GLN A 65 31.76 22.14 -16.25
CA GLN A 65 31.00 22.45 -17.46
C GLN A 65 29.53 22.79 -17.15
N LEU A 66 28.92 22.02 -16.25
CA LEU A 66 27.53 22.26 -15.85
C LEU A 66 27.34 23.63 -15.20
N LEU A 67 28.23 23.98 -14.28
CA LEU A 67 28.14 25.26 -13.61
C LEU A 67 28.36 26.46 -14.54
N ARG A 68 29.22 26.32 -15.55
CA ARG A 68 29.37 27.38 -16.55
C ARG A 68 28.01 27.58 -17.22
N GLY A 69 27.35 26.48 -17.58
CA GLY A 69 26.03 26.59 -18.19
C GLY A 69 25.00 27.22 -17.25
N TRP A 70 25.05 26.83 -15.98
CA TRP A 70 24.07 27.33 -14.99
C TRP A 70 24.34 28.79 -14.67
N GLN A 71 25.62 29.18 -14.72
CA GLN A 71 25.97 30.58 -14.57
C GLN A 71 25.32 31.43 -15.67
N GLN A 72 25.42 30.96 -16.90
CA GLN A 72 24.77 31.64 -18.01
C GLN A 72 23.25 31.68 -17.83
N MET A 73 22.70 30.57 -17.33
CA MET A 73 21.27 30.50 -17.07
C MET A 73 20.83 31.54 -16.01
N PHE A 74 21.55 31.63 -14.87
CA PHE A 74 21.26 32.66 -13.87
C PHE A 74 21.31 34.08 -14.43
N LYS A 75 22.32 34.36 -15.22
CA LYS A 75 22.50 35.71 -15.77
C LYS A 75 21.28 36.20 -16.55
N VAL A 76 20.79 35.35 -17.42
CA VAL A 76 19.66 35.68 -18.27
C VAL A 76 18.34 35.73 -17.48
N GLU A 77 18.16 34.82 -16.54
CA GLU A 77 16.98 34.85 -15.68
C GLU A 77 16.95 36.16 -14.88
N LEU A 78 18.09 36.53 -14.33
CA LEU A 78 18.16 37.80 -13.61
C LEU A 78 17.84 38.97 -14.53
N LYS A 79 18.35 38.96 -15.77
CA LYS A 79 18.02 40.03 -16.70
C LYS A 79 16.50 40.13 -16.89
N ARG A 80 15.84 38.99 -17.10
CA ARG A 80 14.38 38.97 -17.31
C ARG A 80 13.60 39.49 -16.08
N LEU A 81 14.05 39.12 -14.89
CA LEU A 81 13.39 39.58 -13.68
C LEU A 81 13.49 41.08 -13.53
N GLN A 82 14.68 41.64 -13.80
CA GLN A 82 14.84 43.09 -13.74
C GLN A 82 13.92 43.75 -14.74
N ARG A 83 13.82 43.17 -15.93
CA ARG A 83 12.89 43.71 -16.92
C ARG A 83 11.45 43.67 -16.40
N HIS A 84 11.04 42.55 -15.80
CA HIS A 84 9.67 42.42 -15.31
C HIS A 84 9.37 43.47 -14.26
N TYR A 85 10.32 43.72 -13.37
CA TYR A 85 10.12 44.73 -12.33
C TYR A 85 10.40 46.17 -12.77
N ASN A 86 10.92 46.33 -13.98
CA ASN A 86 11.37 47.65 -14.45
C ASN A 86 12.47 48.20 -13.53
N HIS A 87 13.44 47.34 -13.20
CA HIS A 87 14.55 47.69 -12.31
C HIS A 87 15.84 47.91 -13.07
N SER A 88 16.61 48.90 -12.64
CA SER A 88 17.96 49.06 -13.16
C SER A 88 18.95 48.97 -12.02
N GLY A 89 20.23 49.07 -12.34
CA GLY A 89 21.25 48.97 -11.32
C GLY A 89 21.51 47.52 -10.95
N SER A 90 22.20 47.33 -9.84
CA SER A 90 22.60 46.02 -9.39
C SER A 90 21.51 45.36 -8.56
N HIS A 91 21.14 44.15 -8.93
CA HIS A 91 20.22 43.37 -8.11
C HIS A 91 20.79 41.98 -7.93
N THR A 92 20.19 41.20 -7.04
CA THR A 92 20.65 39.85 -6.80
C THR A 92 19.56 38.83 -7.06
N TYR A 93 20.00 37.61 -7.31
CA TYR A 93 19.17 36.49 -7.65
C TYR A 93 19.78 35.28 -6.96
N GLN A 94 18.96 34.51 -6.25
CA GLN A 94 19.51 33.41 -5.47
C GLN A 94 18.64 32.20 -5.60
N ARG A 95 19.24 31.05 -5.46
CA ARG A 95 18.44 29.86 -5.30
C ARG A 95 19.07 28.92 -4.28
N MET A 96 18.22 28.09 -3.68
CA MET A 96 18.67 27.07 -2.75
C MET A 96 17.94 25.79 -3.09
N ILE A 97 18.69 24.76 -3.44
CA ILE A 97 18.10 23.44 -3.61
C ILE A 97 18.72 22.45 -2.62
N GLY A 98 17.96 21.44 -2.21
CA GLY A 98 18.50 20.43 -1.32
C GLY A 98 17.50 19.48 -0.74
N CYS A 99 18.00 18.66 0.18
CA CYS A 99 17.25 17.60 0.82
C CYS A 99 17.82 17.33 2.20
N GLU A 100 16.99 16.73 3.06
CA GLU A 100 17.41 16.30 4.39
C GLU A 100 17.07 14.82 4.60
N LEU A 101 17.96 14.09 5.25
CA LEU A 101 17.66 12.72 5.66
C LEU A 101 17.44 12.83 7.15
N LEU A 102 16.20 12.65 7.58
CA LEU A 102 15.86 12.83 8.99
C LEU A 102 16.31 11.64 9.82
N GLU A 103 16.44 11.88 11.12
CA GLU A 103 16.82 10.83 12.04
C GLU A 103 15.88 9.61 12.00
N ASP A 104 14.57 9.83 11.86
CA ASP A 104 13.61 8.71 11.81
C ASP A 104 13.52 8.07 10.41
N GLY A 105 14.32 8.56 9.46
CA GLY A 105 14.44 7.93 8.16
C GLY A 105 13.55 8.53 7.09
N SER A 106 12.73 9.51 7.48
CA SER A 106 11.92 10.22 6.50
C SER A 106 12.78 11.29 5.82
N THR A 107 12.28 11.83 4.72
CA THR A 107 13.03 12.82 3.96
C THR A 107 12.25 14.11 3.73
N THR A 108 13.00 15.17 3.45
CA THR A 108 12.43 16.41 2.92
C THR A 108 13.23 16.83 1.70
N GLY A 109 12.64 17.70 0.92
CA GLY A 109 13.28 18.25 -0.24
C GLY A 109 12.78 19.67 -0.44
N PHE A 110 13.65 20.57 -0.86
CA PHE A 110 13.25 21.95 -1.06
C PHE A 110 13.98 22.52 -2.27
N LEU A 111 13.37 23.51 -2.89
CA LEU A 111 13.93 24.24 -4.01
C LEU A 111 13.26 25.60 -3.98
N GLN A 112 14.05 26.67 -3.78
CA GLN A 112 13.53 28.02 -3.54
C GLN A 112 14.36 29.05 -4.29
N TYR A 113 13.72 30.14 -4.73
CA TYR A 113 14.40 31.24 -5.39
C TYR A 113 14.12 32.53 -4.65
N ALA A 114 15.05 33.47 -4.75
CA ALA A 114 14.90 34.76 -4.10
C ALA A 114 15.39 35.87 -5.01
N TYR A 115 14.72 37.01 -4.97
CA TYR A 115 15.14 38.18 -5.73
C TYR A 115 15.43 39.28 -4.74
N ASP A 116 16.63 39.85 -4.84
CA ASP A 116 17.09 40.86 -3.89
C ASP A 116 16.93 40.42 -2.43
N GLY A 117 17.21 39.14 -2.16
CA GLY A 117 17.27 38.65 -0.80
C GLY A 117 15.91 38.32 -0.18
N GLN A 118 14.86 38.37 -1.00
CA GLN A 118 13.50 38.09 -0.57
C GLN A 118 12.92 36.89 -1.30
N ASP A 119 12.15 36.07 -0.60
CA ASP A 119 11.42 34.95 -1.22
C ASP A 119 10.76 35.36 -2.53
N PHE A 120 10.82 34.48 -3.51
CA PHE A 120 10.31 34.79 -4.84
C PHE A 120 9.48 33.64 -5.36
N LEU A 121 10.08 32.46 -5.42
CA LEU A 121 9.37 31.27 -5.87
C LEU A 121 9.73 30.09 -4.97
N ILE A 122 8.73 29.34 -4.51
CA ILE A 122 8.97 28.17 -3.68
C ILE A 122 8.26 26.97 -4.28
N PHE A 123 9.06 25.93 -4.56
CA PHE A 123 8.57 24.77 -5.26
C PHE A 123 7.90 23.82 -4.27
N ASN A 124 6.73 23.34 -4.63
CA ASN A 124 6.08 22.30 -3.84
C ASN A 124 6.10 20.99 -4.62
N LYS A 125 7.02 20.11 -4.22
CA LYS A 125 7.22 18.86 -4.92
C LYS A 125 6.04 17.87 -4.72
N ASP A 126 5.06 18.21 -3.89
CA ASP A 126 3.94 17.28 -3.66
C ASP A 126 2.77 17.55 -4.57
N THR A 127 2.64 18.80 -5.02
CA THR A 127 1.63 19.09 -6.03
C THR A 127 2.26 19.52 -7.34
N LEU A 128 3.59 19.44 -7.43
CA LEU A 128 4.30 19.84 -8.63
C LEU A 128 3.88 21.23 -9.06
N SER A 129 3.98 22.17 -8.14
CA SER A 129 3.60 23.53 -8.45
C SER A 129 4.53 24.51 -7.76
N TRP A 130 4.56 25.73 -8.29
CA TRP A 130 5.38 26.79 -7.74
C TRP A 130 4.54 27.83 -7.00
N LEU A 131 4.94 28.16 -5.78
CA LEU A 131 4.30 29.26 -5.08
C LEU A 131 5.01 30.58 -5.39
N ALA A 132 4.24 31.58 -5.81
CA ALA A 132 4.71 32.89 -6.28
C ALA A 132 4.39 33.98 -5.26
N VAL A 133 5.35 34.85 -4.93
CA VAL A 133 5.05 35.88 -3.93
C VAL A 133 4.33 37.11 -4.49
N ASP A 134 4.47 37.40 -5.78
CA ASP A 134 3.83 38.57 -6.40
C ASP A 134 3.48 38.30 -7.86
N ASN A 135 3.07 39.32 -8.60
CA ASN A 135 2.65 39.05 -9.97
C ASN A 135 3.80 38.73 -10.94
N VAL A 136 5.00 39.20 -10.62
CA VAL A 136 6.13 38.90 -11.46
C VAL A 136 6.52 37.43 -11.28
N ALA A 137 6.59 36.99 -10.03
CA ALA A 137 6.80 35.58 -9.75
C ALA A 137 5.69 34.71 -10.39
N HIS A 138 4.46 35.22 -10.37
CA HIS A 138 3.34 34.49 -10.98
C HIS A 138 3.60 34.27 -12.48
N THR A 139 4.05 35.32 -13.16
CA THR A 139 4.49 35.21 -14.55
C THR A 139 5.51 34.09 -14.76
N ILE A 140 6.54 34.05 -13.93
CA ILE A 140 7.53 32.99 -14.06
C ILE A 140 6.91 31.61 -13.76
N LYS A 141 6.18 31.52 -12.65
CA LYS A 141 5.46 30.30 -12.28
C LYS A 141 4.70 29.66 -13.46
N GLN A 142 3.86 30.43 -14.14
CA GLN A 142 3.10 29.89 -15.28
C GLN A 142 3.99 29.27 -16.34
N ALA A 143 5.09 29.94 -16.66
CA ALA A 143 6.07 29.39 -17.59
C ALA A 143 6.62 28.04 -17.12
N TRP A 144 6.99 27.98 -15.85
CA TRP A 144 7.65 26.79 -15.31
C TRP A 144 6.70 25.62 -15.12
N GLU A 145 5.48 25.93 -14.68
CA GLU A 145 4.42 24.95 -14.51
C GLU A 145 3.93 24.39 -15.84
N ALA A 146 4.25 25.06 -16.94
CA ALA A 146 3.82 24.56 -18.25
C ALA A 146 4.57 23.29 -18.65
N ASN A 147 5.80 23.14 -18.16
CA ASN A 147 6.66 22.02 -18.54
C ASN A 147 6.52 20.87 -17.53
N GLN A 148 5.55 20.00 -17.77
CA GLN A 148 5.22 18.95 -16.82
C GLN A 148 6.40 18.03 -16.51
N HIS A 149 7.16 17.68 -17.55
CA HIS A 149 8.25 16.72 -17.41
C HIS A 149 9.34 17.26 -16.51
N GLU A 150 9.61 18.56 -16.61
CA GLU A 150 10.65 19.17 -15.80
C GLU A 150 10.27 19.20 -14.33
N LEU A 151 8.98 19.42 -14.05
CA LEU A 151 8.49 19.31 -12.69
C LEU A 151 8.70 17.87 -12.15
N LEU A 152 8.39 16.86 -12.96
CA LEU A 152 8.62 15.48 -12.56
C LEU A 152 10.13 15.25 -12.31
N TYR A 153 10.99 15.80 -13.19
CA TYR A 153 12.45 15.62 -13.03
C TYR A 153 12.89 16.23 -11.71
N GLN A 154 12.31 17.38 -11.36
CA GLN A 154 12.71 18.08 -10.14
C GLN A 154 12.31 17.28 -8.90
N LYS A 155 11.12 16.69 -8.95
CA LYS A 155 10.63 15.93 -7.82
C LYS A 155 11.53 14.72 -7.64
N ASN A 156 11.85 14.04 -8.73
CA ASN A 156 12.75 12.92 -8.64
C ASN A 156 14.14 13.33 -8.09
N TRP A 157 14.62 14.52 -8.45
CA TRP A 157 15.97 14.93 -8.01
C TRP A 157 16.00 15.22 -6.50
N LEU A 158 14.98 15.91 -6.01
CA LEU A 158 14.85 16.19 -4.58
C LEU A 158 14.66 14.92 -3.74
N GLU A 159 13.88 13.95 -4.23
CA GLU A 159 13.51 12.80 -3.40
C GLU A 159 14.49 11.65 -3.51
N GLU A 160 15.11 11.47 -4.67
CA GLU A 160 15.96 10.30 -4.92
C GLU A 160 17.44 10.68 -5.09
N GLU A 161 17.76 11.44 -6.14
CA GLU A 161 19.16 11.82 -6.42
C GLU A 161 19.83 12.58 -5.28
N CYS A 162 19.16 13.62 -4.80
CA CYS A 162 19.73 14.44 -3.76
C CYS A 162 19.99 13.63 -2.48
N ILE A 163 19.05 12.75 -2.14
CA ILE A 163 19.22 11.90 -0.96
C ILE A 163 20.37 10.90 -1.19
N ALA A 164 20.46 10.32 -2.39
CA ALA A 164 21.59 9.41 -2.63
C ALA A 164 22.96 10.15 -2.61
N TRP A 165 23.01 11.38 -3.14
CA TRP A 165 24.23 12.18 -3.04
C TRP A 165 24.58 12.45 -1.58
N LEU A 166 23.55 12.82 -0.79
CA LEU A 166 23.75 13.12 0.60
C LEU A 166 24.32 11.90 1.36
N LYS A 167 23.78 10.69 1.12
CA LYS A 167 24.27 9.48 1.78
C LYS A 167 25.73 9.20 1.38
N ARG A 168 26.03 9.44 0.12
CA ARG A 168 27.37 9.24 -0.42
C ARG A 168 28.34 10.15 0.28
N PHE A 169 28.02 11.45 0.32
CA PHE A 169 28.87 12.47 0.95
C PHE A 169 29.00 12.25 2.45
N LEU A 170 27.92 11.78 3.07
CA LEU A 170 27.89 11.53 4.49
C LEU A 170 28.88 10.43 4.90
N GLU A 171 28.93 9.37 4.10
CA GLU A 171 29.93 8.32 4.24
C GLU A 171 31.36 8.88 4.05
N TYR A 172 31.63 9.56 2.93
CA TYR A 172 32.95 10.22 2.69
C TYR A 172 33.43 11.00 3.90
N GLY A 173 32.56 11.82 4.48
CA GLY A 173 32.96 12.63 5.62
C GLY A 173 32.55 12.16 7.01
N LYS A 174 32.32 10.87 7.19
CA LYS A 174 31.75 10.37 8.45
C LYS A 174 32.61 10.75 9.68
N ASP A 175 33.93 10.58 9.59
CA ASP A 175 34.81 10.97 10.69
C ASP A 175 34.57 12.41 11.17
N THR A 176 34.08 13.27 10.27
CA THR A 176 33.74 14.62 10.64
C THR A 176 32.27 14.79 11.01
N LEU A 177 31.39 14.36 10.10
CA LEU A 177 29.97 14.71 10.16
C LEU A 177 29.21 13.95 11.23
N GLN A 178 29.66 12.73 11.53
CA GLN A 178 28.92 11.85 12.41
C GLN A 178 29.59 11.73 13.77
N ARG A 179 30.63 12.53 14.00
CA ARG A 179 31.29 12.51 15.30
C ARG A 179 30.48 13.28 16.33
N THR A 180 30.83 13.13 17.59
CA THR A 180 30.18 13.90 18.65
C THR A 180 31.20 14.44 19.61
N GLU A 181 31.13 15.74 19.86
CA GLU A 181 31.97 16.37 20.86
C GLU A 181 31.04 17.00 21.87
N PRO A 182 31.03 16.49 23.11
CA PRO A 182 30.01 16.94 24.03
C PRO A 182 30.27 18.36 24.50
N PRO A 183 29.22 19.06 24.94
CA PRO A 183 29.42 20.45 25.38
C PRO A 183 30.16 20.54 26.72
N LEU A 184 30.99 21.58 26.87
CA LEU A 184 31.42 22.00 28.20
C LEU A 184 30.43 23.04 28.67
N VAL A 185 29.84 22.84 29.83
CA VAL A 185 28.78 23.74 30.26
C VAL A 185 29.00 24.27 31.68
N ARG A 186 28.87 25.58 31.85
CA ARG A 186 29.02 26.17 33.18
C ARG A 186 27.88 27.17 33.42
N VAL A 187 27.58 27.41 34.69
CA VAL A 187 26.65 28.46 35.08
C VAL A 187 27.40 29.56 35.83
N ASN A 188 27.19 30.80 35.42
CA ASN A 188 27.76 31.97 36.10
C ASN A 188 26.68 32.81 36.75
N ARG A 189 26.93 33.24 37.98
CA ARG A 189 26.01 34.09 38.73
C ARG A 189 26.63 35.47 38.95
N LYS A 190 25.81 36.52 38.92
CA LYS A 190 26.34 37.86 39.18
C LYS A 190 25.23 38.87 39.49
N GLU A 191 25.41 39.65 40.56
CA GLU A 191 24.50 40.77 40.81
C GLU A 191 24.83 41.91 39.84
N THR A 192 23.85 42.34 39.06
CA THR A 192 24.12 43.33 38.02
C THR A 192 23.68 44.71 38.47
N PHE A 193 22.67 45.28 37.83
CA PHE A 193 21.99 46.45 38.38
C PHE A 193 21.64 46.08 39.82
N PRO A 194 21.77 47.02 40.76
CA PRO A 194 21.52 46.68 42.17
C PRO A 194 20.16 46.01 42.36
N GLY A 195 20.13 44.88 43.07
CA GLY A 195 18.90 44.11 43.26
C GLY A 195 18.71 43.03 42.20
N VAL A 196 19.39 43.19 41.07
CA VAL A 196 19.20 42.32 39.92
C VAL A 196 20.35 41.33 39.77
N THR A 197 20.03 40.04 39.87
CA THR A 197 21.02 38.98 39.70
C THR A 197 20.87 38.27 38.34
N ALA A 198 21.96 38.21 37.58
CA ALA A 198 21.91 37.57 36.27
C ALA A 198 22.55 36.20 36.31
N LEU A 199 21.83 35.23 35.77
CA LEU A 199 22.32 33.86 35.62
C LEU A 199 22.62 33.55 34.15
N PHE A 200 23.84 33.13 33.86
CA PHE A 200 24.19 32.75 32.51
C PHE A 200 24.57 31.27 32.47
N CYS A 201 23.98 30.54 31.53
CA CYS A 201 24.36 29.15 31.30
C CYS A 201 25.11 29.14 29.98
N LYS A 202 26.41 28.81 30.03
CA LYS A 202 27.27 28.94 28.85
C LYS A 202 27.82 27.59 28.40
N ALA A 203 27.65 27.27 27.12
CA ALA A 203 28.20 26.02 26.57
C ALA A 203 29.21 26.33 25.47
N HIS A 204 30.27 25.52 25.41
CA HIS A 204 31.24 25.64 24.33
C HIS A 204 31.93 24.29 24.05
N GLY A 205 32.56 24.19 22.89
CA GLY A 205 33.34 23.03 22.54
C GLY A 205 32.53 21.88 21.98
N PHE A 206 31.31 22.14 21.55
CA PHE A 206 30.46 21.00 21.17
C PHE A 206 30.30 20.86 19.65
N TYR A 207 30.05 19.63 19.24
CA TYR A 207 29.70 19.31 17.85
C TYR A 207 28.84 18.07 17.83
N PRO A 208 27.73 18.07 17.06
CA PRO A 208 27.25 19.09 16.11
C PRO A 208 26.75 20.38 16.78
N PRO A 209 26.55 21.45 15.99
CA PRO A 209 26.10 22.73 16.54
C PRO A 209 24.70 22.66 17.15
N GLU A 210 23.86 21.73 16.73
CA GLU A 210 22.52 21.66 17.27
C GLU A 210 22.61 21.35 18.75
N ILE A 211 22.06 22.25 19.56
CA ILE A 211 22.03 22.06 21.01
C ILE A 211 20.79 22.71 21.55
N TYR A 212 20.25 22.13 22.62
CA TYR A 212 19.11 22.69 23.31
C TYR A 212 19.49 23.19 24.71
N MET A 213 19.13 24.43 25.02
CA MET A 213 19.49 25.02 26.30
C MET A 213 18.28 25.73 26.87
N THR A 214 17.96 25.48 28.14
CA THR A 214 16.88 26.25 28.74
C THR A 214 17.02 26.34 30.25
N TRP A 215 16.21 27.20 30.86
CA TRP A 215 16.29 27.44 32.28
C TRP A 215 15.00 26.97 32.91
N MET A 216 15.10 26.31 34.05
CA MET A 216 13.87 25.89 34.72
C MET A 216 13.85 26.34 36.17
N LYS A 217 12.63 26.49 36.70
CA LYS A 217 12.40 26.88 38.08
C LYS A 217 11.72 25.74 38.83
N ASN A 218 12.28 25.37 39.99
CA ASN A 218 11.75 24.29 40.82
C ASN A 218 11.50 23.00 40.06
N GLY A 219 12.34 22.76 39.06
CA GLY A 219 12.35 21.52 38.30
C GLY A 219 11.18 21.32 37.34
N GLU A 220 10.09 22.06 37.55
CA GLU A 220 8.89 21.88 36.75
C GLU A 220 8.78 22.97 35.68
N GLU A 221 8.28 24.15 36.09
CA GLU A 221 8.00 25.22 35.14
C GLU A 221 9.26 25.71 34.45
N ILE A 222 9.08 26.27 33.26
CA ILE A 222 10.16 26.94 32.56
C ILE A 222 10.10 28.43 32.88
N VAL A 223 11.26 29.04 33.03
CA VAL A 223 11.39 30.45 33.36
C VAL A 223 10.94 31.34 32.21
N GLN A 224 10.20 32.41 32.50
CA GLN A 224 9.84 33.36 31.46
C GLN A 224 10.92 34.42 31.34
N GLU A 225 11.06 34.99 30.14
CA GLU A 225 12.09 35.98 29.84
C GLU A 225 13.48 35.32 29.91
N ILE A 226 13.76 34.44 28.96
CA ILE A 226 15.10 33.88 28.81
C ILE A 226 15.74 34.55 27.58
N ASP A 227 16.98 35.00 27.73
CA ASP A 227 17.69 35.58 26.61
C ASP A 227 18.52 34.47 25.96
N TYR A 228 18.50 34.37 24.64
CA TYR A 228 19.27 33.30 24.00
C TYR A 228 20.46 33.86 23.19
N GLY A 229 21.60 33.19 23.28
CA GLY A 229 22.76 33.57 22.47
C GLY A 229 22.87 32.67 21.25
N ASP A 230 23.28 33.23 20.12
CA ASP A 230 23.41 32.45 18.89
C ASP A 230 24.37 31.29 19.06
N ILE A 231 24.16 30.24 18.26
CA ILE A 231 25.13 29.18 18.17
C ILE A 231 26.26 29.67 17.23
N LEU A 232 27.45 29.86 17.79
CA LEU A 232 28.55 30.52 17.08
C LEU A 232 29.69 29.56 16.81
N PRO A 233 30.26 29.60 15.59
CA PRO A 233 31.42 28.74 15.35
C PRO A 233 32.63 29.29 16.10
N SER A 234 33.34 28.43 16.83
CA SER A 234 34.52 28.82 17.64
C SER A 234 35.80 28.84 16.81
N GLY A 235 35.77 28.20 15.66
CA GLY A 235 36.81 28.33 14.66
C GLY A 235 37.67 27.07 14.60
N ASP A 236 37.47 26.18 15.56
CA ASP A 236 38.24 24.93 15.59
C ASP A 236 37.36 23.72 15.24
N GLY A 237 36.20 23.98 14.65
CA GLY A 237 35.29 22.91 14.27
C GLY A 237 34.16 22.74 15.28
N THR A 238 34.26 23.41 16.43
CA THR A 238 33.20 23.31 17.41
C THR A 238 32.42 24.62 17.61
N TYR A 239 31.41 24.58 18.47
CA TYR A 239 30.47 25.67 18.58
C TYR A 239 30.25 26.07 20.04
N GLN A 240 29.75 27.30 20.22
CA GLN A 240 29.42 27.81 21.54
C GLN A 240 28.09 28.53 21.53
N ALA A 241 27.42 28.55 22.68
CA ALA A 241 26.12 29.18 22.85
C ALA A 241 25.83 29.42 24.33
N TRP A 242 24.76 30.16 24.63
CA TRP A 242 24.40 30.43 26.02
C TRP A 242 22.90 30.75 26.14
N ALA A 243 22.41 30.75 27.38
CA ALA A 243 21.04 31.16 27.69
C ALA A 243 21.07 31.86 29.05
N SER A 244 20.32 32.93 29.23
CA SER A 244 20.39 33.61 30.52
C SER A 244 19.03 34.10 31.03
N ILE A 245 18.95 34.31 32.35
CA ILE A 245 17.76 34.82 33.02
C ILE A 245 18.14 35.76 34.15
N GLU A 246 17.12 36.38 34.75
CA GLU A 246 17.30 37.23 35.93
C GLU A 246 16.33 36.88 37.06
N SER A 252 12.09 33.50 45.95
CA SER A 252 13.43 33.02 46.27
C SER A 252 13.43 31.48 46.28
N ASN A 253 13.40 30.94 45.06
CA ASN A 253 13.32 29.52 44.77
C ASN A 253 14.57 28.99 44.06
N LEU A 254 14.46 27.87 43.34
CA LEU A 254 15.61 27.16 42.81
C LEU A 254 15.70 27.11 41.26
N TYR A 255 16.81 27.57 40.70
CA TYR A 255 16.99 27.57 39.25
C TYR A 255 17.97 26.53 38.76
N SER A 256 17.71 25.99 37.58
CA SER A 256 18.64 25.06 36.97
C SER A 256 18.66 25.20 35.46
N CYS A 257 19.84 25.04 34.88
CA CYS A 257 20.01 25.08 33.43
C CYS A 257 19.94 23.65 32.89
N HIS A 258 19.19 23.45 31.81
CA HIS A 258 19.04 22.13 31.21
C HIS A 258 19.63 22.19 29.82
N VAL A 259 20.47 21.21 29.50
CA VAL A 259 21.12 21.17 28.22
C VAL A 259 20.94 19.82 27.59
N GLU A 260 20.48 19.77 26.34
CA GLU A 260 20.48 18.52 25.63
C GLU A 260 21.38 18.60 24.42
N HIS A 261 22.21 17.58 24.24
CA HIS A 261 23.11 17.53 23.10
C HIS A 261 23.33 16.09 22.66
N SER A 262 22.97 15.80 21.42
CA SER A 262 23.16 14.45 20.86
C SER A 262 22.73 13.31 21.78
N GLY A 263 21.52 13.38 22.30
CA GLY A 263 20.97 12.30 23.09
C GLY A 263 21.52 12.24 24.50
N VAL A 264 22.20 13.30 24.94
CA VAL A 264 22.65 13.30 26.33
C VAL A 264 22.09 14.52 27.02
N HIS A 265 21.51 14.30 28.20
CA HIS A 265 20.87 15.38 28.91
C HIS A 265 21.71 15.75 30.13
N MET A 266 21.75 17.04 30.43
CA MET A 266 22.60 17.58 31.46
C MET A 266 21.85 18.65 32.26
N VAL A 267 22.01 18.64 33.58
CA VAL A 267 21.37 19.61 34.46
C VAL A 267 22.41 20.26 35.35
N LEU A 268 22.38 21.58 35.42
CA LEU A 268 23.27 22.36 36.25
C LEU A 268 22.42 23.21 37.16
N GLN A 269 22.36 22.80 38.43
CA GLN A 269 21.57 23.42 39.47
C GLN A 269 22.30 24.59 40.11
N VAL A 270 21.55 25.63 40.49
CA VAL A 270 22.12 26.81 41.14
C VAL A 270 21.73 26.85 42.63
N GLY B 1 26.90 6.40 -15.56
CA GLY B 1 26.45 5.03 -15.42
C GLY B 1 27.32 4.11 -16.26
N GLN B 2 26.84 2.89 -16.52
CA GLN B 2 27.65 1.90 -17.23
C GLN B 2 26.95 1.26 -18.41
N ASN B 3 25.72 0.77 -18.26
CA ASN B 3 25.12 0.17 -19.45
C ASN B 3 23.59 0.12 -19.56
N ILE B 4 23.18 0.06 -20.82
CA ILE B 4 21.80 0.13 -21.22
C ILE B 4 21.60 -1.00 -22.22
N ASP B 5 20.63 -1.85 -21.98
CA ASP B 5 20.37 -2.97 -22.87
C ASP B 5 18.96 -2.94 -23.44
N GLN B 6 18.89 -3.10 -24.75
CA GLN B 6 17.65 -3.24 -25.48
C GLN B 6 17.93 -4.27 -26.57
N PRO B 7 16.92 -5.05 -26.95
CA PRO B 7 17.17 -6.06 -27.99
C PRO B 7 17.64 -5.45 -29.30
N THR B 8 18.44 -6.20 -30.05
CA THR B 8 19.01 -5.72 -31.29
C THR B 8 17.93 -5.49 -32.33
N GLU B 9 16.93 -6.37 -32.32
CA GLU B 9 15.96 -6.39 -33.38
C GLU B 9 14.66 -7.06 -32.88
N MET B 10 13.52 -6.52 -33.30
CA MET B 10 12.26 -7.13 -33.03
C MET B 10 11.45 -7.12 -34.30
N THR B 11 10.61 -8.15 -34.46
CA THR B 11 9.73 -8.32 -35.60
C THR B 11 8.32 -8.62 -35.08
N ALA B 12 7.32 -7.87 -35.54
CA ALA B 12 5.93 -8.13 -35.20
C ALA B 12 5.08 -8.00 -36.45
N THR B 13 3.78 -8.27 -36.31
CA THR B 13 2.89 -8.25 -37.45
C THR B 13 2.12 -6.93 -37.49
N GLU B 14 1.97 -6.41 -38.71
CA GLU B 14 1.16 -5.24 -38.98
C GLU B 14 -0.20 -5.34 -38.30
N GLY B 15 -0.62 -4.26 -37.63
CA GLY B 15 -1.89 -4.20 -36.97
C GLY B 15 -1.88 -4.71 -35.53
N ALA B 16 -0.80 -5.36 -35.15
CA ALA B 16 -0.69 -5.92 -33.82
C ALA B 16 0.07 -4.99 -32.88
N ILE B 17 0.57 -5.59 -31.81
CA ILE B 17 1.24 -4.85 -30.74
C ILE B 17 2.70 -5.29 -30.63
N VAL B 18 3.59 -4.36 -30.32
CA VAL B 18 4.94 -4.75 -29.92
C VAL B 18 5.41 -3.92 -28.74
N GLN B 19 6.11 -4.57 -27.83
CA GLN B 19 6.72 -3.88 -26.69
C GLN B 19 8.26 -3.98 -26.76
N ILE B 20 8.94 -2.83 -26.77
CA ILE B 20 10.40 -2.81 -26.82
C ILE B 20 10.97 -2.53 -25.43
N ASN B 21 11.72 -3.46 -24.87
CA ASN B 21 12.21 -3.28 -23.52
C ASN B 21 13.54 -2.53 -23.46
N CYS B 22 13.75 -1.74 -22.42
CA CYS B 22 15.06 -1.17 -22.19
C CYS B 22 15.42 -1.29 -20.71
N THR B 23 16.43 -2.07 -20.36
CA THR B 23 16.89 -2.06 -18.99
C THR B 23 18.16 -1.21 -18.86
N TYR B 24 18.40 -0.68 -17.67
CA TYR B 24 19.58 0.16 -17.46
C TYR B 24 20.19 -0.09 -16.10
N GLN B 25 21.51 0.03 -16.05
CA GLN B 25 22.26 -0.07 -14.83
C GLN B 25 23.19 1.15 -14.82
N THR B 26 22.77 2.22 -14.16
CA THR B 26 23.49 3.49 -14.22
C THR B 26 23.85 4.00 -12.85
N SER B 27 24.85 4.88 -12.79
CA SER B 27 25.22 5.56 -11.56
C SER B 27 24.30 6.78 -11.37
N GLY B 28 23.14 6.54 -10.75
CA GLY B 28 22.13 7.58 -10.61
C GLY B 28 21.22 7.63 -11.84
N PHE B 29 20.11 8.36 -11.71
CA PHE B 29 19.09 8.34 -12.73
C PHE B 29 18.32 9.68 -12.75
N ASN B 30 18.31 10.33 -13.89
CA ASN B 30 17.61 11.61 -14.06
C ASN B 30 16.65 11.55 -15.23
N GLY B 31 16.29 10.35 -15.65
CA GLY B 31 15.26 10.16 -16.66
C GLY B 31 15.70 9.26 -17.79
N LEU B 32 14.71 8.64 -18.43
CA LEU B 32 14.90 7.75 -19.56
C LEU B 32 14.18 8.28 -20.80
N PHE B 33 14.92 8.36 -21.91
CA PHE B 33 14.36 8.80 -23.19
C PHE B 33 14.21 7.69 -24.24
N TRP B 34 13.14 7.78 -25.03
CA TRP B 34 13.07 7.03 -26.28
C TRP B 34 13.16 7.97 -27.48
N TYR B 35 13.89 7.55 -28.51
CA TYR B 35 14.03 8.25 -29.78
C TYR B 35 13.63 7.33 -30.94
N GLN B 36 13.02 7.89 -31.98
CA GLN B 36 12.74 7.09 -33.17
C GLN B 36 13.73 7.50 -34.25
N GLN B 37 14.34 6.53 -34.92
CA GLN B 37 15.22 6.81 -36.05
C GLN B 37 14.91 5.92 -37.24
N HIS B 38 14.24 6.50 -38.23
CA HIS B 38 14.06 5.89 -39.53
C HIS B 38 15.41 5.73 -40.25
N ALA B 39 15.52 4.67 -41.04
CA ALA B 39 16.76 4.37 -41.77
C ALA B 39 17.24 5.55 -42.60
N GLY B 40 18.49 5.96 -42.38
CA GLY B 40 19.06 7.05 -43.14
C GLY B 40 18.56 8.41 -42.66
N GLU B 41 17.77 8.44 -41.58
CA GLU B 41 17.24 9.71 -41.06
C GLU B 41 17.89 10.07 -39.72
N ALA B 42 17.60 11.27 -39.21
CA ALA B 42 18.04 11.65 -37.87
C ALA B 42 17.09 11.08 -36.82
N PRO B 43 17.60 10.84 -35.59
CA PRO B 43 16.73 10.43 -34.49
C PRO B 43 15.81 11.58 -34.09
N THR B 44 14.58 11.27 -33.70
CA THR B 44 13.65 12.28 -33.22
C THR B 44 13.11 11.83 -31.87
N PHE B 45 12.90 12.79 -30.97
CA PHE B 45 12.48 12.49 -29.61
C PHE B 45 11.08 11.89 -29.62
N LEU B 46 10.88 10.81 -28.87
CA LEU B 46 9.56 10.20 -28.73
C LEU B 46 8.99 10.39 -27.34
N SER B 47 9.79 10.16 -26.29
CA SER B 47 9.22 10.17 -24.93
C SER B 47 10.27 10.34 -23.84
N TYR B 48 9.83 10.81 -22.68
CA TYR B 48 10.65 10.91 -21.46
C TYR B 48 9.86 10.41 -20.25
N ASN B 49 10.45 9.52 -19.47
CA ASN B 49 9.88 9.11 -18.17
C ASN B 49 10.92 9.31 -17.10
N VAL B 50 10.54 9.77 -15.92
CA VAL B 50 11.47 9.83 -14.81
C VAL B 50 10.85 9.32 -13.50
N LEU B 51 9.52 9.45 -13.33
CA LEU B 51 8.83 8.74 -12.23
C LEU B 51 8.12 7.48 -12.72
N ASP B 52 7.64 6.65 -11.80
CA ASP B 52 6.92 5.42 -12.14
C ASP B 52 5.59 5.64 -12.84
N GLY B 53 5.35 4.88 -13.90
CA GLY B 53 4.09 4.94 -14.60
C GLY B 53 4.17 4.90 -16.11
N LEU B 54 3.02 5.09 -16.73
CA LEU B 54 2.85 4.87 -18.15
C LEU B 54 2.26 6.12 -18.76
N GLU B 55 2.93 6.59 -19.81
CA GLU B 55 2.56 7.82 -20.45
C GLU B 55 2.24 7.55 -21.91
N GLU B 56 1.05 7.96 -22.32
CA GLU B 56 0.58 7.63 -23.65
C GLU B 56 0.67 8.84 -24.57
N LYS B 57 1.15 8.61 -25.79
CA LYS B 57 1.24 9.66 -26.80
C LYS B 57 0.77 9.10 -28.16
N GLY B 58 -0.54 9.13 -28.38
CA GLY B 58 -1.13 8.53 -29.57
C GLY B 58 -1.00 7.01 -29.52
N ARG B 59 -0.54 6.42 -30.61
CA ARG B 59 -0.32 4.98 -30.63
C ARG B 59 0.89 4.53 -29.83
N PHE B 60 1.68 5.48 -29.29
CA PHE B 60 2.86 5.07 -28.53
C PHE B 60 2.67 5.36 -27.04
N SER B 61 3.16 4.45 -26.20
CA SER B 61 3.18 4.67 -24.77
C SER B 61 4.54 4.31 -24.27
N SER B 62 4.98 4.95 -23.20
CA SER B 62 6.23 4.57 -22.60
C SER B 62 6.09 4.45 -21.08
N PHE B 63 6.68 3.38 -20.57
CA PHE B 63 6.52 2.96 -19.19
C PHE B 63 7.85 2.99 -18.50
N LEU B 64 7.84 3.33 -17.22
CA LEU B 64 9.07 3.24 -16.44
C LEU B 64 8.78 2.61 -15.09
N SER B 65 9.64 1.65 -14.73
CA SER B 65 9.71 1.14 -13.37
C SER B 65 11.08 1.45 -12.78
N ARG B 66 11.12 2.39 -11.85
CA ARG B 66 12.39 2.77 -11.26
CA ARG B 66 12.36 2.78 -11.23
C ARG B 66 13.00 1.65 -10.43
N SER B 67 12.19 0.88 -9.72
CA SER B 67 12.75 -0.12 -8.84
C SER B 67 13.28 -1.37 -9.59
N LYS B 68 12.71 -1.67 -10.76
CA LYS B 68 13.18 -2.81 -11.54
C LYS B 68 14.15 -2.33 -12.63
N GLY B 69 14.33 -1.02 -12.69
CA GLY B 69 15.24 -0.38 -13.62
C GLY B 69 14.96 -0.72 -15.06
N TYR B 70 13.72 -0.55 -15.48
CA TYR B 70 13.46 -0.75 -16.89
C TYR B 70 12.31 0.08 -17.44
N SER B 71 12.31 0.18 -18.76
CA SER B 71 11.31 0.93 -19.45
C SER B 71 10.81 0.08 -20.61
N TYR B 72 9.61 0.33 -21.09
CA TYR B 72 9.34 -0.20 -22.41
C TYR B 72 8.67 0.89 -23.22
N LEU B 73 8.83 0.76 -24.52
CA LEU B 73 8.11 1.56 -25.47
C LEU B 73 7.08 0.63 -26.10
N LEU B 74 5.81 1.00 -25.98
CA LEU B 74 4.69 0.20 -26.45
C LEU B 74 4.10 0.81 -27.72
N LEU B 75 4.04 0.06 -28.81
CA LEU B 75 3.43 0.54 -30.06
C LEU B 75 2.16 -0.25 -30.39
N LYS B 76 1.02 0.43 -30.46
CA LYS B 76 -0.26 -0.24 -30.76
C LYS B 76 -0.64 -0.09 -32.23
N GLU B 77 -1.46 -1.02 -32.71
CA GLU B 77 -1.93 -1.02 -34.10
C GLU B 77 -0.80 -0.76 -35.10
N LEU B 78 0.23 -1.60 -35.06
CA LEU B 78 1.45 -1.38 -35.85
C LEU B 78 1.17 -1.10 -37.31
N GLN B 79 1.93 -0.16 -37.87
CA GLN B 79 1.86 0.14 -39.29
C GLN B 79 3.24 -0.11 -39.91
N MET B 80 3.28 -0.32 -41.22
CA MET B 80 4.57 -0.46 -41.91
C MET B 80 5.47 0.73 -41.55
N LYS B 81 4.91 1.94 -41.54
CA LYS B 81 5.70 3.15 -41.33
C LYS B 81 6.39 3.16 -39.96
N ASP B 82 6.00 2.25 -39.09
CA ASP B 82 6.63 2.12 -37.76
C ASP B 82 7.97 1.40 -37.85
N SER B 83 8.29 0.89 -39.03
CA SER B 83 9.59 0.27 -39.25
C SER B 83 10.66 1.33 -39.13
N ALA B 84 11.55 1.11 -38.17
CA ALA B 84 12.53 2.10 -37.74
C ALA B 84 13.36 1.47 -36.61
N SER B 85 14.46 2.12 -36.25
CA SER B 85 15.18 1.79 -35.02
C SER B 85 14.72 2.69 -33.91
N TYR B 86 14.63 2.12 -32.70
CA TYR B 86 14.15 2.84 -31.53
C TYR B 86 15.27 2.84 -30.53
N LEU B 87 15.66 4.03 -30.08
CA LEU B 87 16.86 4.19 -29.28
C LEU B 87 16.46 4.52 -27.88
N CYS B 88 17.03 3.76 -26.96
CA CYS B 88 16.84 4.00 -25.54
C CYS B 88 18.07 4.73 -24.98
N ALA B 89 17.87 5.71 -24.11
CA ALA B 89 18.97 6.43 -23.48
C ALA B 89 18.60 6.94 -22.10
N VAL B 90 19.53 6.80 -21.17
CA VAL B 90 19.29 7.27 -19.80
C VAL B 90 20.21 8.41 -19.45
N LYS B 91 19.70 9.44 -18.79
CA LYS B 91 20.54 10.45 -18.16
C LYS B 91 21.02 10.00 -16.78
N ASP B 92 22.34 9.94 -16.59
CA ASP B 92 22.85 9.48 -15.32
C ASP B 92 22.88 10.62 -14.32
N SER B 93 23.51 10.41 -13.16
CA SER B 93 23.43 11.41 -12.09
C SER B 93 24.18 12.68 -12.43
N ASN B 94 25.10 12.61 -13.38
CA ASN B 94 25.80 13.78 -13.89
C ASN B 94 25.25 14.33 -15.21
N TYR B 95 24.03 13.88 -15.55
CA TYR B 95 23.28 14.32 -16.72
C TYR B 95 23.94 13.90 -18.03
N GLN B 96 24.83 12.92 -17.96
CA GLN B 96 25.43 12.35 -19.16
C GLN B 96 24.48 11.33 -19.77
N LEU B 97 24.29 11.42 -21.08
CA LEU B 97 23.39 10.52 -21.78
C LEU B 97 24.07 9.20 -22.07
N ILE B 98 23.48 8.10 -21.62
CA ILE B 98 24.02 6.78 -21.96
C ILE B 98 23.09 6.06 -22.92
N TRP B 99 23.60 5.71 -24.08
CA TRP B 99 22.78 5.22 -25.19
C TRP B 99 22.73 3.69 -25.35
N GLY B 100 21.53 3.14 -25.50
CA GLY B 100 21.41 1.77 -25.93
C GLY B 100 21.85 1.68 -27.38
N ALA B 101 22.25 0.50 -27.82
CA ALA B 101 22.66 0.28 -29.22
C ALA B 101 21.46 0.32 -30.17
N GLY B 102 20.25 0.45 -29.62
CA GLY B 102 19.08 0.59 -30.45
C GLY B 102 18.44 -0.73 -30.84
N THR B 103 17.12 -0.69 -31.05
CA THR B 103 16.33 -1.82 -31.48
C THR B 103 15.73 -1.54 -32.85
N LYS B 104 16.06 -2.37 -33.83
CA LYS B 104 15.47 -2.27 -35.15
C LYS B 104 14.11 -2.99 -35.19
N LEU B 105 13.04 -2.23 -35.40
CA LEU B 105 11.71 -2.84 -35.48
C LEU B 105 11.34 -3.14 -36.93
N ILE B 106 11.05 -4.42 -37.17
CA ILE B 106 10.60 -4.92 -38.46
C ILE B 106 9.11 -5.29 -38.40
N ILE B 107 8.33 -4.74 -39.33
CA ILE B 107 6.91 -5.01 -39.40
C ILE B 107 6.61 -5.95 -40.56
N LYS B 108 5.88 -7.03 -40.26
CA LYS B 108 5.50 -8.01 -41.27
C LYS B 108 4.13 -7.64 -41.80
N PRO B 109 4.05 -7.28 -43.09
CA PRO B 109 2.75 -6.98 -43.67
C PRO B 109 1.84 -8.18 -43.61
N ASP B 110 0.55 -7.94 -43.41
CA ASP B 110 -0.45 -9.00 -43.46
C ASP B 110 -0.84 -9.27 -44.91
N ILE B 111 -0.33 -10.35 -45.49
CA ILE B 111 -0.55 -10.62 -46.92
C ILE B 111 -1.84 -11.41 -47.15
N GLN B 112 -2.83 -10.73 -47.73
CA GLN B 112 -4.17 -11.29 -47.88
C GLN B 112 -4.25 -12.54 -48.75
N ASN B 113 -3.61 -12.48 -49.93
CA ASN B 113 -3.66 -13.57 -50.89
C ASN B 113 -2.28 -13.88 -51.43
N PRO B 114 -1.52 -14.71 -50.71
CA PRO B 114 -0.17 -15.03 -51.18
C PRO B 114 -0.19 -15.73 -52.53
N ASP B 115 0.59 -15.25 -53.48
CA ASP B 115 0.69 -15.87 -54.80
C ASP B 115 2.17 -16.06 -55.16
N PRO B 116 2.89 -16.80 -54.31
CA PRO B 116 4.36 -16.90 -54.43
C PRO B 116 4.80 -17.33 -55.84
N ALA B 117 5.84 -16.69 -56.36
CA ALA B 117 6.31 -16.96 -57.72
C ALA B 117 7.68 -16.31 -57.95
N VAL B 118 8.39 -16.79 -58.98
CA VAL B 118 9.69 -16.26 -59.36
C VAL B 118 9.70 -15.89 -60.84
N TYR B 119 9.78 -14.60 -61.13
CA TYR B 119 9.73 -14.13 -62.51
C TYR B 119 11.10 -13.75 -63.03
N GLN B 120 11.29 -13.82 -64.35
CA GLN B 120 12.52 -13.33 -64.95
C GLN B 120 12.27 -11.99 -65.63
N LEU B 121 13.06 -11.00 -65.25
CA LEU B 121 12.99 -9.68 -65.87
C LEU B 121 14.13 -9.52 -66.87
N ARG B 122 13.86 -8.86 -68.00
CA ARG B 122 14.90 -8.66 -69.01
C ARG B 122 15.36 -7.22 -69.00
N ASP B 123 16.64 -6.99 -69.26
CA ASP B 123 17.20 -5.64 -69.31
C ASP B 123 16.55 -4.82 -70.42
N SER B 124 16.43 -3.52 -70.19
CA SER B 124 15.84 -2.60 -71.16
C SER B 124 16.86 -2.14 -72.23
N LYS B 125 18.04 -2.76 -72.22
CA LYS B 125 19.11 -2.41 -73.15
C LYS B 125 19.71 -3.67 -73.79
N SER B 130 20.93 -11.26 -66.36
CA SER B 130 19.77 -10.45 -66.00
C SER B 130 19.24 -10.80 -64.61
N VAL B 131 17.96 -10.51 -64.36
CA VAL B 131 17.42 -10.46 -63.00
C VAL B 131 16.22 -11.41 -62.71
N CYS B 132 16.20 -11.96 -61.49
CA CYS B 132 15.14 -12.84 -60.99
C CYS B 132 14.34 -12.21 -59.83
N LEU B 133 13.02 -12.27 -59.91
CA LEU B 133 12.18 -11.66 -58.89
C LEU B 133 11.32 -12.69 -58.15
N PHE B 134 11.68 -12.98 -56.90
CA PHE B 134 10.83 -13.77 -56.01
C PHE B 134 9.84 -12.80 -55.37
N THR B 135 8.55 -13.01 -55.58
CA THR B 135 7.56 -12.01 -55.17
C THR B 135 6.24 -12.64 -54.72
N ASP B 136 5.43 -11.85 -54.01
CA ASP B 136 4.06 -12.20 -53.65
C ASP B 136 3.93 -13.36 -52.66
N PHE B 137 5.02 -13.74 -51.99
CA PHE B 137 4.96 -14.75 -50.95
C PHE B 137 4.46 -14.18 -49.62
N ASP B 138 3.97 -15.07 -48.76
CA ASP B 138 3.51 -14.76 -47.42
C ASP B 138 4.64 -14.26 -46.52
N SER B 139 4.31 -13.45 -45.53
CA SER B 139 5.31 -12.74 -44.74
C SER B 139 6.13 -13.61 -43.78
N GLN B 140 5.79 -14.88 -43.64
CA GLN B 140 6.59 -15.73 -42.78
C GLN B 140 7.64 -16.49 -43.58
N THR B 141 7.72 -16.20 -44.87
CA THR B 141 8.80 -16.72 -45.69
C THR B 141 10.06 -15.88 -45.51
N ASN B 142 11.21 -16.55 -45.40
CA ASN B 142 12.47 -15.84 -45.24
C ASN B 142 13.39 -16.06 -46.42
N VAL B 143 14.06 -14.99 -46.86
CA VAL B 143 15.00 -15.06 -47.97
C VAL B 143 16.43 -15.18 -47.46
N SER B 144 17.07 -16.29 -47.76
CA SER B 144 18.46 -16.51 -47.38
C SER B 144 19.43 -15.88 -48.38
N GLN B 145 20.63 -15.60 -47.91
CA GLN B 145 21.70 -15.09 -48.77
C GLN B 145 22.12 -16.19 -49.75
N SER B 146 22.94 -15.83 -50.73
CA SER B 146 23.46 -16.76 -51.72
C SER B 146 24.78 -17.43 -51.29
N LYS B 147 25.03 -18.61 -51.86
CA LYS B 147 26.28 -19.31 -51.64
C LYS B 147 27.34 -18.81 -52.63
N ASP B 148 27.13 -19.11 -53.91
CA ASP B 148 27.98 -18.58 -54.98
C ASP B 148 28.01 -17.07 -54.87
N SER B 149 29.21 -16.50 -54.72
CA SER B 149 29.31 -15.09 -54.34
C SER B 149 29.52 -14.15 -55.52
N ASP B 150 29.28 -14.66 -56.73
CA ASP B 150 29.03 -13.84 -57.90
CA ASP B 150 29.01 -13.75 -57.85
C ASP B 150 27.54 -13.89 -58.18
N VAL B 151 26.78 -14.29 -57.16
CA VAL B 151 25.33 -14.31 -57.17
C VAL B 151 24.84 -13.43 -56.03
N TYR B 152 24.03 -12.44 -56.35
CA TYR B 152 23.63 -11.45 -55.36
C TYR B 152 22.14 -11.57 -55.08
N ILE B 153 21.80 -11.67 -53.79
CA ILE B 153 20.41 -11.75 -53.39
C ILE B 153 20.13 -10.69 -52.31
N THR B 154 19.04 -9.95 -52.49
CA THR B 154 18.72 -8.84 -51.59
C THR B 154 17.79 -9.25 -50.46
N ASP B 155 17.66 -8.38 -49.46
CA ASP B 155 16.65 -8.55 -48.40
C ASP B 155 15.28 -8.63 -49.04
N LYS B 156 14.31 -9.19 -48.33
CA LYS B 156 12.96 -9.07 -48.83
C LYS B 156 12.51 -7.64 -48.55
N CYS B 157 11.64 -7.15 -49.41
CA CYS B 157 11.27 -5.76 -49.44
C CYS B 157 9.77 -5.68 -49.64
N VAL B 158 9.08 -4.80 -48.89
CA VAL B 158 7.63 -4.64 -49.01
C VAL B 158 7.25 -3.36 -49.76
N LEU B 159 6.55 -3.50 -50.88
CA LEU B 159 6.04 -2.32 -51.55
C LEU B 159 4.55 -2.20 -51.25
N ASP B 160 4.03 -0.98 -51.36
CA ASP B 160 2.63 -0.72 -51.08
C ASP B 160 2.00 0.12 -52.21
N MET B 161 1.26 -0.55 -53.09
CA MET B 161 0.47 0.12 -54.11
C MET B 161 -0.76 0.75 -53.45
N ARG B 162 -0.65 2.03 -53.11
CA ARG B 162 -1.57 2.64 -52.18
C ARG B 162 -3.02 2.70 -52.68
N SER B 163 -3.20 3.10 -53.93
CA SER B 163 -4.53 3.30 -54.50
C SER B 163 -5.28 2.00 -54.70
N MET B 164 -4.61 0.87 -54.48
CA MET B 164 -5.24 -0.44 -54.63
C MET B 164 -5.33 -1.22 -53.33
N ASP B 165 -4.84 -0.62 -52.24
CA ASP B 165 -4.81 -1.27 -50.93
C ASP B 165 -4.18 -2.65 -51.03
N PHE B 166 -2.99 -2.70 -51.67
CA PHE B 166 -2.29 -3.95 -51.92
C PHE B 166 -0.79 -3.82 -51.58
N LYS B 167 -0.35 -4.60 -50.60
CA LYS B 167 1.07 -4.72 -50.29
C LYS B 167 1.60 -6.08 -50.76
N SER B 168 2.89 -6.14 -51.08
CA SER B 168 3.50 -7.39 -51.52
C SER B 168 4.98 -7.46 -51.17
N ASN B 169 5.38 -8.65 -50.74
CA ASN B 169 6.77 -8.98 -50.47
C ASN B 169 7.51 -9.25 -51.77
N SER B 170 8.81 -8.98 -51.77
CA SER B 170 9.66 -9.41 -52.88
C SER B 170 11.14 -9.35 -52.54
N ALA B 171 11.92 -10.12 -53.30
CA ALA B 171 13.36 -10.13 -53.18
C ALA B 171 13.96 -10.36 -54.57
N VAL B 172 15.09 -9.72 -54.83
CA VAL B 172 15.74 -9.79 -56.13
C VAL B 172 17.03 -10.62 -56.05
N ALA B 173 17.29 -11.41 -57.09
CA ALA B 173 18.56 -12.12 -57.24
C ALA B 173 19.12 -11.93 -58.63
N TRP B 174 20.44 -11.78 -58.77
CA TRP B 174 21.03 -11.65 -60.10
C TRP B 174 22.47 -12.15 -60.19
N SER B 175 22.96 -12.34 -61.43
CA SER B 175 24.30 -12.85 -61.64
C SER B 175 24.76 -12.66 -63.09
N ASN B 176 26.09 -12.68 -63.27
CA ASN B 176 26.74 -12.67 -64.59
C ASN B 176 27.06 -14.07 -65.10
N LYS B 177 27.14 -15.03 -64.17
CA LYS B 177 27.62 -16.38 -64.48
C LYS B 177 26.72 -17.15 -65.47
N SER B 178 27.32 -18.11 -66.17
CA SER B 178 26.59 -18.95 -67.12
C SER B 178 25.51 -19.79 -66.45
N ASP B 179 25.86 -20.43 -65.34
CA ASP B 179 25.01 -21.40 -64.67
C ASP B 179 23.73 -20.82 -64.05
N PHE B 180 23.74 -19.53 -63.74
CA PHE B 180 22.65 -18.92 -62.99
C PHE B 180 21.33 -18.83 -63.77
N ALA B 181 20.32 -19.54 -63.28
CA ALA B 181 18.96 -19.42 -63.81
C ALA B 181 17.98 -19.20 -62.65
N CYS B 182 16.82 -18.65 -62.97
CA CYS B 182 15.84 -18.29 -61.95
C CYS B 182 15.26 -19.50 -61.24
N ALA B 183 15.28 -20.65 -61.89
CA ALA B 183 14.77 -21.88 -61.29
C ALA B 183 15.57 -22.27 -60.05
N ASN B 184 16.82 -21.82 -59.98
CA ASN B 184 17.72 -22.18 -58.88
C ASN B 184 18.09 -20.99 -57.99
N ALA B 185 17.72 -19.80 -58.44
CA ALA B 185 18.14 -18.54 -57.82
C ALA B 185 17.92 -18.47 -56.32
N PHE B 186 16.81 -19.03 -55.84
CA PHE B 186 16.50 -18.97 -54.42
C PHE B 186 16.56 -20.33 -53.76
N ASN B 187 17.48 -21.17 -54.22
CA ASN B 187 17.59 -22.54 -53.71
C ASN B 187 18.17 -22.66 -52.31
N ASN B 188 18.79 -21.60 -51.79
CA ASN B 188 19.24 -21.59 -50.41
C ASN B 188 18.09 -21.33 -49.44
N SER B 189 17.00 -20.82 -49.98
CA SER B 189 15.89 -20.39 -49.15
C SER B 189 14.76 -21.44 -49.09
N ILE B 190 14.02 -21.43 -47.98
CA ILE B 190 12.88 -22.30 -47.86
C ILE B 190 11.65 -21.58 -48.42
N ILE B 191 11.41 -21.78 -49.70
CA ILE B 191 10.31 -21.11 -50.38
C ILE B 191 9.09 -22.03 -50.46
N PRO B 192 7.88 -21.46 -50.52
CA PRO B 192 6.62 -22.22 -50.55
C PRO B 192 6.60 -23.33 -51.62
N GLU B 193 5.98 -24.46 -51.29
CA GLU B 193 5.91 -25.61 -52.18
C GLU B 193 5.12 -25.32 -53.46
N ASP B 194 4.17 -24.38 -53.37
CA ASP B 194 3.36 -24.02 -54.53
C ASP B 194 3.90 -22.77 -55.24
N THR B 195 5.17 -22.46 -55.05
CA THR B 195 5.79 -21.31 -55.71
C THR B 195 5.71 -21.48 -57.23
N PHE B 196 5.09 -20.52 -57.90
CA PHE B 196 4.90 -20.56 -59.34
C PHE B 196 6.17 -20.21 -60.11
N PHE B 197 6.63 -21.16 -60.93
CA PHE B 197 7.78 -20.95 -61.79
C PHE B 197 7.35 -20.98 -63.25
N PRO B 198 7.18 -19.81 -63.86
CA PRO B 198 6.89 -19.77 -65.29
C PRO B 198 8.11 -20.23 -66.09
N SER B 199 7.91 -20.84 -67.26
CA SER B 199 9.03 -21.36 -68.03
C SER B 199 9.85 -20.24 -68.67
N MET C 1 -51.72 -29.61 29.67
CA MET C 1 -51.22 -30.90 29.22
C MET C 1 -50.40 -31.60 30.30
N ARG C 2 -49.91 -32.80 30.00
CA ARG C 2 -49.08 -33.54 30.93
C ARG C 2 -47.69 -32.91 31.01
N THR C 3 -46.86 -33.48 31.89
CA THR C 3 -45.46 -33.09 32.04
C THR C 3 -44.66 -33.39 30.77
N HIS C 4 -43.88 -32.43 30.30
CA HIS C 4 -42.97 -32.71 29.19
C HIS C 4 -41.57 -32.22 29.52
N SER C 5 -40.58 -32.80 28.86
CA SER C 5 -39.19 -32.46 29.13
C SER C 5 -38.40 -32.32 27.84
N LEU C 6 -37.38 -31.48 27.86
CA LEU C 6 -36.38 -31.48 26.79
C LEU C 6 -34.97 -31.70 27.35
N ARG C 7 -34.17 -32.55 26.71
CA ARG C 7 -32.81 -32.77 27.19
C ARG C 7 -31.85 -33.04 26.03
N TYR C 8 -30.62 -32.52 26.16
CA TYR C 8 -29.56 -32.80 25.22
C TYR C 8 -28.44 -33.55 25.93
N PHE C 9 -28.03 -34.70 25.37
CA PHE C 9 -26.97 -35.51 25.94
C PHE C 9 -25.72 -35.38 25.09
N ARG C 10 -24.56 -35.50 25.73
CA ARG C 10 -23.31 -35.72 25.03
C ARG C 10 -22.59 -36.92 25.63
N LEU C 11 -22.00 -37.72 24.74
CA LEU C 11 -21.03 -38.75 25.07
C LEU C 11 -19.70 -38.48 24.34
N GLY C 12 -18.61 -38.41 25.09
CA GLY C 12 -17.28 -38.48 24.51
C GLY C 12 -16.52 -39.69 25.03
N VAL C 13 -15.65 -40.24 24.20
CA VAL C 13 -14.89 -41.44 24.53
C VAL C 13 -13.42 -41.20 24.17
N SER C 14 -12.51 -41.43 25.12
CA SER C 14 -11.14 -40.95 24.95
C SER C 14 -10.30 -41.81 24.02
N ASP C 15 -10.63 -43.07 23.86
CA ASP C 15 -9.78 -43.92 23.01
C ASP C 15 -10.61 -44.97 22.28
N PRO C 16 -11.54 -44.53 21.42
CA PRO C 16 -12.58 -45.44 20.89
C PRO C 16 -12.06 -46.53 19.95
N ILE C 17 -12.73 -47.69 19.94
CA ILE C 17 -12.38 -48.76 19.01
C ILE C 17 -12.85 -48.43 17.59
N VAL C 20 -16.04 -46.50 15.46
CA VAL C 20 -16.87 -46.06 16.58
C VAL C 20 -16.60 -44.59 16.92
N PRO C 21 -17.67 -43.77 17.04
CA PRO C 21 -17.51 -42.31 17.18
C PRO C 21 -16.86 -41.88 18.49
N GLU C 22 -15.99 -40.88 18.39
CA GLU C 22 -15.34 -40.26 19.53
C GLU C 22 -16.30 -39.37 20.34
N PHE C 23 -17.34 -38.89 19.66
CA PHE C 23 -18.28 -37.95 20.25
C PHE C 23 -19.65 -38.22 19.67
N ILE C 24 -20.66 -38.14 20.52
CA ILE C 24 -22.05 -38.35 20.11
C ILE C 24 -22.96 -37.45 20.90
N SER C 25 -23.86 -36.75 20.22
CA SER C 25 -24.77 -35.89 20.94
C SER C 25 -26.21 -36.06 20.43
N VAL C 26 -27.13 -36.33 21.34
CA VAL C 26 -28.51 -36.67 20.98
C VAL C 26 -29.47 -35.89 21.86
N GLY C 27 -30.46 -35.27 21.22
CA GLY C 27 -31.52 -34.59 21.95
C GLY C 27 -32.76 -35.46 22.06
N TYR C 28 -33.53 -35.26 23.13
CA TYR C 28 -34.83 -35.91 23.30
C TYR C 28 -35.91 -34.91 23.69
N VAL C 29 -37.14 -35.15 23.22
CA VAL C 29 -38.29 -34.53 23.87
C VAL C 29 -39.08 -35.70 24.49
N ASP C 30 -39.28 -35.68 25.81
CA ASP C 30 -39.79 -36.86 26.54
C ASP C 30 -38.92 -38.04 26.17
N SER C 31 -39.51 -39.14 25.72
CA SER C 31 -38.70 -40.32 25.35
C SER C 31 -38.40 -40.37 23.84
N HIS C 32 -38.73 -39.30 23.12
CA HIS C 32 -38.55 -39.25 21.68
C HIS C 32 -37.21 -38.63 21.28
N PRO C 33 -36.40 -39.39 20.54
CA PRO C 33 -35.19 -38.75 20.00
C PRO C 33 -35.59 -37.65 19.02
N ILE C 34 -35.02 -36.46 19.13
CA ILE C 34 -35.36 -35.42 18.16
C ILE C 34 -34.18 -34.97 17.27
N THR C 35 -32.96 -35.11 17.77
CA THR C 35 -31.78 -34.67 17.02
C THR C 35 -30.58 -35.57 17.29
N THR C 36 -29.63 -35.60 16.36
CA THR C 36 -28.41 -36.38 16.53
C THR C 36 -27.22 -35.73 15.78
N TYR C 37 -26.03 -35.88 16.36
CA TYR C 37 -24.77 -35.41 15.80
C TYR C 37 -23.71 -36.42 16.22
N ASP C 38 -22.72 -36.68 15.39
CA ASP C 38 -21.57 -37.41 15.92
C ASP C 38 -20.28 -37.04 15.16
N SER C 39 -19.14 -37.46 15.73
CA SER C 39 -17.82 -37.09 15.19
C SER C 39 -17.53 -37.72 13.84
N VAL C 40 -18.38 -38.65 13.42
CA VAL C 40 -18.20 -39.32 12.14
C VAL C 40 -18.99 -38.61 11.04
N THR C 41 -20.25 -38.29 11.27
CA THR C 41 -21.03 -37.58 10.25
C THR C 41 -20.60 -36.12 10.21
N ARG C 42 -20.29 -35.56 11.38
CA ARG C 42 -20.01 -34.13 11.56
C ARG C 42 -21.18 -33.25 11.09
N GLN C 43 -22.39 -33.82 11.13
CA GLN C 43 -23.64 -33.14 10.77
C GLN C 43 -24.70 -33.28 11.86
N LYS C 44 -25.45 -32.22 12.13
CA LYS C 44 -26.60 -32.36 13.02
C LYS C 44 -27.87 -32.58 12.20
N GLU C 45 -28.58 -33.66 12.51
CA GLU C 45 -29.74 -34.10 11.74
C GLU C 45 -30.93 -34.36 12.66
N PRO C 46 -32.14 -34.13 12.15
CA PRO C 46 -33.34 -34.47 12.92
C PRO C 46 -33.47 -35.97 13.12
N ARG C 47 -34.05 -36.39 14.24
CA ARG C 47 -34.34 -37.81 14.48
C ARG C 47 -35.84 -38.03 14.60
N ALA C 48 -36.59 -36.94 14.41
CA ALA C 48 -38.04 -37.01 14.36
C ALA C 48 -38.51 -36.25 13.14
N PRO C 49 -39.52 -36.81 12.46
CA PRO C 49 -40.10 -36.23 11.26
C PRO C 49 -40.66 -34.84 11.50
N TRP C 50 -41.29 -34.64 12.65
CA TRP C 50 -41.94 -33.37 12.91
C TRP C 50 -40.91 -32.30 13.29
N MET C 51 -39.69 -32.72 13.59
CA MET C 51 -38.57 -31.79 13.73
C MET C 51 -38.07 -31.39 12.34
N ALA C 52 -37.84 -32.39 11.49
CA ALA C 52 -37.37 -32.18 10.14
C ALA C 52 -38.32 -31.27 9.38
N GLU C 53 -39.61 -31.39 9.66
CA GLU C 53 -40.58 -30.69 8.82
C GLU C 53 -40.81 -29.26 9.29
N ASN C 54 -40.45 -28.95 10.53
CA ASN C 54 -40.66 -27.60 11.05
C ASN C 54 -39.41 -26.76 11.33
N LEU C 55 -38.24 -27.32 11.06
CA LEU C 55 -37.02 -26.56 11.24
C LEU C 55 -36.30 -26.47 9.89
N ALA C 56 -36.05 -25.24 9.48
CA ALA C 56 -35.44 -24.93 8.18
C ALA C 56 -33.99 -25.38 8.12
N PRO C 57 -33.44 -25.57 6.90
CA PRO C 57 -32.02 -25.96 6.82
C PRO C 57 -31.11 -25.01 7.61
N ASP C 58 -31.45 -23.72 7.68
CA ASP C 58 -30.82 -22.75 8.57
C ASP C 58 -30.49 -23.30 9.98
N HIS C 59 -31.46 -23.98 10.59
CA HIS C 59 -31.28 -24.51 11.94
C HIS C 59 -30.21 -25.59 11.96
N TRP C 60 -30.31 -26.57 11.05
CA TRP C 60 -29.38 -27.68 11.03
C TRP C 60 -27.95 -27.21 10.68
N GLU C 61 -27.85 -26.29 9.71
CA GLU C 61 -26.55 -25.76 9.32
C GLU C 61 -25.85 -25.07 10.48
N ARG C 62 -26.58 -24.22 11.19
CA ARG C 62 -26.01 -23.46 12.30
C ARG C 62 -25.57 -24.38 13.43
N TYR C 63 -26.46 -25.28 13.84
CA TYR C 63 -26.14 -26.15 14.98
C TYR C 63 -25.09 -27.17 14.58
N THR C 64 -24.99 -27.49 13.30
CA THR C 64 -23.90 -28.34 12.84
C THR C 64 -22.54 -27.67 13.15
N GLN C 65 -22.47 -26.36 12.90
CA GLN C 65 -21.25 -25.60 13.21
C GLN C 65 -21.02 -25.59 14.70
N LEU C 66 -22.09 -25.39 15.47
CA LEU C 66 -21.93 -25.26 16.90
C LEU C 66 -21.47 -26.56 17.51
N LEU C 67 -22.05 -27.69 17.07
CA LEU C 67 -21.68 -28.98 17.63
C LEU C 67 -20.29 -29.41 17.24
N ARG C 68 -19.80 -28.94 16.09
CA ARG C 68 -18.42 -29.21 15.73
C ARG C 68 -17.51 -28.55 16.75
N GLY C 69 -17.85 -27.33 17.15
CA GLY C 69 -17.09 -26.66 18.17
C GLY C 69 -17.24 -27.31 19.53
N TRP C 70 -18.46 -27.77 19.85
CA TRP C 70 -18.75 -28.37 21.14
C TRP C 70 -18.07 -29.73 21.23
N GLN C 71 -17.97 -30.41 20.10
CA GLN C 71 -17.24 -31.67 20.08
C GLN C 71 -15.78 -31.47 20.52
N GLN C 72 -15.13 -30.43 19.99
CA GLN C 72 -13.74 -30.16 20.32
C GLN C 72 -13.59 -29.76 21.80
N MET C 73 -14.50 -28.93 22.26
CA MET C 73 -14.53 -28.57 23.68
C MET C 73 -14.63 -29.83 24.57
N PHE C 74 -15.49 -30.76 24.17
CA PHE C 74 -15.73 -31.99 24.92
C PHE C 74 -14.46 -32.86 24.90
N LYS C 75 -13.74 -32.85 23.78
CA LYS C 75 -12.46 -33.55 23.70
C LYS C 75 -11.43 -32.95 24.66
N VAL C 76 -11.28 -31.63 24.61
CA VAL C 76 -10.35 -30.92 25.48
C VAL C 76 -10.66 -31.18 26.97
N GLU C 77 -11.96 -31.13 27.33
CA GLU C 77 -12.37 -31.34 28.71
C GLU C 77 -12.09 -32.76 29.19
N LEU C 78 -12.35 -33.76 28.35
CA LEU C 78 -12.09 -35.14 28.73
C LEU C 78 -10.58 -35.36 28.89
N LYS C 79 -9.80 -34.75 28.00
CA LYS C 79 -8.35 -34.89 28.03
C LYS C 79 -7.84 -34.36 29.37
N ARG C 80 -8.37 -33.22 29.79
CA ARG C 80 -8.05 -32.65 31.10
C ARG C 80 -8.45 -33.59 32.25
N LEU C 81 -9.65 -34.17 32.20
CA LEU C 81 -10.11 -35.00 33.31
C LEU C 81 -9.21 -36.22 33.47
N GLN C 82 -8.94 -36.88 32.35
CA GLN C 82 -8.19 -38.12 32.38
C GLN C 82 -6.73 -37.85 32.80
N ARG C 83 -6.21 -36.70 32.41
CA ARG C 83 -4.90 -36.26 32.88
C ARG C 83 -4.90 -36.15 34.40
N HIS C 84 -5.92 -35.52 34.95
CA HIS C 84 -5.98 -35.29 36.39
C HIS C 84 -6.32 -36.55 37.19
N TYR C 85 -7.06 -37.48 36.59
CA TYR C 85 -7.32 -38.76 37.26
C TYR C 85 -6.12 -39.68 37.18
N ASN C 86 -5.15 -39.31 36.35
CA ASN C 86 -4.00 -40.15 36.04
C ASN C 86 -4.43 -41.50 35.48
N HIS C 87 -5.32 -41.48 34.47
CA HIS C 87 -5.90 -42.69 33.90
C HIS C 87 -5.40 -43.02 32.51
N SER C 88 -5.07 -44.28 32.30
CA SER C 88 -4.72 -44.75 30.96
C SER C 88 -5.95 -45.41 30.32
N GLY C 89 -5.84 -45.76 29.04
CA GLY C 89 -6.90 -46.43 28.32
C GLY C 89 -8.08 -45.53 27.98
N SER C 90 -9.21 -46.14 27.63
CA SER C 90 -10.37 -45.38 27.19
C SER C 90 -11.36 -45.08 28.32
N HIS C 91 -11.81 -43.85 28.37
CA HIS C 91 -12.69 -43.39 29.41
C HIS C 91 -13.77 -42.54 28.79
N THR C 92 -14.91 -42.43 29.49
CA THR C 92 -16.03 -41.71 28.92
C THR C 92 -16.33 -40.46 29.72
N TYR C 93 -16.96 -39.53 29.03
CA TYR C 93 -17.32 -38.24 29.59
C TYR C 93 -18.71 -37.98 29.06
N GLN C 94 -19.62 -37.59 29.92
CA GLN C 94 -21.00 -37.37 29.47
C GLN C 94 -21.57 -36.12 30.08
N ARG C 95 -22.59 -35.57 29.44
CA ARG C 95 -23.25 -34.42 29.97
C ARG C 95 -24.72 -34.56 29.68
N MET C 96 -25.51 -33.98 30.54
CA MET C 96 -26.90 -33.87 30.22
C MET C 96 -27.43 -32.53 30.63
N ILE C 97 -28.15 -31.88 29.74
CA ILE C 97 -28.75 -30.61 30.06
C ILE C 97 -30.21 -30.67 29.65
N GLY C 98 -31.06 -30.02 30.41
CA GLY C 98 -32.42 -29.86 29.94
C GLY C 98 -33.37 -29.26 30.93
N CYS C 99 -34.66 -29.36 30.59
CA CYS C 99 -35.72 -28.75 31.38
C CYS C 99 -37.05 -29.53 31.35
N GLU C 100 -37.88 -29.33 32.36
CA GLU C 100 -39.23 -29.89 32.34
C GLU C 100 -40.26 -28.80 32.51
N LEU C 101 -41.36 -28.95 31.78
CA LEU C 101 -42.51 -28.11 31.98
C LEU C 101 -43.61 -29.01 32.58
N LEU C 102 -43.91 -28.83 33.86
CA LEU C 102 -44.86 -29.73 34.52
C LEU C 102 -46.30 -29.35 34.23
N GLU C 103 -47.17 -30.32 34.46
CA GLU C 103 -48.60 -30.20 34.26
C GLU C 103 -49.14 -28.92 34.89
N ASP C 104 -48.72 -28.63 36.11
CA ASP C 104 -49.19 -27.43 36.84
C ASP C 104 -48.52 -26.13 36.39
N GLY C 105 -47.66 -26.19 35.37
CA GLY C 105 -47.09 -24.98 34.82
C GLY C 105 -45.77 -24.56 35.44
N SER C 106 -45.38 -25.26 36.50
CA SER C 106 -44.09 -25.01 37.12
C SER C 106 -42.99 -25.62 36.22
N THR C 107 -41.73 -25.31 36.49
CA THR C 107 -40.65 -25.80 35.65
C THR C 107 -39.49 -26.32 36.49
N THR C 108 -38.72 -27.21 35.91
CA THR C 108 -37.42 -27.58 36.45
C THR C 108 -36.35 -27.38 35.38
N GLY C 109 -35.10 -27.33 35.82
CA GLY C 109 -33.98 -27.32 34.89
C GLY C 109 -32.73 -27.92 35.49
N PHE C 110 -31.94 -28.59 34.66
CA PHE C 110 -30.83 -29.37 35.19
C PHE C 110 -29.64 -29.42 34.22
N LEU C 111 -28.45 -29.56 34.78
CA LEU C 111 -27.21 -29.68 34.01
C LEU C 111 -26.21 -30.47 34.85
N GLN C 112 -25.73 -31.58 34.30
CA GLN C 112 -24.82 -32.46 35.03
C GLN C 112 -23.87 -33.10 34.07
N TYR C 113 -22.75 -33.55 34.64
CA TYR C 113 -21.67 -34.19 33.91
C TYR C 113 -21.29 -35.50 34.58
N ALA C 114 -20.79 -36.43 33.79
CA ALA C 114 -20.38 -37.73 34.29
C ALA C 114 -19.05 -38.18 33.72
N TYR C 115 -18.29 -38.92 34.53
CA TYR C 115 -17.05 -39.53 34.07
C TYR C 115 -17.12 -41.02 34.35
N ASP C 116 -16.89 -41.80 33.29
CA ASP C 116 -17.03 -43.24 33.35
C ASP C 116 -18.40 -43.64 33.91
N GLY C 117 -19.43 -42.89 33.52
CA GLY C 117 -20.81 -43.21 33.80
C GLY C 117 -21.24 -42.96 35.24
N GLN C 118 -20.49 -42.12 35.93
CA GLN C 118 -20.78 -41.78 37.31
C GLN C 118 -20.84 -40.26 37.46
N ASP C 119 -21.73 -39.76 38.31
CA ASP C 119 -21.85 -38.32 38.55
C ASP C 119 -20.47 -37.69 38.76
N PHE C 120 -20.22 -36.57 38.10
CA PHE C 120 -18.95 -35.89 38.21
C PHE C 120 -19.16 -34.47 38.74
N LEU C 121 -19.98 -33.68 38.03
CA LEU C 121 -20.36 -32.36 38.49
C LEU C 121 -21.85 -32.12 38.31
N ILE C 122 -22.47 -31.50 39.30
CA ILE C 122 -23.91 -31.27 39.23
C ILE C 122 -24.20 -29.79 39.45
N PHE C 123 -24.84 -29.14 38.47
CA PHE C 123 -25.15 -27.70 38.60
C PHE C 123 -26.36 -27.42 39.52
N ASN C 124 -26.22 -26.45 40.40
CA ASN C 124 -27.36 -25.94 41.14
C ASN C 124 -27.66 -24.49 40.66
N LYS C 125 -28.73 -24.33 39.86
CA LYS C 125 -29.02 -23.07 39.20
C LYS C 125 -29.66 -22.06 40.16
N ASP C 126 -29.88 -22.49 41.40
CA ASP C 126 -30.46 -21.59 42.38
C ASP C 126 -29.39 -21.01 43.30
N THR C 127 -28.41 -21.82 43.66
CA THR C 127 -27.29 -21.29 44.42
C THR C 127 -26.19 -20.86 43.44
N LEU C 128 -26.41 -21.14 42.14
CA LEU C 128 -25.43 -20.81 41.10
C LEU C 128 -24.07 -21.35 41.48
N SER C 129 -23.97 -22.67 41.58
CA SER C 129 -22.75 -23.33 42.01
C SER C 129 -22.73 -24.76 41.52
N TRP C 130 -21.54 -25.34 41.49
CA TRP C 130 -21.38 -26.72 41.07
C TRP C 130 -21.04 -27.65 42.24
N LEU C 131 -21.73 -28.78 42.30
CA LEU C 131 -21.43 -29.80 43.29
C LEU C 131 -20.43 -30.80 42.70
N ALA C 132 -19.29 -30.98 43.38
CA ALA C 132 -18.22 -31.84 42.89
C ALA C 132 -18.17 -33.14 43.69
N VAL C 133 -18.00 -34.28 43.01
CA VAL C 133 -18.02 -35.54 43.75
C VAL C 133 -16.66 -35.97 44.27
N ASP C 134 -15.58 -35.47 43.66
CA ASP C 134 -14.25 -35.81 44.11
C ASP C 134 -13.28 -34.63 43.90
N ASN C 135 -11.98 -34.83 44.03
CA ASN C 135 -11.11 -33.65 43.98
C ASN C 135 -10.73 -33.23 42.58
N VAL C 136 -10.93 -34.13 41.62
CA VAL C 136 -10.71 -33.77 40.23
C VAL C 136 -11.86 -32.84 39.82
N ALA C 137 -13.06 -33.23 40.23
CA ALA C 137 -14.22 -32.42 39.99
C ALA C 137 -14.13 -31.11 40.75
N HIS C 138 -13.47 -31.10 41.90
CA HIS C 138 -13.34 -29.90 42.69
C HIS C 138 -12.44 -28.88 41.96
N THR C 139 -11.41 -29.35 41.27
CA THR C 139 -10.56 -28.47 40.48
C THR C 139 -11.32 -27.79 39.34
N ILE C 140 -12.19 -28.56 38.66
CA ILE C 140 -13.00 -28.04 37.57
C ILE C 140 -14.07 -27.08 38.08
N LYS C 141 -14.74 -27.47 39.18
CA LYS C 141 -15.65 -26.59 39.90
C LYS C 141 -15.02 -25.22 40.20
N GLN C 142 -13.83 -25.19 40.78
CA GLN C 142 -13.20 -23.90 41.10
C GLN C 142 -13.06 -23.06 39.83
N ALA C 143 -12.69 -23.69 38.73
CA ALA C 143 -12.46 -22.95 37.48
C ALA C 143 -13.78 -22.46 36.85
N TRP C 144 -14.78 -23.33 36.81
CA TRP C 144 -16.08 -22.96 36.25
C TRP C 144 -16.75 -21.87 37.08
N GLU C 145 -16.57 -21.91 38.39
CA GLU C 145 -17.20 -20.95 39.26
C GLU C 145 -16.46 -19.61 39.27
N ALA C 146 -15.22 -19.59 38.79
CA ALA C 146 -14.47 -18.33 38.69
C ALA C 146 -15.09 -17.48 37.58
N ASN C 147 -15.84 -18.13 36.71
CA ASN C 147 -16.53 -17.47 35.61
C ASN C 147 -17.98 -17.25 35.95
N GLN C 148 -18.24 -16.28 36.82
CA GLN C 148 -19.57 -16.11 37.37
C GLN C 148 -20.61 -15.83 36.29
N HIS C 149 -20.21 -15.18 35.20
CA HIS C 149 -21.15 -14.84 34.14
C HIS C 149 -21.64 -16.05 33.37
N GLU C 150 -20.82 -17.08 33.27
CA GLU C 150 -21.23 -18.26 32.51
C GLU C 150 -22.27 -19.09 33.30
N LEU C 151 -22.24 -18.99 34.62
CA LEU C 151 -23.23 -19.63 35.48
C LEU C 151 -24.58 -18.94 35.31
N LEU C 152 -24.52 -17.61 35.24
CA LEU C 152 -25.73 -16.83 35.02
C LEU C 152 -26.31 -17.20 33.68
N TYR C 153 -25.45 -17.33 32.68
CA TYR C 153 -25.91 -17.73 31.37
C TYR C 153 -26.61 -19.09 31.47
N GLN C 154 -26.07 -20.03 32.25
CA GLN C 154 -26.67 -21.37 32.35
C GLN C 154 -28.02 -21.25 33.01
N LYS C 155 -28.11 -20.43 34.06
CA LYS C 155 -29.38 -20.30 34.77
C LYS C 155 -30.43 -19.78 33.82
N ASN C 156 -30.08 -18.79 33.00
CA ASN C 156 -31.03 -18.23 32.06
C ASN C 156 -31.39 -19.23 30.97
N TRP C 157 -30.41 -20.00 30.51
CA TRP C 157 -30.70 -20.93 29.44
C TRP C 157 -31.68 -22.02 29.95
N LEU C 158 -31.42 -22.53 31.15
CA LEU C 158 -32.26 -23.58 31.73
C LEU C 158 -33.68 -23.12 32.02
N GLU C 159 -33.83 -21.95 32.65
CA GLU C 159 -35.14 -21.48 33.07
C GLU C 159 -35.97 -20.86 31.95
N GLU C 160 -35.30 -20.18 31.01
CA GLU C 160 -36.01 -19.44 29.95
C GLU C 160 -35.87 -20.06 28.56
N GLU C 161 -34.64 -20.08 28.01
CA GLU C 161 -34.42 -20.64 26.67
C GLU C 161 -34.91 -22.08 26.51
N CYS C 162 -34.42 -22.96 27.37
CA CYS C 162 -34.79 -24.37 27.30
C CYS C 162 -36.31 -24.53 27.32
N ILE C 163 -37.01 -23.82 28.20
CA ILE C 163 -38.48 -23.98 28.28
C ILE C 163 -39.16 -23.48 26.99
N ALA C 164 -38.60 -22.43 26.38
CA ALA C 164 -39.18 -21.90 25.17
C ALA C 164 -38.98 -22.91 24.03
N TRP C 165 -37.81 -23.53 23.98
CA TRP C 165 -37.55 -24.54 22.95
C TRP C 165 -38.50 -25.73 23.13
N LEU C 166 -38.72 -26.13 24.39
CA LEU C 166 -39.62 -27.22 24.70
C LEU C 166 -41.04 -26.89 24.25
N LYS C 167 -41.50 -25.69 24.54
CA LYS C 167 -42.85 -25.32 24.10
C LYS C 167 -42.92 -25.31 22.59
N ARG C 168 -41.84 -24.88 21.94
CA ARG C 168 -41.80 -24.86 20.48
C ARG C 168 -41.83 -26.28 19.90
N PHE C 169 -40.98 -27.16 20.39
CA PHE C 169 -40.97 -28.54 19.90
C PHE C 169 -42.25 -29.35 20.24
N LEU C 170 -42.83 -29.08 21.41
CA LEU C 170 -44.09 -29.73 21.79
C LEU C 170 -45.16 -29.49 20.74
N GLU C 171 -45.25 -28.24 20.26
CA GLU C 171 -46.24 -27.89 19.24
C GLU C 171 -45.94 -28.61 17.91
N TYR C 172 -44.67 -28.59 17.47
CA TYR C 172 -44.29 -29.28 16.25
C TYR C 172 -44.74 -30.75 16.31
N GLY C 173 -44.45 -31.40 17.42
CA GLY C 173 -44.78 -32.80 17.56
C GLY C 173 -46.07 -33.15 18.28
N LYS C 174 -47.02 -32.21 18.41
CA LYS C 174 -48.21 -32.42 19.24
C LYS C 174 -48.99 -33.67 18.88
N ASP C 175 -49.10 -33.98 17.60
CA ASP C 175 -49.86 -35.16 17.20
C ASP C 175 -49.25 -36.44 17.75
N THR C 176 -47.95 -36.41 18.02
CA THR C 176 -47.26 -37.54 18.61
C THR C 176 -47.24 -37.41 20.12
N LEU C 177 -46.81 -36.24 20.60
CA LEU C 177 -46.47 -36.05 22.01
C LEU C 177 -47.66 -35.87 22.93
N GLN C 178 -48.75 -35.32 22.41
CA GLN C 178 -49.88 -34.97 23.25
C GLN C 178 -51.07 -35.91 23.07
N ARG C 179 -50.84 -37.05 22.43
CA ARG C 179 -51.93 -38.00 22.20
C ARG C 179 -52.04 -38.96 23.37
N THR C 180 -53.14 -39.68 23.46
CA THR C 180 -53.27 -40.73 24.45
C THR C 180 -53.76 -42.01 23.78
N GLU C 181 -52.99 -43.07 23.96
CA GLU C 181 -53.45 -44.43 23.64
C GLU C 181 -53.59 -45.22 24.93
N PRO C 182 -54.84 -45.49 25.35
CA PRO C 182 -55.05 -46.23 26.61
C PRO C 182 -54.48 -47.63 26.59
N PRO C 183 -54.07 -48.13 27.75
CA PRO C 183 -53.62 -49.52 27.88
C PRO C 183 -54.73 -50.56 27.75
N LEU C 184 -54.40 -51.66 27.07
CA LEU C 184 -55.14 -52.91 27.19
C LEU C 184 -54.54 -53.70 28.35
N VAL C 185 -55.37 -54.05 29.33
CA VAL C 185 -54.86 -54.60 30.58
C VAL C 185 -55.56 -55.91 30.91
N ARG C 186 -54.75 -56.92 31.23
CA ARG C 186 -55.29 -58.25 31.53
C ARG C 186 -54.55 -58.84 32.73
N VAL C 187 -55.11 -59.91 33.28
CA VAL C 187 -54.49 -60.63 34.38
C VAL C 187 -54.41 -62.09 34.04
N ASN C 188 -53.24 -62.70 34.20
CA ASN C 188 -53.13 -64.15 34.02
C ASN C 188 -52.28 -64.82 35.10
N ARG C 189 -52.43 -66.15 35.21
CA ARG C 189 -51.76 -66.96 36.25
C ARG C 189 -50.55 -67.70 35.71
N VAL C 196 -45.03 -70.31 44.38
CA VAL C 196 -44.86 -70.95 43.08
C VAL C 196 -45.84 -70.34 42.07
N THR C 197 -47.00 -69.91 42.57
CA THR C 197 -48.08 -69.35 41.73
C THR C 197 -48.24 -67.83 41.88
N ALA C 198 -48.23 -67.10 40.75
CA ALA C 198 -48.28 -65.65 40.79
C ALA C 198 -49.30 -65.04 39.82
N LEU C 199 -49.88 -63.92 40.24
CA LEU C 199 -50.78 -63.17 39.37
C LEU C 199 -49.97 -62.12 38.62
N PHE C 200 -50.06 -62.12 37.30
CA PHE C 200 -49.43 -61.08 36.49
C PHE C 200 -50.50 -60.14 35.97
N CYS C 201 -50.30 -58.85 36.20
CA CYS C 201 -51.14 -57.83 35.61
C CYS C 201 -50.33 -57.22 34.48
N LYS C 202 -50.83 -57.35 33.25
CA LYS C 202 -50.11 -56.91 32.05
C LYS C 202 -50.86 -55.83 31.28
N ALA C 203 -50.15 -54.75 30.97
CA ALA C 203 -50.71 -53.72 30.11
C ALA C 203 -49.90 -53.65 28.84
N HIS C 204 -50.57 -53.35 27.71
CA HIS C 204 -49.83 -53.02 26.50
C HIS C 204 -50.59 -52.05 25.63
N GLY C 205 -49.94 -51.64 24.55
CA GLY C 205 -50.51 -50.69 23.62
C GLY C 205 -50.60 -49.26 24.11
N PHE C 206 -49.94 -48.88 25.20
CA PHE C 206 -50.23 -47.55 25.73
C PHE C 206 -49.23 -46.46 25.36
N TYR C 207 -49.73 -45.22 25.29
CA TYR C 207 -48.91 -44.02 25.13
C TYR C 207 -49.62 -42.90 25.88
N PRO C 208 -48.88 -42.06 26.64
CA PRO C 208 -47.43 -42.00 26.86
C PRO C 208 -46.91 -43.18 27.67
N PRO C 209 -45.57 -43.34 27.78
CA PRO C 209 -45.06 -44.51 28.48
C PRO C 209 -45.29 -44.47 29.99
N GLU C 210 -45.50 -43.28 30.56
CA GLU C 210 -45.73 -43.16 32.00
C GLU C 210 -47.00 -43.90 32.40
N ILE C 211 -46.83 -44.84 33.32
CA ILE C 211 -47.96 -45.64 33.77
C ILE C 211 -47.65 -46.21 35.14
N TYR C 212 -48.69 -46.36 35.96
CA TYR C 212 -48.53 -46.83 37.31
C TYR C 212 -49.41 -48.05 37.48
N MET C 213 -48.77 -49.17 37.79
CA MET C 213 -49.41 -50.45 38.02
C MET C 213 -49.08 -50.97 39.41
N THR C 214 -50.09 -51.39 40.17
CA THR C 214 -49.84 -51.95 41.49
C THR C 214 -50.89 -53.01 41.80
N TRP C 215 -50.60 -53.81 42.83
CA TRP C 215 -51.51 -54.82 43.32
C TRP C 215 -52.02 -54.40 44.67
N MET C 216 -53.29 -54.65 44.92
CA MET C 216 -53.85 -54.46 46.23
C MET C 216 -54.38 -55.80 46.71
N LYS C 217 -54.21 -56.06 48.00
CA LYS C 217 -54.77 -57.27 48.60
C LYS C 217 -55.79 -56.87 49.66
N ASN C 218 -57.05 -57.25 49.43
CA ASN C 218 -58.14 -56.91 50.35
C ASN C 218 -58.24 -55.40 50.62
N GLY C 219 -57.73 -54.57 49.72
CA GLY C 219 -57.85 -53.13 49.89
C GLY C 219 -56.59 -52.35 50.29
N GLU C 220 -55.69 -52.97 51.06
CA GLU C 220 -54.40 -52.34 51.38
C GLU C 220 -53.36 -52.65 50.31
N GLU C 221 -52.43 -51.73 50.08
CA GLU C 221 -51.37 -51.96 49.10
C GLU C 221 -50.21 -52.71 49.77
N ILE C 222 -49.30 -53.23 48.96
CA ILE C 222 -48.32 -54.20 49.43
C ILE C 222 -46.99 -54.07 48.74
N VAL C 223 -46.46 -52.84 48.72
CA VAL C 223 -45.26 -52.45 47.97
C VAL C 223 -44.13 -53.48 48.00
N GLN C 224 -43.87 -54.04 49.18
CA GLN C 224 -42.77 -54.98 49.39
C GLN C 224 -42.97 -56.34 48.70
N GLU C 225 -44.22 -56.78 48.55
CA GLU C 225 -44.49 -58.10 47.99
C GLU C 225 -44.79 -58.07 46.49
N ILE C 226 -44.64 -56.92 45.85
CA ILE C 226 -44.93 -56.81 44.43
C ILE C 226 -43.63 -56.79 43.63
N ASP C 227 -43.62 -57.53 42.53
CA ASP C 227 -42.52 -57.45 41.59
C ASP C 227 -42.94 -56.61 40.39
N TYR C 228 -42.28 -55.47 40.20
CA TYR C 228 -42.61 -54.57 39.11
C TYR C 228 -41.75 -54.79 37.86
N GLY C 229 -42.41 -55.11 36.74
CA GLY C 229 -41.73 -55.12 35.46
C GLY C 229 -41.49 -53.71 34.92
N ASP C 230 -40.45 -53.58 34.10
CA ASP C 230 -40.10 -52.32 33.44
C ASP C 230 -41.13 -51.84 32.40
N ILE C 231 -41.17 -50.53 32.15
CA ILE C 231 -41.96 -50.03 31.03
C ILE C 231 -41.11 -50.15 29.75
N LEU C 232 -41.58 -50.98 28.81
CA LEU C 232 -40.79 -51.38 27.66
C LEU C 232 -41.41 -50.93 26.34
N PRO C 233 -40.56 -50.46 25.40
CA PRO C 233 -41.02 -50.05 24.06
C PRO C 233 -41.50 -51.24 23.24
N SER C 234 -42.70 -51.19 22.67
CA SER C 234 -43.16 -52.32 21.83
C SER C 234 -42.65 -52.30 20.40
N GLY C 235 -42.09 -51.16 19.97
CA GLY C 235 -41.53 -51.04 18.64
C GLY C 235 -42.41 -50.27 17.68
N ASP C 236 -43.65 -50.00 18.08
CA ASP C 236 -44.63 -49.32 17.23
C ASP C 236 -45.04 -47.96 17.76
N GLY C 237 -44.28 -47.44 18.71
CA GLY C 237 -44.60 -46.16 19.32
C GLY C 237 -45.35 -46.31 20.64
N THR C 238 -45.90 -47.49 20.92
CA THR C 238 -46.55 -47.71 22.21
C THR C 238 -45.67 -48.55 23.13
N TYR C 239 -46.16 -48.76 24.36
CA TYR C 239 -45.35 -49.35 25.41
C TYR C 239 -46.08 -50.48 26.14
N GLN C 240 -45.32 -51.28 26.88
CA GLN C 240 -45.89 -52.37 27.67
C GLN C 240 -45.18 -52.52 29.02
N ALA C 241 -45.91 -53.05 29.99
CA ALA C 241 -45.39 -53.24 31.33
C ALA C 241 -46.18 -54.34 32.06
N TRP C 242 -45.73 -54.69 33.26
CA TRP C 242 -46.46 -55.63 34.10
C TRP C 242 -46.06 -55.47 35.57
N ALA C 243 -46.85 -56.09 36.44
CA ALA C 243 -46.53 -56.24 37.85
C ALA C 243 -47.06 -57.58 38.32
N SER C 244 -46.27 -58.31 39.11
CA SER C 244 -46.70 -59.61 39.59
C SER C 244 -46.84 -59.64 41.10
N ILE C 245 -47.57 -60.63 41.58
CA ILE C 245 -47.64 -60.86 42.99
C ILE C 245 -47.90 -62.34 43.27
N GLU C 246 -47.32 -62.85 44.34
CA GLU C 246 -47.38 -64.27 44.63
C GLU C 246 -48.60 -64.60 45.50
N LEU C 247 -49.41 -65.55 45.07
CA LEU C 247 -50.61 -65.94 45.82
C LEU C 247 -50.30 -66.73 47.07
N ASP C 248 -51.03 -66.44 48.14
CA ASP C 248 -50.96 -67.26 49.35
C ASP C 248 -51.71 -68.56 49.12
N PRO C 249 -50.99 -69.70 49.14
CA PRO C 249 -51.60 -71.00 48.81
C PRO C 249 -52.53 -71.53 49.90
N GLN C 250 -52.45 -70.96 51.10
CA GLN C 250 -53.15 -71.49 52.25
C GLN C 250 -54.40 -70.67 52.62
N SER C 251 -54.53 -69.50 52.00
CA SER C 251 -55.64 -68.59 52.27
C SER C 251 -56.01 -67.77 51.04
N SER C 252 -57.31 -67.66 50.75
CA SER C 252 -57.76 -66.80 49.67
C SER C 252 -57.66 -65.34 50.08
N ASN C 253 -57.48 -64.45 49.12
CA ASN C 253 -57.53 -63.02 49.37
C ASN C 253 -58.22 -62.31 48.22
N LEU C 254 -58.62 -61.05 48.45
CA LEU C 254 -59.16 -60.24 47.39
C LEU C 254 -58.02 -59.48 46.70
N TYR C 255 -57.58 -59.98 45.56
CA TYR C 255 -56.51 -59.37 44.80
C TYR C 255 -57.08 -58.57 43.63
N SER C 256 -56.62 -57.33 43.50
CA SER C 256 -57.02 -56.45 42.41
C SER C 256 -55.86 -55.68 41.83
N CYS C 257 -55.75 -55.71 40.51
CA CYS C 257 -54.76 -54.89 39.84
C CYS C 257 -55.28 -53.48 39.61
N HIS C 258 -54.50 -52.49 40.03
CA HIS C 258 -54.82 -51.10 39.77
C HIS C 258 -53.86 -50.51 38.74
N VAL C 259 -54.40 -49.89 37.71
CA VAL C 259 -53.57 -49.23 36.70
C VAL C 259 -54.04 -47.79 36.54
N GLU C 260 -53.11 -46.85 36.63
CA GLU C 260 -53.40 -45.47 36.31
C GLU C 260 -52.57 -45.03 35.10
N HIS C 261 -53.27 -44.49 34.11
CA HIS C 261 -52.63 -43.97 32.90
C HIS C 261 -53.35 -42.71 32.43
N SER C 262 -52.57 -41.64 32.26
CA SER C 262 -53.02 -40.37 31.68
C SER C 262 -54.35 -39.87 32.24
N GLY C 263 -54.44 -39.75 33.57
CA GLY C 263 -55.66 -39.26 34.19
C GLY C 263 -56.80 -40.27 34.33
N VAL C 264 -56.60 -41.53 33.96
CA VAL C 264 -57.67 -42.54 34.12
C VAL C 264 -57.21 -43.72 34.98
N HIS C 265 -58.04 -44.09 35.95
N HIS C 265 -58.05 -44.09 35.94
CA HIS C 265 -57.73 -45.23 36.80
CA HIS C 265 -57.77 -45.21 36.84
C HIS C 265 -58.53 -46.46 36.37
C HIS C 265 -58.55 -46.47 36.43
N MET C 266 -57.92 -47.63 36.51
CA MET C 266 -58.56 -48.89 36.14
C MET C 266 -58.40 -49.89 37.29
N VAL C 267 -59.40 -50.75 37.51
CA VAL C 267 -59.29 -51.80 38.52
C VAL C 267 -59.71 -53.16 37.94
N LEU C 268 -58.82 -54.14 38.00
CA LEU C 268 -59.16 -55.51 37.61
C LEU C 268 -59.22 -56.39 38.85
N GLN C 269 -60.44 -56.76 39.24
CA GLN C 269 -60.70 -57.57 40.43
C GLN C 269 -60.59 -59.04 40.07
N VAL C 270 -59.65 -59.77 40.65
CA VAL C 270 -59.42 -61.13 40.18
C VAL C 270 -60.47 -62.14 40.64
N GLY D 1 -36.39 -11.08 11.42
CA GLY D 1 -36.65 -9.67 11.64
C GLY D 1 -36.18 -9.20 13.01
N GLN D 2 -35.06 -9.75 13.47
CA GLN D 2 -34.48 -9.38 14.76
C GLN D 2 -33.96 -7.95 14.72
N ASN D 3 -33.93 -7.29 15.86
CA ASN D 3 -33.72 -5.86 15.83
C ASN D 3 -33.09 -5.32 17.12
N ILE D 4 -32.10 -4.44 16.96
CA ILE D 4 -31.46 -3.75 18.08
C ILE D 4 -31.57 -2.26 17.87
N ASP D 5 -31.84 -1.51 18.92
CA ASP D 5 -31.94 -0.07 18.77
C ASP D 5 -31.29 0.72 19.89
N GLN D 6 -30.43 1.64 19.49
CA GLN D 6 -29.79 2.56 20.41
C GLN D 6 -29.69 3.91 19.70
N PRO D 7 -29.66 5.01 20.48
CA PRO D 7 -29.65 6.33 19.85
C PRO D 7 -28.37 6.53 19.02
N THR D 8 -28.43 7.33 17.98
CA THR D 8 -27.28 7.52 17.11
C THR D 8 -26.13 8.22 17.86
N GLU D 9 -26.48 9.21 18.65
CA GLU D 9 -25.53 10.07 19.27
C GLU D 9 -26.10 10.64 20.57
N MET D 10 -25.21 10.89 21.53
CA MET D 10 -25.56 11.60 22.76
C MET D 10 -24.44 12.55 23.17
N THR D 11 -24.83 13.65 23.83
CA THR D 11 -23.88 14.65 24.31
C THR D 11 -24.13 15.03 25.75
N ALA D 12 -23.09 14.94 26.56
CA ALA D 12 -23.23 15.27 27.96
C ALA D 12 -22.01 16.04 28.41
N THR D 13 -22.06 16.55 29.62
CA THR D 13 -20.97 17.40 30.08
C THR D 13 -19.99 16.64 30.96
N GLU D 14 -18.73 17.02 30.87
CA GLU D 14 -17.69 16.49 31.74
C GLU D 14 -18.10 16.48 33.21
N GLY D 15 -17.94 15.34 33.88
CA GLY D 15 -18.21 15.26 35.30
C GLY D 15 -19.61 14.76 35.59
N ALA D 16 -20.43 14.70 34.55
CA ALA D 16 -21.83 14.37 34.74
C ALA D 16 -22.08 12.86 34.53
N ILE D 17 -23.34 12.49 34.43
CA ILE D 17 -23.72 11.09 34.29
C ILE D 17 -24.54 10.86 33.03
N VAL D 18 -24.17 9.90 32.20
CA VAL D 18 -24.99 9.63 31.03
C VAL D 18 -25.46 8.18 30.96
N GLN D 19 -26.72 8.02 30.57
CA GLN D 19 -27.33 6.72 30.42
C GLN D 19 -27.58 6.42 28.96
N ILE D 20 -26.97 5.35 28.46
CA ILE D 20 -27.11 5.00 27.07
C ILE D 20 -28.01 3.79 26.93
N ASN D 21 -29.12 3.95 26.20
CA ASN D 21 -30.13 2.90 26.15
C ASN D 21 -29.94 1.95 25.00
N CYS D 22 -30.39 0.72 25.18
CA CYS D 22 -30.41 -0.25 24.11
C CYS D 22 -31.66 -1.10 24.25
N THR D 23 -32.53 -1.09 23.25
CA THR D 23 -33.66 -2.02 23.21
C THR D 23 -33.46 -3.08 22.15
N TYR D 24 -33.98 -4.27 22.41
CA TYR D 24 -33.85 -5.34 21.44
C TYR D 24 -35.13 -6.15 21.33
N GLN D 25 -35.44 -6.56 20.11
CA GLN D 25 -36.44 -7.58 19.85
C GLN D 25 -35.71 -8.71 19.15
N THR D 26 -35.51 -9.82 19.84
CA THR D 26 -34.74 -10.91 19.24
C THR D 26 -35.48 -12.25 19.32
N SER D 27 -35.02 -13.18 18.49
CA SER D 27 -35.52 -14.55 18.51
C SER D 27 -34.78 -15.26 19.61
N GLY D 28 -35.32 -15.16 20.83
CA GLY D 28 -34.67 -15.72 22.02
C GLY D 28 -33.52 -14.85 22.53
N PHE D 29 -32.96 -15.24 23.67
CA PHE D 29 -32.03 -14.38 24.37
C PHE D 29 -31.01 -15.15 25.20
N ASN D 30 -29.72 -14.95 24.88
CA ASN D 30 -28.63 -15.57 25.62
C ASN D 30 -27.65 -14.52 26.18
N GLY D 31 -28.07 -13.26 26.23
CA GLY D 31 -27.31 -12.23 26.89
C GLY D 31 -27.07 -11.00 26.03
N LEU D 32 -26.75 -9.90 26.71
CA LEU D 32 -26.49 -8.60 26.10
C LEU D 32 -25.10 -8.12 26.48
N PHE D 33 -24.38 -7.64 25.48
CA PHE D 33 -23.02 -7.12 25.66
C PHE D 33 -22.96 -5.62 25.37
N TRP D 34 -22.17 -4.89 26.15
CA TRP D 34 -21.73 -3.57 25.71
C TRP D 34 -20.25 -3.59 25.36
N TYR D 35 -19.91 -2.90 24.27
CA TYR D 35 -18.56 -2.73 23.77
C TYR D 35 -18.23 -1.24 23.66
N GLN D 36 -16.99 -0.87 23.97
CA GLN D 36 -16.55 0.49 23.76
C GLN D 36 -15.64 0.57 22.53
N GLN D 37 -15.90 1.53 21.65
CA GLN D 37 -15.04 1.67 20.48
C GLN D 37 -14.59 3.13 20.29
N HIS D 38 -13.32 3.40 20.52
CA HIS D 38 -12.79 4.73 20.26
C HIS D 38 -12.66 4.94 18.75
N ALA D 39 -12.79 6.18 18.33
CA ALA D 39 -12.75 6.51 16.91
C ALA D 39 -11.44 6.04 16.28
N GLY D 40 -11.54 5.26 15.21
CA GLY D 40 -10.37 4.71 14.57
C GLY D 40 -9.80 3.47 15.24
N GLU D 41 -10.42 3.00 16.32
CA GLU D 41 -9.85 1.86 17.02
C GLU D 41 -10.79 0.67 17.09
N ALA D 42 -10.33 -0.43 17.69
CA ALA D 42 -11.10 -1.64 17.84
C ALA D 42 -12.09 -1.55 18.98
N PRO D 43 -13.28 -2.15 18.80
CA PRO D 43 -14.22 -2.31 19.92
C PRO D 43 -13.59 -3.17 21.00
N THR D 44 -13.83 -2.86 22.27
CA THR D 44 -13.36 -3.74 23.33
C THR D 44 -14.52 -4.03 24.26
N PHE D 45 -14.57 -5.26 24.78
CA PHE D 45 -15.61 -5.68 25.73
C PHE D 45 -15.75 -4.77 26.96
N LEU D 46 -16.97 -4.30 27.21
CA LEU D 46 -17.24 -3.58 28.46
C LEU D 46 -18.01 -4.42 29.50
N SER D 47 -19.15 -4.99 29.12
CA SER D 47 -20.01 -5.65 30.11
C SER D 47 -20.92 -6.70 29.47
N TYR D 48 -21.38 -7.62 30.31
CA TYR D 48 -22.33 -8.68 29.93
C TYR D 48 -23.45 -8.78 30.96
N ASN D 49 -24.71 -8.85 30.51
CA ASN D 49 -25.87 -9.09 31.35
C ASN D 49 -26.74 -10.19 30.73
N VAL D 50 -27.24 -11.12 31.54
CA VAL D 50 -28.15 -12.14 31.03
C VAL D 50 -29.32 -12.35 32.02
N LEU D 51 -29.11 -12.07 33.30
CA LEU D 51 -30.22 -12.03 34.26
C LEU D 51 -30.58 -10.59 34.57
N ASP D 52 -31.71 -10.38 35.22
CA ASP D 52 -32.19 -9.02 35.48
C ASP D 52 -31.39 -8.27 36.52
N GLY D 53 -31.28 -6.96 36.34
CA GLY D 53 -30.70 -6.11 37.36
C GLY D 53 -29.52 -5.28 36.89
N LEU D 54 -28.87 -4.67 37.87
CA LEU D 54 -27.81 -3.73 37.70
C LEU D 54 -26.50 -4.39 38.05
N GLU D 55 -25.47 -4.14 37.26
CA GLU D 55 -24.13 -4.66 37.56
C GLU D 55 -23.04 -3.60 37.38
N GLU D 56 -22.26 -3.40 38.44
CA GLU D 56 -21.25 -2.36 38.46
C GLU D 56 -19.86 -2.85 38.09
N LYS D 57 -19.13 -2.03 37.35
CA LYS D 57 -17.72 -2.28 37.04
C LYS D 57 -17.00 -0.94 37.00
N GLY D 58 -16.52 -0.47 38.15
CA GLY D 58 -15.91 0.84 38.23
C GLY D 58 -16.92 1.94 37.98
N ARG D 59 -16.59 2.86 37.08
CA ARG D 59 -17.47 3.99 36.78
C ARG D 59 -18.64 3.58 35.89
N PHE D 60 -18.54 2.40 35.28
CA PHE D 60 -19.58 1.96 34.34
C PHE D 60 -20.48 0.95 35.06
N SER D 61 -21.79 1.11 34.85
CA SER D 61 -22.78 0.14 35.31
C SER D 61 -23.63 -0.30 34.15
N SER D 62 -24.01 -1.56 34.16
CA SER D 62 -24.84 -2.14 33.10
C SER D 62 -26.10 -2.72 33.68
N PHE D 63 -27.25 -2.30 33.15
CA PHE D 63 -28.58 -2.75 33.62
C PHE D 63 -29.28 -3.59 32.55
N LEU D 64 -30.06 -4.58 32.98
CA LEU D 64 -30.85 -5.36 32.05
C LEU D 64 -32.28 -5.69 32.59
N SER D 65 -33.30 -5.51 31.75
CA SER D 65 -34.63 -6.06 32.01
C SER D 65 -34.99 -6.96 30.83
N ARG D 66 -35.07 -8.26 31.07
CA ARG D 66 -35.41 -9.19 30.01
C ARG D 66 -36.87 -9.00 29.55
N SER D 67 -37.77 -8.78 30.51
CA SER D 67 -39.19 -8.67 30.16
C SER D 67 -39.44 -7.42 29.30
N LYS D 68 -38.65 -6.37 29.52
CA LYS D 68 -38.80 -5.16 28.72
C LYS D 68 -37.88 -5.14 27.50
N GLY D 69 -37.01 -6.13 27.37
CA GLY D 69 -36.07 -6.18 26.27
C GLY D 69 -35.30 -4.87 26.25
N TYR D 70 -34.72 -4.52 27.39
CA TYR D 70 -34.10 -3.21 27.55
C TYR D 70 -32.83 -3.32 28.39
N SER D 71 -31.78 -2.61 27.97
CA SER D 71 -30.58 -2.49 28.77
C SER D 71 -30.05 -1.07 28.72
N TYR D 72 -29.34 -0.64 29.76
CA TYR D 72 -28.59 0.61 29.63
C TYR D 72 -27.19 0.48 30.18
N LEU D 73 -26.30 1.27 29.59
CA LEU D 73 -24.95 1.47 30.04
C LEU D 73 -24.94 2.84 30.71
N LEU D 74 -24.60 2.84 32.00
CA LEU D 74 -24.58 4.03 32.83
C LEU D 74 -23.12 4.46 33.07
N LEU D 75 -22.76 5.65 32.59
CA LEU D 75 -21.41 6.18 32.81
C LEU D 75 -21.43 7.31 33.84
N LYS D 76 -20.71 7.15 34.93
CA LYS D 76 -20.66 8.16 35.97
C LYS D 76 -19.38 8.99 35.88
N GLU D 77 -19.40 10.18 36.46
CA GLU D 77 -18.23 11.06 36.51
C GLU D 77 -17.50 11.16 35.17
N LEU D 78 -18.22 11.58 34.14
CA LEU D 78 -17.73 11.53 32.78
C LEU D 78 -16.37 12.24 32.64
N GLN D 79 -15.48 11.65 31.87
CA GLN D 79 -14.21 12.29 31.51
C GLN D 79 -14.10 12.35 30.01
N MET D 80 -13.20 13.17 29.48
CA MET D 80 -13.06 13.29 28.03
C MET D 80 -12.71 11.97 27.38
N LYS D 81 -11.93 11.15 28.06
CA LYS D 81 -11.53 9.87 27.48
C LYS D 81 -12.69 8.89 27.30
N ASP D 82 -13.86 9.21 27.87
CA ASP D 82 -15.08 8.43 27.65
C ASP D 82 -15.68 8.72 26.27
N SER D 83 -15.17 9.75 25.60
CA SER D 83 -15.65 10.07 24.25
C SER D 83 -15.38 8.91 23.31
N ALA D 84 -16.43 8.33 22.72
CA ALA D 84 -16.30 7.07 22.00
C ALA D 84 -17.67 6.62 21.51
N SER D 85 -17.67 5.58 20.67
CA SER D 85 -18.92 4.87 20.38
C SER D 85 -19.12 3.70 21.32
N TYR D 86 -20.38 3.52 21.72
CA TYR D 86 -20.74 2.39 22.57
C TYR D 86 -21.72 1.50 21.83
N LEU D 87 -21.37 0.22 21.73
CA LEU D 87 -22.06 -0.70 20.84
C LEU D 87 -22.80 -1.69 21.72
N CYS D 88 -24.08 -1.85 21.42
CA CYS D 88 -24.94 -2.79 22.09
C CYS D 88 -25.04 -4.03 21.22
N ALA D 89 -24.88 -5.21 21.81
CA ALA D 89 -25.01 -6.45 21.05
C ALA D 89 -25.75 -7.53 21.87
N VAL D 90 -26.63 -8.27 21.21
CA VAL D 90 -27.39 -9.34 21.88
C VAL D 90 -27.17 -10.70 21.22
N LYS D 91 -26.96 -11.74 22.02
CA LYS D 91 -26.94 -13.12 21.51
C LYS D 91 -28.33 -13.68 21.45
N ASP D 92 -28.74 -14.18 20.28
CA ASP D 92 -30.09 -14.70 20.14
C ASP D 92 -30.09 -16.19 20.55
N SER D 93 -31.14 -16.93 20.22
N SER D 93 -31.15 -16.91 20.20
CA SER D 93 -31.29 -18.28 20.75
CA SER D 93 -31.32 -18.30 20.69
C SER D 93 -30.30 -19.26 20.10
C SER D 93 -30.29 -19.25 20.11
N ASN D 94 -29.67 -18.83 19.01
CA ASN D 94 -28.67 -19.63 18.31
C ASN D 94 -27.25 -19.06 18.46
N TYR D 95 -27.08 -18.20 19.46
CA TYR D 95 -25.77 -17.61 19.81
C TYR D 95 -25.27 -16.74 18.67
N GLN D 96 -26.19 -16.25 17.85
CA GLN D 96 -25.84 -15.27 16.86
C GLN D 96 -25.91 -13.88 17.47
N LEU D 97 -24.83 -13.12 17.27
CA LEU D 97 -24.73 -11.75 17.76
C LEU D 97 -25.48 -10.81 16.85
N ILE D 98 -26.41 -10.06 17.40
CA ILE D 98 -27.05 -9.00 16.63
C ILE D 98 -26.60 -7.66 17.23
N TRP D 99 -26.05 -6.78 16.40
CA TRP D 99 -25.39 -5.54 16.83
C TRP D 99 -26.24 -4.28 16.66
N GLY D 100 -26.34 -3.47 17.71
CA GLY D 100 -26.82 -2.11 17.53
C GLY D 100 -25.89 -1.31 16.62
N ALA D 101 -26.37 -0.15 16.12
CA ALA D 101 -25.58 0.67 15.22
C ALA D 101 -24.58 1.51 16.00
N GLY D 102 -24.68 1.52 17.32
CA GLY D 102 -23.75 2.25 18.15
C GLY D 102 -24.24 3.62 18.55
N THR D 103 -23.87 4.04 19.74
CA THR D 103 -24.11 5.39 20.20
C THR D 103 -22.78 6.16 20.32
N LYS D 104 -22.67 7.22 19.56
CA LYS D 104 -21.52 8.11 19.65
C LYS D 104 -21.69 9.03 20.86
N LEU D 105 -20.85 8.87 21.86
CA LEU D 105 -20.95 9.74 23.02
C LEU D 105 -19.96 10.89 22.91
N ILE D 106 -20.51 12.11 22.91
CA ILE D 106 -19.72 13.32 22.85
C ILE D 106 -19.71 13.94 24.24
N ILE D 107 -18.52 14.35 24.70
CA ILE D 107 -18.33 14.97 26.01
C ILE D 107 -17.90 16.45 25.88
N LYS D 108 -18.65 17.35 26.51
CA LYS D 108 -18.27 18.76 26.55
C LYS D 108 -17.32 19.01 27.74
N PRO D 109 -16.08 19.47 27.47
CA PRO D 109 -15.18 19.74 28.60
C PRO D 109 -15.70 20.88 29.48
N ASP D 110 -15.38 20.82 30.76
CA ASP D 110 -15.71 21.91 31.66
C ASP D 110 -14.65 23.03 31.51
N ILE D 111 -14.99 24.08 30.78
CA ILE D 111 -14.02 25.16 30.55
C ILE D 111 -14.04 26.19 31.69
N GLN D 112 -12.98 26.15 32.50
CA GLN D 112 -12.83 26.99 33.70
C GLN D 112 -12.84 28.49 33.43
N ASN D 113 -12.00 28.91 32.48
CA ASN D 113 -11.87 30.32 32.22
C ASN D 113 -11.95 30.62 30.72
N PRO D 114 -13.19 30.73 30.21
CA PRO D 114 -13.42 31.00 28.80
C PRO D 114 -12.77 32.31 28.43
N ASP D 115 -12.09 32.31 27.29
CA ASP D 115 -11.38 33.47 26.81
C ASP D 115 -11.50 33.45 25.29
N PRO D 116 -12.75 33.45 24.77
CA PRO D 116 -12.96 33.23 23.35
C PRO D 116 -12.22 34.28 22.52
N ALA D 117 -11.70 33.85 21.37
CA ALA D 117 -10.82 34.68 20.55
C ALA D 117 -10.62 34.05 19.17
N VAL D 118 -10.44 34.88 18.16
CA VAL D 118 -10.11 34.40 16.82
C VAL D 118 -8.72 34.95 16.42
N TYR D 119 -7.75 34.06 16.29
CA TYR D 119 -6.40 34.50 16.02
C TYR D 119 -6.05 34.22 14.57
N GLN D 120 -5.20 35.06 14.00
CA GLN D 120 -4.68 34.80 12.67
C GLN D 120 -3.30 34.14 12.82
N LEU D 121 -3.12 32.95 12.26
CA LEU D 121 -1.79 32.33 12.33
C LEU D 121 -0.87 32.89 11.27
N ARG D 122 0.42 32.72 11.49
CA ARG D 122 1.42 33.21 10.54
C ARG D 122 1.30 32.41 9.25
N ASP D 123 1.28 33.11 8.12
CA ASP D 123 1.35 32.49 6.81
C ASP D 123 2.58 31.55 6.72
N SER D 124 2.47 30.49 5.92
CA SER D 124 3.59 29.65 5.57
C SER D 124 4.14 30.03 4.21
N LYS D 125 5.46 30.16 4.07
CA LYS D 125 6.04 30.47 2.76
C LYS D 125 5.73 29.36 1.75
N SER D 126 5.39 28.18 2.23
CA SER D 126 5.09 27.07 1.33
C SER D 126 3.61 26.88 1.00
N SER D 127 2.75 27.75 1.49
CA SER D 127 1.31 27.60 1.21
C SER D 127 0.64 28.93 0.86
N ASP D 128 -0.30 28.92 -0.09
CA ASP D 128 -1.14 30.11 -0.36
C ASP D 128 -2.32 30.32 0.62
N LYS D 129 -2.39 29.53 1.68
CA LYS D 129 -3.54 29.59 2.58
C LYS D 129 -3.37 30.64 3.68
N SER D 130 -4.44 31.36 4.02
CA SER D 130 -4.41 32.02 5.34
C SER D 130 -5.26 31.21 6.31
N VAL D 131 -4.86 31.22 7.58
CA VAL D 131 -5.36 30.31 8.57
C VAL D 131 -5.80 31.06 9.84
N CYS D 132 -7.02 30.77 10.28
CA CYS D 132 -7.61 31.43 11.44
C CYS D 132 -7.95 30.40 12.51
N LEU D 133 -7.70 30.75 13.76
CA LEU D 133 -7.97 29.84 14.86
C LEU D 133 -8.97 30.45 15.85
N PHE D 134 -10.16 29.86 15.90
CA PHE D 134 -11.18 30.23 16.89
C PHE D 134 -10.89 29.34 18.09
N THR D 135 -10.60 29.94 19.24
CA THR D 135 -10.14 29.12 20.35
C THR D 135 -10.54 29.66 21.71
N ASP D 136 -10.54 28.75 22.70
CA ASP D 136 -10.68 29.03 24.13
C ASP D 136 -12.10 29.42 24.50
N PHE D 137 -13.05 29.11 23.62
CA PHE D 137 -14.47 29.38 23.91
C PHE D 137 -15.11 28.29 24.79
N ASP D 138 -16.23 28.65 25.40
CA ASP D 138 -17.00 27.73 26.25
C ASP D 138 -17.60 26.58 25.44
N SER D 139 -17.79 25.42 26.07
CA SER D 139 -18.29 24.25 25.34
C SER D 139 -19.71 24.39 24.78
N GLN D 140 -20.45 25.40 25.19
CA GLN D 140 -21.80 25.54 24.67
C GLN D 140 -21.81 26.10 23.24
N THR D 141 -20.71 26.75 22.85
CA THR D 141 -20.54 27.22 21.48
C THR D 141 -20.50 26.07 20.46
N ASN D 142 -21.28 26.20 19.39
CA ASN D 142 -21.20 25.29 18.25
C ASN D 142 -20.52 25.95 17.06
N VAL D 143 -19.70 25.20 16.32
CA VAL D 143 -19.02 25.74 15.16
C VAL D 143 -19.74 25.28 13.90
N SER D 144 -20.26 26.24 13.13
CA SER D 144 -20.94 25.93 11.87
C SER D 144 -19.94 25.74 10.74
N GLN D 145 -20.30 24.89 9.78
CA GLN D 145 -19.50 24.69 8.59
C GLN D 145 -19.53 25.92 7.68
N SER D 146 -18.54 26.01 6.81
CA SER D 146 -18.45 27.11 5.86
C SER D 146 -19.70 27.26 5.02
N LYS D 147 -20.10 28.50 4.76
CA LYS D 147 -21.18 28.74 3.82
C LYS D 147 -20.61 29.17 2.46
N ASP D 148 -19.30 29.27 2.39
CA ASP D 148 -18.56 29.63 1.16
C ASP D 148 -17.77 28.42 0.69
N SER D 149 -17.97 28.02 -0.57
CA SER D 149 -17.31 26.82 -1.11
C SER D 149 -15.78 26.88 -1.05
N ASP D 150 -15.18 28.06 -0.95
CA ASP D 150 -13.71 28.14 -0.93
C ASP D 150 -13.16 28.49 0.45
N VAL D 151 -14.02 28.43 1.46
CA VAL D 151 -13.56 28.54 2.84
C VAL D 151 -13.80 27.18 3.51
N TYR D 152 -12.84 26.77 4.33
CA TYR D 152 -12.90 25.47 4.98
C TYR D 152 -12.85 25.69 6.48
N ILE D 153 -13.79 25.07 7.17
CA ILE D 153 -13.91 25.19 8.62
C ILE D 153 -14.07 23.79 9.24
N THR D 154 -13.19 23.47 10.16
CA THR D 154 -13.24 22.16 10.79
C THR D 154 -14.01 22.27 12.09
N ASP D 155 -14.60 21.16 12.53
CA ASP D 155 -15.39 21.13 13.76
C ASP D 155 -14.51 21.36 14.95
N LYS D 156 -15.11 21.70 16.09
CA LYS D 156 -14.32 22.00 17.27
C LYS D 156 -13.63 20.73 17.79
N CYS D 157 -12.37 20.91 18.23
CA CYS D 157 -11.54 19.85 18.79
C CYS D 157 -11.15 20.23 20.22
N VAL D 158 -11.10 19.28 21.13
CA VAL D 158 -10.70 19.57 22.51
C VAL D 158 -9.27 19.11 22.75
N LEU D 159 -8.36 20.03 23.02
CA LEU D 159 -6.99 19.61 23.30
C LEU D 159 -6.67 19.72 24.78
N ASP D 160 -5.74 18.89 25.23
CA ASP D 160 -5.45 18.78 26.65
C ASP D 160 -3.94 18.99 26.88
N MET D 161 -3.59 20.08 27.57
CA MET D 161 -2.19 20.31 27.90
C MET D 161 -1.96 19.74 29.27
N ARG D 162 -1.57 18.47 29.32
CA ARG D 162 -1.58 17.70 30.56
C ARG D 162 -0.67 18.34 31.61
N SER D 163 0.49 18.81 31.15
CA SER D 163 1.45 19.54 31.98
C SER D 163 0.86 20.70 32.78
N MET D 164 -0.12 21.41 32.23
CA MET D 164 -0.74 22.54 32.93
C MET D 164 -2.16 22.21 33.40
N ASP D 165 -2.57 20.97 33.17
CA ASP D 165 -3.93 20.52 33.48
C ASP D 165 -4.98 21.48 32.89
N PHE D 166 -4.84 21.77 31.61
CA PHE D 166 -5.60 22.81 30.94
C PHE D 166 -6.20 22.30 29.64
N LYS D 167 -7.51 22.48 29.48
CA LYS D 167 -8.22 22.03 28.27
C LYS D 167 -8.75 23.24 27.51
N SER D 168 -8.79 23.15 26.19
CA SER D 168 -9.41 24.22 25.42
C SER D 168 -10.05 23.70 24.14
N ASN D 169 -11.20 24.28 23.79
CA ASN D 169 -11.80 24.08 22.48
C ASN D 169 -11.15 24.98 21.44
N SER D 170 -11.02 24.45 20.23
CA SER D 170 -10.76 25.28 19.07
C SER D 170 -11.27 24.68 17.76
N ALA D 171 -11.46 25.55 16.78
CA ALA D 171 -11.83 25.14 15.42
C ALA D 171 -10.95 25.94 14.48
N VAL D 172 -10.70 25.42 13.28
CA VAL D 172 -9.78 26.08 12.35
C VAL D 172 -10.48 26.44 11.03
N ALA D 173 -10.20 27.64 10.52
CA ALA D 173 -10.75 28.08 9.24
C ALA D 173 -9.59 28.46 8.30
N TRP D 174 -9.72 28.14 7.02
CA TRP D 174 -8.70 28.58 6.08
C TRP D 174 -9.22 28.78 4.65
N SER D 175 -8.51 29.60 3.90
CA SER D 175 -8.86 29.86 2.53
C SER D 175 -7.65 30.44 1.81
N ASN D 176 -7.72 30.50 0.49
CA ASN D 176 -6.71 31.24 -0.25
C ASN D 176 -7.37 32.34 -1.06
N LYS D 177 -8.58 32.72 -0.65
CA LYS D 177 -9.31 33.80 -1.30
C LYS D 177 -8.79 35.15 -0.82
N SER D 178 -8.73 36.11 -1.74
CA SER D 178 -8.29 37.46 -1.42
C SER D 178 -9.19 38.09 -0.35
N ASP D 179 -10.48 37.74 -0.38
CA ASP D 179 -11.46 38.32 0.54
C ASP D 179 -11.31 37.83 1.97
N PHE D 180 -10.75 36.63 2.11
CA PHE D 180 -10.75 35.92 3.39
C PHE D 180 -10.05 36.70 4.49
N ALA D 181 -10.74 36.89 5.61
CA ALA D 181 -10.16 37.54 6.77
C ALA D 181 -10.68 36.87 8.03
N CYS D 182 -9.81 36.70 9.02
CA CYS D 182 -10.23 36.02 10.23
C CYS D 182 -11.40 36.73 10.91
N ALA D 183 -11.54 38.04 10.67
CA ALA D 183 -12.64 38.81 11.26
C ALA D 183 -14.00 38.29 10.82
N ASN D 184 -14.04 37.68 9.64
CA ASN D 184 -15.28 37.24 9.02
C ASN D 184 -15.30 35.73 8.79
N ALA D 185 -14.22 35.08 9.20
CA ALA D 185 -14.05 33.65 8.97
C ALA D 185 -15.19 32.80 9.58
N PHE D 186 -15.61 33.15 10.79
CA PHE D 186 -16.60 32.34 11.49
C PHE D 186 -17.95 33.04 11.61
N ASN D 187 -18.25 33.89 10.62
CA ASN D 187 -19.51 34.63 10.57
C ASN D 187 -20.75 33.76 10.51
N ASN D 188 -20.60 32.54 10.02
CA ASN D 188 -21.75 31.64 9.94
C ASN D 188 -22.03 30.96 11.28
N SER D 189 -21.10 31.09 12.23
CA SER D 189 -21.30 30.53 13.56
C SER D 189 -21.85 31.56 14.50
N ILE D 190 -22.60 31.09 15.49
CA ILE D 190 -22.99 31.95 16.60
C ILE D 190 -21.86 31.93 17.60
N ILE D 191 -21.06 33.00 17.63
CA ILE D 191 -19.89 33.03 18.47
C ILE D 191 -20.18 33.95 19.67
N PRO D 192 -19.44 33.79 20.77
CA PRO D 192 -19.64 34.62 21.96
C PRO D 192 -19.44 36.10 21.68
N GLU D 193 -20.24 36.92 22.36
CA GLU D 193 -20.22 38.38 22.26
C GLU D 193 -18.85 38.94 22.55
N ASP D 194 -18.20 38.40 23.58
CA ASP D 194 -16.94 38.95 24.04
C ASP D 194 -15.73 38.36 23.29
N THR D 195 -15.97 37.74 22.14
CA THR D 195 -14.87 37.11 21.40
C THR D 195 -13.83 38.17 21.03
N PHE D 196 -12.58 37.93 21.44
CA PHE D 196 -11.47 38.84 21.19
C PHE D 196 -10.97 38.71 19.74
N PHE D 197 -11.02 39.82 18.99
CA PHE D 197 -10.49 39.89 17.63
C PHE D 197 -9.29 40.87 17.56
N PRO D 198 -8.07 40.34 17.67
CA PRO D 198 -6.88 41.21 17.65
C PRO D 198 -6.79 42.01 16.34
N SER D 199 -6.28 43.23 16.41
CA SER D 199 -6.13 44.02 15.19
C SER D 199 -5.21 43.36 14.16
N PRO D 200 -5.59 43.47 12.88
CA PRO D 200 -4.80 42.92 11.77
C PRO D 200 -3.45 43.58 11.60
N ASN E 1 1.03 -12.71 23.66
CA ASN E 1 0.51 -11.48 24.27
C ASN E 1 0.16 -10.40 23.22
N ALA E 2 0.06 -10.81 21.95
CA ALA E 2 -0.21 -9.85 20.88
C ALA E 2 -1.71 -9.62 20.66
N GLY E 3 -2.54 -10.58 21.09
CA GLY E 3 -3.97 -10.52 20.87
C GLY E 3 -4.33 -10.88 19.45
N VAL E 4 -5.16 -10.06 18.81
CA VAL E 4 -5.54 -10.28 17.42
C VAL E 4 -4.76 -9.35 16.45
N THR E 5 -3.98 -9.94 15.54
CA THR E 5 -3.12 -9.19 14.62
C THR E 5 -3.66 -9.30 13.22
N GLN E 6 -4.14 -8.20 12.66
CA GLN E 6 -4.66 -8.27 11.30
C GLN E 6 -3.96 -7.26 10.39
N THR E 7 -3.87 -7.61 9.10
CA THR E 7 -3.19 -6.78 8.11
C THR E 7 -3.89 -6.89 6.74
N PRO E 8 -3.79 -5.82 5.92
CA PRO E 8 -3.08 -4.56 6.16
C PRO E 8 -3.91 -3.54 6.92
N LYS E 9 -3.27 -2.50 7.43
CA LYS E 9 -3.96 -1.40 8.09
C LYS E 9 -4.86 -0.61 7.12
N PHE E 10 -4.32 -0.30 5.94
CA PHE E 10 -5.06 0.40 4.88
C PHE E 10 -4.85 -0.30 3.54
N GLN E 11 -5.79 -0.12 2.62
CA GLN E 11 -5.59 -0.62 1.27
C GLN E 11 -6.54 0.01 0.27
N VAL E 12 -5.98 0.54 -0.83
CA VAL E 12 -6.80 0.90 -2.00
C VAL E 12 -6.76 -0.22 -3.02
N LEU E 13 -7.90 -0.45 -3.66
CA LEU E 13 -8.04 -1.47 -4.68
C LEU E 13 -8.83 -0.89 -5.85
N LYS E 14 -8.54 -1.40 -7.04
CA LYS E 14 -9.31 -1.09 -8.23
C LYS E 14 -10.42 -2.13 -8.36
N THR E 15 -11.58 -1.73 -8.90
CA THR E 15 -12.69 -2.66 -9.11
C THR E 15 -12.20 -3.90 -9.84
N GLY E 16 -12.41 -5.08 -9.25
CA GLY E 16 -11.97 -6.32 -9.87
C GLY E 16 -10.62 -6.88 -9.45
N GLN E 17 -9.86 -6.14 -8.66
CA GLN E 17 -8.57 -6.61 -8.14
C GLN E 17 -8.81 -7.57 -6.96
N SER E 18 -7.92 -8.55 -6.78
CA SER E 18 -7.99 -9.49 -5.67
C SER E 18 -7.38 -8.91 -4.40
N MET E 19 -7.75 -9.46 -3.25
CA MET E 19 -7.20 -9.00 -1.99
C MET E 19 -7.34 -10.10 -0.93
N THR E 20 -6.30 -10.26 -0.13
CA THR E 20 -6.42 -11.14 1.02
C THR E 20 -6.04 -10.35 2.26
N LEU E 21 -6.90 -10.42 3.27
CA LEU E 21 -6.67 -9.85 4.58
C LEU E 21 -6.21 -10.95 5.54
N GLN E 22 -5.15 -10.69 6.30
CA GLN E 22 -4.61 -11.67 7.23
C GLN E 22 -5.09 -11.44 8.64
N CYS E 23 -5.29 -12.54 9.38
CA CYS E 23 -5.57 -12.42 10.79
C CYS E 23 -5.03 -13.62 11.57
N ALA E 24 -4.27 -13.33 12.62
CA ALA E 24 -3.79 -14.36 13.52
C ALA E 24 -4.16 -13.93 14.92
N GLN E 25 -4.44 -14.90 15.79
CA GLN E 25 -4.62 -14.61 17.21
C GLN E 25 -3.72 -15.55 17.97
N ASP E 26 -3.02 -15.03 18.98
CA ASP E 26 -2.09 -15.85 19.75
C ASP E 26 -2.67 -16.14 21.14
N MET E 27 -3.99 -16.11 21.26
CA MET E 27 -4.63 -16.32 22.55
C MET E 27 -5.11 -17.77 22.77
N ASN E 28 -4.83 -18.65 21.81
CA ASN E 28 -5.28 -20.05 21.79
C ASN E 28 -6.79 -20.17 21.80
N HIS E 29 -7.47 -19.21 21.17
CA HIS E 29 -8.91 -19.28 21.00
C HIS E 29 -9.30 -20.28 19.93
N ASN E 30 -10.53 -20.74 19.97
CA ASN E 30 -11.03 -21.71 19.01
C ASN E 30 -11.88 -21.07 17.92
N SER E 31 -12.51 -19.94 18.24
CA SER E 31 -13.46 -19.32 17.33
C SER E 31 -12.89 -18.05 16.71
N MET E 32 -13.06 -17.89 15.40
CA MET E 32 -12.63 -16.66 14.77
C MET E 32 -13.72 -16.15 13.83
N TYR E 33 -13.72 -14.82 13.60
CA TYR E 33 -14.76 -14.13 12.86
C TYR E 33 -14.16 -13.04 11.96
N TRP E 34 -14.83 -12.72 10.85
CA TRP E 34 -14.57 -11.50 10.07
C TRP E 34 -15.86 -10.65 9.97
N TYR E 35 -15.77 -9.38 10.34
CA TYR E 35 -16.89 -8.44 10.31
C TYR E 35 -16.61 -7.31 9.32
N ARG E 36 -17.65 -6.72 8.75
CA ARG E 36 -17.49 -5.38 8.17
C ARG E 36 -18.31 -4.39 8.95
N GLN E 37 -17.72 -3.21 9.09
CA GLN E 37 -18.32 -2.08 9.76
C GLN E 37 -18.52 -0.93 8.78
N ASP E 38 -19.75 -0.46 8.68
CA ASP E 38 -20.12 0.61 7.76
C ASP E 38 -20.95 1.64 8.51
N PRO E 39 -20.84 2.92 8.10
CA PRO E 39 -21.57 4.00 8.77
C PRO E 39 -23.04 3.71 8.86
N GLY E 40 -23.64 3.99 10.02
CA GLY E 40 -25.09 3.93 10.14
C GLY E 40 -25.67 2.55 10.39
N MET E 41 -24.82 1.56 10.55
CA MET E 41 -25.34 0.25 10.88
C MET E 41 -24.43 -0.51 11.82
N GLY E 42 -24.97 -1.60 12.36
CA GLY E 42 -24.20 -2.44 13.26
C GLY E 42 -23.24 -3.32 12.48
N LEU E 43 -22.21 -3.80 13.17
CA LEU E 43 -21.31 -4.81 12.63
C LEU E 43 -22.06 -5.92 11.90
N ARG E 44 -21.60 -6.31 10.72
CA ARG E 44 -22.22 -7.42 10.01
C ARG E 44 -21.20 -8.51 9.80
N LEU E 45 -21.55 -9.73 10.18
CA LEU E 45 -20.68 -10.90 10.07
C LEU E 45 -20.59 -11.38 8.64
N ILE E 46 -19.36 -11.56 8.15
CA ILE E 46 -19.13 -12.01 6.78
C ILE E 46 -18.98 -13.54 6.72
N TYR E 47 -18.06 -14.08 7.50
CA TYR E 47 -17.86 -15.52 7.65
C TYR E 47 -17.35 -15.76 9.06
N TYR E 48 -17.53 -16.97 9.59
CA TYR E 48 -16.93 -17.28 10.88
C TYR E 48 -16.38 -18.69 10.93
N SER E 49 -15.65 -18.99 12.00
CA SER E 49 -15.04 -20.29 12.14
C SER E 49 -15.19 -20.71 13.60
N ALA E 50 -16.20 -21.55 13.90
CA ALA E 50 -16.53 -21.89 15.29
C ALA E 50 -15.38 -22.64 16.00
N SER E 51 -14.64 -23.44 15.25
CA SER E 51 -13.37 -23.99 15.74
C SER E 51 -12.50 -24.39 14.55
N GLU E 52 -11.27 -24.78 14.84
CA GLU E 52 -10.33 -25.14 13.76
C GLU E 52 -10.95 -26.31 13.00
N GLY E 53 -10.89 -26.29 11.67
CA GLY E 53 -11.51 -27.37 10.93
C GLY E 53 -12.93 -27.14 10.44
N THR E 54 -13.56 -26.01 10.78
CA THR E 54 -14.86 -25.69 10.20
C THR E 54 -15.08 -24.20 9.99
N THR E 55 -15.80 -23.86 8.93
CA THR E 55 -16.19 -22.48 8.65
C THR E 55 -17.59 -22.44 8.05
N ASP E 56 -18.21 -21.27 8.10
CA ASP E 56 -19.51 -21.11 7.46
C ASP E 56 -19.80 -19.64 7.18
N LYS E 57 -20.72 -19.41 6.24
CA LYS E 57 -21.28 -18.09 5.93
C LYS E 57 -21.78 -17.29 7.14
N GLY E 58 -21.58 -15.98 7.14
CA GLY E 58 -22.23 -15.13 8.14
C GLY E 58 -23.50 -14.52 7.56
N GLU E 59 -23.80 -13.28 7.91
CA GLU E 59 -24.90 -12.54 7.27
C GLU E 59 -24.60 -12.04 5.83
N VAL E 60 -23.37 -11.58 5.57
CA VAL E 60 -23.05 -11.03 4.24
C VAL E 60 -21.82 -11.67 3.56
N PRO E 61 -21.94 -12.95 3.17
CA PRO E 61 -20.82 -13.70 2.59
C PRO E 61 -20.54 -13.42 1.11
N ASN E 62 -21.43 -12.74 0.41
CA ASN E 62 -21.29 -12.65 -1.05
C ASN E 62 -20.14 -11.72 -1.46
N GLY E 63 -19.25 -12.25 -2.29
CA GLY E 63 -18.08 -11.50 -2.72
C GLY E 63 -16.88 -11.79 -1.85
N TYR E 64 -17.05 -12.63 -0.84
CA TYR E 64 -15.93 -12.98 0.01
C TYR E 64 -15.74 -14.49 0.15
N ASN E 65 -14.54 -14.87 0.62
CA ASN E 65 -14.26 -16.26 0.99
C ASN E 65 -13.31 -16.27 2.17
N VAL E 66 -13.22 -17.38 2.89
CA VAL E 66 -12.29 -17.44 4.01
C VAL E 66 -11.53 -18.75 4.05
N SER E 67 -10.40 -18.72 4.74
CA SER E 67 -9.73 -19.96 5.10
C SER E 67 -9.30 -19.93 6.54
N ARG E 68 -9.74 -20.92 7.31
CA ARG E 68 -9.18 -21.19 8.62
C ARG E 68 -7.93 -22.01 8.35
N LEU E 69 -6.79 -21.33 8.23
CA LEU E 69 -5.57 -22.00 7.80
C LEU E 69 -5.07 -22.96 8.89
N ASN E 70 -5.29 -22.56 10.14
CA ASN E 70 -4.90 -23.35 11.31
C ASN E 70 -5.64 -22.80 12.53
N LYS E 71 -5.29 -23.23 13.75
CA LYS E 71 -5.97 -22.70 14.93
C LYS E 71 -5.79 -21.19 15.11
N ARG E 72 -4.64 -20.68 14.71
CA ARG E 72 -4.33 -19.27 14.92
C ARG E 72 -4.82 -18.35 13.80
N GLU E 73 -4.99 -18.85 12.58
CA GLU E 73 -5.11 -17.93 11.44
C GLU E 73 -6.38 -18.09 10.62
N PHE E 74 -6.93 -16.95 10.22
CA PHE E 74 -8.23 -16.90 9.58
C PHE E 74 -8.21 -15.77 8.56
N SER E 75 -7.98 -16.11 7.29
CA SER E 75 -7.86 -15.06 6.30
C SER E 75 -9.18 -14.83 5.53
N LEU E 76 -9.41 -13.56 5.20
CA LEU E 76 -10.56 -13.12 4.42
C LEU E 76 -10.16 -12.78 3.00
N ARG E 77 -10.86 -13.37 2.03
CA ARG E 77 -10.51 -13.20 0.63
C ARG E 77 -11.59 -12.43 -0.12
N LEU E 78 -11.16 -11.36 -0.79
CA LEU E 78 -11.98 -10.65 -1.78
C LEU E 78 -11.40 -10.98 -3.11
N GLU E 79 -12.10 -11.75 -3.95
CA GLU E 79 -11.44 -12.09 -5.19
C GLU E 79 -11.76 -11.17 -6.37
N SER E 80 -12.90 -10.51 -6.33
CA SER E 80 -13.22 -9.51 -7.37
C SER E 80 -13.77 -8.23 -6.73
N ALA E 81 -12.87 -7.40 -6.21
CA ALA E 81 -13.20 -6.20 -5.44
C ALA E 81 -14.32 -5.40 -6.10
N ALA E 82 -15.26 -4.94 -5.28
CA ALA E 82 -16.37 -4.13 -5.76
C ALA E 82 -16.46 -2.90 -4.89
N PRO E 83 -16.86 -1.77 -5.48
CA PRO E 83 -17.08 -0.54 -4.72
C PRO E 83 -17.87 -0.73 -3.43
N SER E 84 -18.89 -1.58 -3.48
CA SER E 84 -19.72 -1.78 -2.29
C SER E 84 -18.91 -2.43 -1.16
N GLN E 85 -17.68 -2.88 -1.44
CA GLN E 85 -16.89 -3.55 -0.42
C GLN E 85 -15.93 -2.58 0.27
N THR E 86 -16.00 -1.32 -0.14
CA THR E 86 -15.34 -0.26 0.60
C THR E 86 -15.89 -0.25 2.02
N SER E 87 -15.02 -0.52 2.99
CA SER E 87 -15.47 -0.74 4.36
C SER E 87 -14.31 -0.83 5.32
N VAL E 88 -14.61 -0.96 6.60
CA VAL E 88 -13.59 -1.25 7.58
C VAL E 88 -13.82 -2.67 8.08
N TYR E 89 -12.84 -3.52 7.86
CA TYR E 89 -12.99 -4.93 8.20
C TYR E 89 -12.33 -5.27 9.52
N PHE E 90 -13.06 -5.96 10.38
CA PHE E 90 -12.51 -6.37 11.64
C PHE E 90 -12.46 -7.88 11.77
N CYS E 91 -11.31 -8.37 12.20
CA CYS E 91 -11.13 -9.74 12.62
C CYS E 91 -11.42 -9.81 14.10
N ALA E 92 -12.08 -10.88 14.53
CA ALA E 92 -12.31 -11.11 15.96
C ALA E 92 -12.07 -12.56 16.31
N SER E 93 -11.78 -12.83 17.58
CA SER E 93 -11.73 -14.20 18.04
C SER E 93 -12.43 -14.33 19.39
N SER E 94 -12.91 -15.52 19.72
CA SER E 94 -13.41 -15.81 21.07
C SER E 94 -12.97 -17.22 21.47
N VAL E 95 -12.97 -17.50 22.76
CA VAL E 95 -12.46 -18.77 23.28
C VAL E 95 -13.21 -19.95 22.67
N TRP E 96 -14.54 -19.83 22.64
CA TRP E 96 -15.43 -20.80 22.03
C TRP E 96 -16.61 -20.04 21.40
N THR E 97 -17.52 -20.79 20.78
CA THR E 97 -18.79 -20.25 20.34
C THR E 97 -19.93 -21.07 20.97
N GLY E 98 -21.06 -20.44 21.23
CA GLY E 98 -22.18 -21.13 21.84
C GLY E 98 -22.00 -21.28 23.34
N GLU E 99 -21.12 -20.45 23.88
CA GLU E 99 -21.07 -20.18 25.32
C GLU E 99 -21.62 -18.76 25.46
N GLY E 100 -22.50 -18.57 26.41
CA GLY E 100 -23.29 -17.35 26.45
C GLY E 100 -22.50 -16.11 26.79
N SER E 101 -21.65 -16.21 27.80
CA SER E 101 -20.99 -15.03 28.33
C SER E 101 -19.68 -14.66 27.61
N GLY E 102 -19.22 -15.51 26.70
CA GLY E 102 -17.93 -15.31 26.05
C GLY E 102 -17.91 -14.12 25.10
N GLU E 103 -17.00 -13.18 25.34
CA GLU E 103 -16.89 -11.94 24.54
C GLU E 103 -15.94 -12.08 23.37
N LEU E 104 -16.02 -11.12 22.44
CA LEU E 104 -15.08 -11.07 21.32
C LEU E 104 -13.86 -10.24 21.63
N PHE E 105 -12.74 -10.64 21.06
CA PHE E 105 -11.54 -9.85 21.11
C PHE E 105 -11.27 -9.43 19.66
N PHE E 106 -11.23 -8.13 19.39
CA PHE E 106 -11.12 -7.63 18.01
C PHE E 106 -9.67 -7.26 17.59
N GLY E 107 -9.36 -7.49 16.32
CA GLY E 107 -8.17 -6.92 15.70
C GLY E 107 -8.31 -5.43 15.48
N GLU E 108 -7.24 -4.79 14.99
CA GLU E 108 -7.19 -3.34 14.93
C GLU E 108 -7.99 -2.76 13.78
N GLY E 109 -8.37 -3.61 12.83
CA GLY E 109 -9.16 -3.18 11.68
C GLY E 109 -8.38 -3.01 10.38
N SER E 110 -9.03 -3.29 9.26
CA SER E 110 -8.43 -3.04 7.94
C SER E 110 -9.35 -2.16 7.12
N ARG E 111 -8.89 -0.95 6.80
CA ARG E 111 -9.71 -0.05 5.99
C ARG E 111 -9.46 -0.22 4.49
N LEU E 112 -10.48 -0.67 3.77
CA LEU E 112 -10.40 -0.85 2.33
C LEU E 112 -11.22 0.18 1.55
N THR E 113 -10.64 0.66 0.47
CA THR E 113 -11.38 1.55 -0.43
C THR E 113 -11.24 0.95 -1.82
N VAL E 114 -12.37 0.68 -2.45
CA VAL E 114 -12.39 0.11 -3.79
C VAL E 114 -12.85 1.19 -4.78
N LEU E 115 -11.99 1.50 -5.74
CA LEU E 115 -12.30 2.55 -6.71
C LEU E 115 -12.46 2.00 -8.13
N GLU E 116 -13.36 2.58 -8.90
CA GLU E 116 -13.49 2.22 -10.31
C GLU E 116 -12.19 2.59 -11.06
N ASP E 117 -11.57 3.66 -10.61
CA ASP E 117 -10.43 4.27 -11.31
C ASP E 117 -9.46 4.81 -10.29
N LEU E 118 -8.16 4.55 -10.42
CA LEU E 118 -7.25 5.07 -9.40
C LEU E 118 -6.91 6.55 -9.64
N LYS E 119 -7.50 7.17 -10.66
CA LYS E 119 -7.12 8.52 -11.03
C LYS E 119 -7.61 9.60 -10.05
N ASN E 120 -8.31 9.21 -9.00
CA ASN E 120 -8.74 10.21 -8.02
C ASN E 120 -8.00 10.06 -6.68
N VAL E 121 -7.03 9.15 -6.64
CA VAL E 121 -6.12 9.02 -5.50
C VAL E 121 -5.10 10.18 -5.49
N PHE E 122 -5.01 10.86 -4.35
CA PHE E 122 -4.09 11.98 -4.17
C PHE E 122 -3.46 11.92 -2.81
N PRO E 123 -2.16 12.20 -2.72
CA PRO E 123 -1.56 12.29 -1.39
C PRO E 123 -1.93 13.64 -0.79
N PRO E 124 -1.69 13.84 0.51
CA PRO E 124 -1.99 15.14 1.10
C PRO E 124 -0.90 16.15 0.86
N GLU E 125 -1.31 17.39 0.77
CA GLU E 125 -0.43 18.53 0.84
C GLU E 125 -0.40 18.91 2.32
N VAL E 126 0.79 19.13 2.87
CA VAL E 126 0.90 19.39 4.30
C VAL E 126 1.60 20.72 4.54
N ALA E 127 0.96 21.56 5.35
CA ALA E 127 1.54 22.87 5.65
C ALA E 127 1.37 23.12 7.12
N VAL E 128 2.37 23.80 7.69
CA VAL E 128 2.36 24.14 9.11
C VAL E 128 2.41 25.66 9.25
N PHE E 129 1.54 26.16 10.13
CA PHE E 129 1.36 27.57 10.37
C PHE E 129 1.74 27.95 11.79
N GLU E 130 2.59 28.97 11.92
CA GLU E 130 3.16 29.32 13.21
C GLU E 130 2.19 30.14 14.06
N PRO E 131 2.37 30.11 15.38
CA PRO E 131 1.33 30.71 16.21
C PRO E 131 1.22 32.23 16.09
N SER E 132 0.02 32.71 16.37
CA SER E 132 -0.32 34.11 16.42
C SER E 132 0.42 34.79 17.53
N GLU E 133 1.09 35.90 17.22
CA GLU E 133 1.71 36.71 18.25
C GLU E 133 0.66 37.26 19.21
N ALA E 134 -0.51 37.61 18.68
CA ALA E 134 -1.59 38.04 19.55
C ALA E 134 -1.99 36.93 20.54
N GLU E 135 -2.03 35.68 20.12
CA GLU E 135 -2.36 34.59 21.06
C GLU E 135 -1.30 34.53 22.15
N ILE E 136 -0.04 34.70 21.76
CA ILE E 136 1.05 34.54 22.69
C ILE E 136 0.98 35.61 23.77
N SER E 137 0.73 36.86 23.39
CA SER E 137 0.73 37.88 24.41
C SER E 137 -0.58 37.88 25.22
N HIS E 138 -1.67 37.37 24.64
CA HIS E 138 -2.95 37.35 25.38
C HIS E 138 -3.06 36.17 26.34
N THR E 139 -2.45 35.04 26.00
CA THR E 139 -2.69 33.80 26.75
C THR E 139 -1.42 33.15 27.29
N GLN E 140 -0.25 33.62 26.86
CA GLN E 140 1.02 32.97 27.18
C GLN E 140 1.06 31.52 26.69
N LYS E 141 0.27 31.21 25.68
CA LYS E 141 0.28 29.89 25.05
C LYS E 141 0.46 30.11 23.57
N ALA E 142 0.83 29.05 22.85
CA ALA E 142 1.08 29.18 21.41
C ALA E 142 0.56 27.96 20.67
N THR E 143 -0.34 28.18 19.73
CA THR E 143 -0.94 27.09 18.96
C THR E 143 -0.42 27.04 17.54
N LEU E 144 0.33 25.98 17.21
CA LEU E 144 0.66 25.69 15.82
C LEU E 144 -0.49 24.95 15.19
N VAL E 145 -0.70 25.16 13.89
CA VAL E 145 -1.73 24.42 13.15
C VAL E 145 -1.10 23.70 11.98
N CYS E 146 -1.47 22.44 11.82
CA CYS E 146 -1.08 21.71 10.64
C CYS E 146 -2.32 21.39 9.79
N LEU E 147 -2.24 21.69 8.50
CA LEU E 147 -3.30 21.33 7.53
C LEU E 147 -2.79 20.30 6.53
N ALA E 148 -3.54 19.21 6.41
CA ALA E 148 -3.31 18.17 5.44
C ALA E 148 -4.44 18.21 4.43
N THR E 149 -4.16 18.65 3.21
CA THR E 149 -5.28 18.93 2.31
C THR E 149 -5.17 18.22 0.97
N GLY E 150 -6.34 18.02 0.35
CA GLY E 150 -6.43 17.51 -1.00
C GLY E 150 -6.23 16.03 -1.14
N PHE E 151 -6.28 15.27 -0.04
CA PHE E 151 -5.94 13.85 -0.12
C PHE E 151 -7.16 12.96 -0.32
N TYR E 152 -6.92 11.76 -0.84
CA TYR E 152 -7.97 10.83 -1.14
C TYR E 152 -7.35 9.51 -1.52
N PRO E 153 -7.85 8.40 -0.96
CA PRO E 153 -8.98 8.34 -0.02
C PRO E 153 -8.53 8.74 1.39
N ASP E 154 -9.38 8.60 2.40
CA ASP E 154 -9.05 8.98 3.77
C ASP E 154 -8.25 7.86 4.43
N HIS E 155 -7.00 7.72 3.97
CA HIS E 155 -6.06 6.77 4.53
C HIS E 155 -4.82 7.53 5.00
N VAL E 156 -4.96 8.33 6.06
CA VAL E 156 -3.84 9.08 6.60
C VAL E 156 -3.69 8.94 8.11
N GLU E 157 -2.46 9.13 8.56
CA GLU E 157 -2.11 9.23 9.96
C GLU E 157 -1.21 10.47 10.11
N LEU E 158 -1.71 11.45 10.85
CA LEU E 158 -0.95 12.66 11.15
C LEU E 158 -0.32 12.56 12.54
N SER E 159 0.96 12.88 12.63
CA SER E 159 1.64 12.96 13.92
C SER E 159 2.41 14.26 14.03
N TRP E 160 2.64 14.71 15.26
CA TRP E 160 3.50 15.83 15.58
C TRP E 160 4.77 15.33 16.22
N TRP E 161 5.89 15.94 15.82
CA TRP E 161 7.19 15.61 16.37
C TRP E 161 7.88 16.85 16.90
N VAL E 162 8.26 16.81 18.17
CA VAL E 162 8.97 17.92 18.77
C VAL E 162 10.40 17.47 19.13
N ASN E 163 11.36 18.16 18.52
CA ASN E 163 12.77 17.82 18.65
C ASN E 163 13.01 16.35 18.37
N GLY E 164 12.32 15.85 17.34
CA GLY E 164 12.56 14.52 16.83
C GLY E 164 11.84 13.41 17.57
N LYS E 165 10.95 13.76 18.49
CA LYS E 165 10.20 12.73 19.21
C LYS E 165 8.70 12.99 19.10
N GLU E 166 7.93 11.95 18.75
CA GLU E 166 6.48 12.09 18.62
C GLU E 166 5.87 12.58 19.93
N VAL E 167 4.88 13.45 19.81
CA VAL E 167 4.20 14.01 20.98
C VAL E 167 2.71 13.83 20.80
N HIS E 168 2.01 13.78 21.94
CA HIS E 168 0.56 13.59 22.00
C HIS E 168 -0.07 14.63 22.90
N SER E 169 0.62 14.96 23.98
CA SER E 169 0.13 16.00 24.88
C SER E 169 0.11 17.32 24.13
N GLY E 170 -0.99 18.06 24.24
CA GLY E 170 -1.10 19.35 23.61
C GLY E 170 -1.62 19.29 22.19
N VAL E 171 -1.95 18.07 21.74
CA VAL E 171 -2.40 17.84 20.35
C VAL E 171 -3.91 17.63 20.26
N CYS E 172 -4.56 18.28 19.29
CA CYS E 172 -5.90 17.86 18.88
C CYS E 172 -5.98 17.82 17.35
N THR E 173 -6.20 16.63 16.81
CA THR E 173 -6.38 16.36 15.39
C THR E 173 -7.85 16.05 15.17
N ASP E 174 -8.47 16.61 14.12
CA ASP E 174 -9.88 16.28 13.84
C ASP E 174 -10.11 14.76 13.80
N PRO E 175 -11.11 14.27 14.54
CA PRO E 175 -11.36 12.83 14.54
C PRO E 175 -11.93 12.33 13.22
N GLN E 176 -12.45 13.24 12.40
CA GLN E 176 -12.90 12.91 11.05
C GLN E 176 -12.45 13.94 10.02
N PRO E 177 -12.20 13.52 8.76
CA PRO E 177 -11.77 14.48 7.75
C PRO E 177 -12.91 15.32 7.21
N LEU E 178 -12.55 16.49 6.70
CA LEU E 178 -13.49 17.41 6.06
C LEU E 178 -13.57 17.11 4.56
N LYS E 179 -14.77 16.92 4.02
CA LYS E 179 -14.92 16.87 2.55
C LYS E 179 -14.75 18.27 1.98
N GLU E 180 -13.74 18.45 1.14
CA GLU E 180 -13.45 19.76 0.56
C GLU E 180 -14.58 20.20 -0.37
N GLN E 181 -15.27 19.23 -0.95
CA GLN E 181 -16.48 19.52 -1.73
C GLN E 181 -17.58 18.52 -1.41
N PRO E 182 -18.33 18.77 -0.32
CA PRO E 182 -19.39 17.93 0.25
C PRO E 182 -20.30 17.22 -0.76
N ALA E 183 -20.67 17.89 -1.84
CA ALA E 183 -21.66 17.33 -2.78
C ALA E 183 -21.16 16.11 -3.55
N LEU E 184 -19.93 16.16 -4.07
CA LEU E 184 -19.35 15.07 -4.85
C LEU E 184 -19.01 13.86 -3.98
N ASN E 185 -19.28 12.65 -4.50
CA ASN E 185 -19.10 11.42 -3.69
C ASN E 185 -17.71 10.81 -3.80
N ASP E 186 -16.79 11.61 -4.33
CA ASP E 186 -15.40 11.21 -4.38
C ASP E 186 -14.53 12.38 -3.96
N SER E 187 -15.18 13.39 -3.36
CA SER E 187 -14.51 14.60 -2.89
C SER E 187 -13.21 14.32 -2.16
N ARG E 188 -12.22 15.19 -2.35
CA ARG E 188 -10.97 15.01 -1.65
C ARG E 188 -11.15 15.55 -0.24
N TYR E 189 -10.29 15.10 0.66
CA TYR E 189 -10.39 15.42 2.07
C TYR E 189 -9.39 16.44 2.56
N ALA E 190 -9.76 17.10 3.66
CA ALA E 190 -8.89 17.98 4.42
C ALA E 190 -8.96 17.55 5.88
N LEU E 191 -7.86 17.76 6.61
CA LEU E 191 -7.72 17.34 8.02
C LEU E 191 -6.87 18.39 8.71
N SER E 192 -7.33 18.88 9.84
CA SER E 192 -6.54 19.87 10.58
C SER E 192 -6.10 19.30 11.93
N SER E 193 -4.98 19.79 12.44
CA SER E 193 -4.47 19.38 13.73
C SER E 193 -3.82 20.59 14.39
N ARG E 194 -3.91 20.66 15.71
CA ARG E 194 -3.22 21.71 16.43
C ARG E 194 -2.29 21.15 17.49
N LEU E 195 -1.21 21.89 17.72
CA LEU E 195 -0.30 21.59 18.80
C LEU E 195 -0.17 22.86 19.62
N ARG E 196 -0.53 22.77 20.89
CA ARG E 196 -0.43 23.96 21.72
C ARG E 196 0.67 23.78 22.75
N VAL E 197 1.58 24.74 22.81
CA VAL E 197 2.62 24.70 23.81
C VAL E 197 2.60 26.00 24.60
N SER E 198 3.31 26.04 25.72
CA SER E 198 3.56 27.31 26.42
C SER E 198 4.30 28.34 25.52
N ALA E 199 4.04 29.62 25.76
CA ALA E 199 4.73 30.67 25.05
C ALA E 199 6.25 30.49 25.20
N THR E 200 6.71 30.11 26.38
CA THR E 200 8.14 30.03 26.61
C THR E 200 8.73 28.84 25.84
N PHE E 201 7.96 27.78 25.66
CA PHE E 201 8.47 26.65 24.89
C PHE E 201 8.54 27.04 23.41
N TRP E 202 7.52 27.74 22.92
CA TRP E 202 7.55 28.21 21.54
C TRP E 202 8.70 29.21 21.31
N GLN E 203 9.06 29.98 22.32
CA GLN E 203 10.02 31.07 22.14
C GLN E 203 11.51 30.67 22.27
N ASN E 204 11.78 29.38 22.54
CA ASN E 204 13.13 28.82 22.40
C ASN E 204 13.45 28.59 20.93
N PRO E 205 14.45 29.32 20.41
CA PRO E 205 14.80 29.21 18.98
C PRO E 205 15.30 27.82 18.54
N ARG E 206 15.71 26.97 19.46
CA ARG E 206 16.15 25.64 19.06
C ARG E 206 15.10 24.53 19.34
N ASN E 207 13.85 24.91 19.58
CA ASN E 207 12.80 23.89 19.57
C ASN E 207 12.32 23.66 18.15
N HIS E 208 12.13 22.41 17.76
CA HIS E 208 11.79 22.09 16.38
C HIS E 208 10.46 21.34 16.33
N PHE E 209 9.57 21.80 15.47
CA PHE E 209 8.24 21.23 15.36
C PHE E 209 8.10 20.66 13.97
N ARG E 210 7.51 19.48 13.88
CA ARG E 210 7.24 18.87 12.58
C ARG E 210 5.89 18.21 12.58
N CYS E 211 5.09 18.53 11.58
CA CYS E 211 3.85 17.81 11.35
C CYS E 211 4.07 16.82 10.22
N GLN E 212 3.77 15.55 10.49
CA GLN E 212 4.04 14.48 9.55
C GLN E 212 2.76 13.71 9.22
N VAL E 213 2.46 13.55 7.93
CA VAL E 213 1.31 12.74 7.57
C VAL E 213 1.74 11.54 6.76
N GLN E 214 1.43 10.34 7.28
CA GLN E 214 1.61 9.12 6.54
C GLN E 214 0.40 8.94 5.66
N PHE E 215 0.63 8.70 4.38
CA PHE E 215 -0.46 8.47 3.46
C PHE E 215 -0.34 7.08 2.90
N TYR E 216 -1.44 6.31 2.93
CA TYR E 216 -1.45 4.97 2.37
C TYR E 216 -2.18 5.02 1.04
N GLY E 217 -1.41 4.81 -0.02
CA GLY E 217 -1.90 5.03 -1.38
C GLY E 217 -1.58 3.85 -2.25
N LEU E 218 -0.98 4.11 -3.42
CA LEU E 218 -0.70 3.04 -4.37
C LEU E 218 0.64 2.37 -4.09
N SER E 219 0.83 1.20 -4.69
CA SER E 219 2.09 0.50 -4.58
C SER E 219 2.65 0.18 -5.97
N GLU E 220 3.80 -0.48 -6.00
CA GLU E 220 4.51 -0.82 -7.23
C GLU E 220 3.63 -1.45 -8.31
N ASN E 221 2.80 -2.41 -7.94
CA ASN E 221 2.00 -3.15 -8.90
C ASN E 221 0.81 -2.41 -9.47
N ASP E 222 0.34 -1.37 -8.79
CA ASP E 222 -0.80 -0.61 -9.32
C ASP E 222 -0.40 0.09 -10.62
N GLU E 223 -1.23 -0.05 -11.66
CA GLU E 223 -0.97 0.62 -12.93
C GLU E 223 -1.18 2.13 -12.77
N TRP E 224 -0.30 2.92 -13.34
CA TRP E 224 -0.51 4.35 -13.30
C TRP E 224 -0.34 4.95 -14.71
N THR E 225 -1.33 5.73 -15.13
CA THR E 225 -1.33 6.32 -16.48
C THR E 225 -1.58 7.82 -16.51
N GLN E 226 -1.73 8.46 -15.36
CA GLN E 226 -1.99 9.90 -15.30
C GLN E 226 -0.70 10.71 -15.49
N ASP E 227 -0.86 11.99 -15.90
CA ASP E 227 0.26 12.90 -16.13
C ASP E 227 0.95 13.33 -14.85
N ARG E 228 0.21 13.38 -13.75
CA ARG E 228 0.80 13.76 -12.48
C ARG E 228 1.56 12.59 -11.88
N ALA E 229 2.28 12.83 -10.79
CA ALA E 229 3.05 11.80 -10.13
C ALA E 229 2.13 10.70 -9.54
N LYS E 230 2.59 9.46 -9.65
CA LYS E 230 1.87 8.32 -9.11
C LYS E 230 1.73 8.49 -7.59
N PRO E 231 0.49 8.37 -7.06
CA PRO E 231 0.21 8.65 -5.65
C PRO E 231 0.51 7.48 -4.73
N VAL E 232 1.78 7.13 -4.61
CA VAL E 232 2.22 5.99 -3.81
C VAL E 232 2.16 6.27 -2.31
N THR E 233 2.12 5.19 -1.53
CA THR E 233 2.33 5.28 -0.07
C THR E 233 3.57 6.12 0.22
N GLN E 234 3.42 7.12 1.08
CA GLN E 234 4.48 8.08 1.30
C GLN E 234 4.21 8.91 2.53
N ILE E 235 5.28 9.51 3.04
CA ILE E 235 5.18 10.45 4.14
C ILE E 235 5.38 11.86 3.61
N VAL E 236 4.41 12.72 3.87
CA VAL E 236 4.52 14.15 3.52
C VAL E 236 4.60 14.97 4.80
N SER E 237 5.49 15.95 4.88
CA SER E 237 5.63 16.64 6.16
C SER E 237 5.92 18.13 6.01
N ALA E 238 5.73 18.89 7.08
CA ALA E 238 6.19 20.29 7.09
C ALA E 238 6.69 20.59 8.50
N GLU E 239 7.39 21.70 8.65
CA GLU E 239 8.10 21.96 9.89
C GLU E 239 8.07 23.41 10.28
N ALA E 240 8.46 23.66 11.52
CA ALA E 240 8.70 25.04 11.95
C ALA E 240 9.68 25.04 13.11
N TRP E 241 10.44 26.12 13.23
CA TRP E 241 11.30 26.28 14.38
C TRP E 241 10.72 27.34 15.30
N GLY E 242 11.05 27.23 16.59
CA GLY E 242 10.72 28.24 17.57
C GLY E 242 11.26 29.61 17.21
N ARG E 243 10.60 30.63 17.74
CA ARG E 243 10.88 32.00 17.37
C ARG E 243 11.15 32.83 18.61
N ALA E 244 12.34 33.43 18.69
CA ALA E 244 12.72 34.26 19.82
C ALA E 244 11.86 35.52 19.92
N ILE F 1 -16.58 -48.11 37.36
CA ILE F 1 -17.70 -49.02 37.46
C ILE F 1 -18.32 -49.29 36.08
N GLN F 2 -18.20 -50.54 35.62
CA GLN F 2 -18.86 -50.95 34.39
C GLN F 2 -20.17 -51.66 34.75
N ARG F 3 -21.24 -51.34 34.03
CA ARG F 3 -22.54 -51.92 34.30
C ARG F 3 -22.93 -52.90 33.22
N THR F 4 -23.32 -54.10 33.63
CA THR F 4 -23.68 -55.11 32.66
C THR F 4 -25.11 -54.89 32.10
N PRO F 5 -25.34 -55.22 30.83
CA PRO F 5 -26.66 -55.00 30.23
C PRO F 5 -27.76 -55.90 30.83
N LYS F 6 -28.93 -55.30 31.04
CA LYS F 6 -30.15 -56.04 31.29
C LYS F 6 -30.80 -56.38 29.94
N ILE F 7 -31.20 -57.63 29.78
CA ILE F 7 -31.67 -58.15 28.50
C ILE F 7 -33.11 -58.66 28.59
N GLN F 8 -34.03 -57.95 27.97
CA GLN F 8 -35.43 -58.39 28.03
C GLN F 8 -35.97 -58.72 26.64
N VAL F 9 -36.53 -59.92 26.51
CA VAL F 9 -37.00 -60.44 25.23
C VAL F 9 -38.49 -60.69 25.28
N TYR F 10 -39.20 -60.12 24.33
CA TYR F 10 -40.64 -60.07 24.40
C TYR F 10 -41.17 -59.78 23.00
N SER F 11 -42.44 -60.06 22.79
CA SER F 11 -43.05 -59.80 21.51
C SER F 11 -43.76 -58.46 21.58
N ARG F 12 -43.88 -57.79 20.44
CA ARG F 12 -44.59 -56.51 20.36
C ARG F 12 -46.06 -56.61 20.83
N HIS F 13 -46.80 -57.54 20.23
CA HIS F 13 -48.16 -57.87 20.66
C HIS F 13 -48.15 -59.19 21.42
N PRO F 14 -49.23 -59.49 22.17
CA PRO F 14 -49.37 -60.82 22.75
C PRO F 14 -49.27 -61.90 21.69
N ALA F 15 -48.36 -62.85 21.91
CA ALA F 15 -48.01 -63.80 20.88
C ALA F 15 -49.12 -64.81 20.65
N GLU F 16 -49.37 -65.12 19.39
CA GLU F 16 -50.33 -66.16 19.03
C GLU F 16 -49.80 -66.89 17.82
N ASN F 17 -49.68 -68.22 17.92
CA ASN F 17 -49.09 -69.02 16.85
C ASN F 17 -49.82 -68.82 15.54
N GLY F 18 -49.06 -68.70 14.46
CA GLY F 18 -49.63 -68.40 13.15
C GLY F 18 -49.81 -66.91 12.86
N LYS F 19 -49.95 -66.10 13.91
CA LYS F 19 -50.22 -64.67 13.75
C LYS F 19 -48.94 -63.85 13.80
N SER F 20 -48.68 -63.10 12.72
CA SER F 20 -47.45 -62.33 12.61
C SER F 20 -47.28 -61.31 13.72
N ASN F 21 -46.02 -61.12 14.11
CA ASN F 21 -45.69 -60.29 15.24
C ASN F 21 -44.30 -59.70 15.04
N PHE F 22 -43.79 -59.09 16.10
CA PHE F 22 -42.43 -58.59 16.13
C PHE F 22 -41.78 -59.10 17.40
N LEU F 23 -40.58 -59.64 17.29
CA LEU F 23 -39.83 -60.10 18.44
C LEU F 23 -38.83 -59.05 18.85
N ASN F 24 -38.95 -58.55 20.08
CA ASN F 24 -38.09 -57.49 20.59
C ASN F 24 -37.04 -57.99 21.56
N CYS F 25 -35.85 -57.41 21.48
CA CYS F 25 -34.83 -57.57 22.50
C CYS F 25 -34.32 -56.20 22.95
N TYR F 26 -34.74 -55.82 24.15
CA TYR F 26 -34.44 -54.50 24.67
C TYR F 26 -33.26 -54.62 25.63
N VAL F 27 -32.16 -53.99 25.27
CA VAL F 27 -30.92 -54.09 26.03
C VAL F 27 -30.66 -52.77 26.74
N SER F 28 -30.56 -52.79 28.06
CA SER F 28 -30.50 -51.49 28.75
C SER F 28 -29.59 -51.47 29.97
N GLY F 29 -29.33 -50.29 30.48
CA GLY F 29 -28.62 -50.10 31.74
C GLY F 29 -27.13 -50.40 31.69
N PHE F 30 -26.58 -50.60 30.50
CA PHE F 30 -25.15 -50.93 30.40
C PHE F 30 -24.24 -49.69 30.26
N HIS F 31 -22.96 -49.90 30.56
CA HIS F 31 -21.93 -48.89 30.43
C HIS F 31 -20.59 -49.59 30.49
N PRO F 32 -19.67 -49.29 29.56
CA PRO F 32 -19.70 -48.28 28.48
C PRO F 32 -20.55 -48.73 27.28
N SER F 33 -20.52 -47.97 26.19
CA SER F 33 -21.59 -48.09 25.19
C SER F 33 -21.45 -49.23 24.15
N ASP F 34 -20.23 -49.69 23.87
CA ASP F 34 -20.02 -50.75 22.86
C ASP F 34 -20.78 -52.00 23.25
N ILE F 35 -21.49 -52.57 22.28
CA ILE F 35 -22.27 -53.75 22.57
C ILE F 35 -22.60 -54.47 21.27
N GLU F 36 -22.76 -55.79 21.36
CA GLU F 36 -23.19 -56.61 20.24
C GLU F 36 -24.48 -57.33 20.59
N VAL F 37 -25.45 -57.29 19.67
CA VAL F 37 -26.73 -57.92 19.91
C VAL F 37 -27.21 -58.73 18.70
N ASP F 38 -27.46 -60.01 18.92
CA ASP F 38 -28.04 -60.82 17.87
C ASP F 38 -29.37 -61.45 18.31
N LEU F 39 -30.25 -61.68 17.35
CA LEU F 39 -31.47 -62.42 17.60
C LEU F 39 -31.29 -63.80 17.01
N LEU F 40 -31.59 -64.84 17.79
CA LEU F 40 -31.43 -66.20 17.33
C LEU F 40 -32.79 -66.84 17.11
N LYS F 41 -32.87 -67.68 16.09
CA LYS F 41 -34.02 -68.52 15.85
C LYS F 41 -33.51 -69.95 15.77
N ASN F 42 -33.91 -70.76 16.75
CA ASN F 42 -33.42 -72.13 16.90
C ASN F 42 -31.90 -72.15 17.07
N GLY F 43 -31.36 -71.10 17.68
CA GLY F 43 -29.94 -71.03 18.00
C GLY F 43 -29.09 -70.40 16.91
N GLU F 44 -29.68 -70.21 15.74
CA GLU F 44 -28.97 -69.63 14.61
C GLU F 44 -29.29 -68.14 14.51
N ARG F 45 -28.32 -67.32 14.10
CA ARG F 45 -28.53 -65.88 14.03
C ARG F 45 -29.47 -65.48 12.89
N ILE F 46 -30.35 -64.52 13.17
CA ILE F 46 -31.30 -63.99 12.19
C ILE F 46 -30.67 -62.85 11.38
N GLU F 47 -30.75 -62.94 10.05
CA GLU F 47 -30.02 -62.03 9.18
C GLU F 47 -30.55 -60.60 9.22
N LYS F 48 -31.85 -60.43 8.96
CA LYS F 48 -32.35 -59.08 8.90
C LYS F 48 -32.94 -58.75 10.28
N VAL F 49 -32.19 -57.99 11.08
CA VAL F 49 -32.58 -57.55 12.40
C VAL F 49 -32.36 -56.06 12.47
N GLU F 50 -33.39 -55.34 12.87
CA GLU F 50 -33.31 -53.89 12.95
C GLU F 50 -32.98 -53.43 14.38
N HIS F 51 -32.42 -52.24 14.52
CA HIS F 51 -32.21 -51.68 15.84
C HIS F 51 -32.31 -50.17 15.86
N SER F 52 -32.82 -49.66 16.95
CA SER F 52 -32.83 -48.24 17.19
C SER F 52 -31.40 -47.72 17.32
N ASP F 53 -31.23 -46.40 17.23
CA ASP F 53 -29.93 -45.81 17.54
C ASP F 53 -29.64 -45.95 19.02
N LEU F 54 -28.36 -45.99 19.39
CA LEU F 54 -27.93 -45.90 20.80
C LEU F 54 -28.71 -44.80 21.53
N SER F 55 -29.29 -45.16 22.67
CA SER F 55 -30.07 -44.19 23.41
C SER F 55 -29.43 -43.91 24.77
N PHE F 56 -29.73 -42.75 25.32
CA PHE F 56 -29.11 -42.30 26.55
C PHE F 56 -30.09 -42.19 27.69
N SER F 57 -29.73 -42.73 28.86
CA SER F 57 -30.54 -42.59 30.07
C SER F 57 -29.97 -41.56 31.03
N LYS F 58 -30.82 -41.04 31.90
CA LYS F 58 -30.45 -40.02 32.88
C LYS F 58 -29.41 -40.53 33.88
N ASP F 59 -29.35 -41.85 34.08
CA ASP F 59 -28.38 -42.39 35.05
C ASP F 59 -27.03 -42.69 34.39
N TRP F 60 -26.90 -42.18 33.15
CA TRP F 60 -25.70 -42.19 32.32
C TRP F 60 -25.51 -43.50 31.57
N SER F 61 -26.38 -44.47 31.85
CA SER F 61 -26.31 -45.74 31.12
C SER F 61 -26.99 -45.62 29.77
N PHE F 62 -26.94 -46.70 29.00
CA PHE F 62 -27.36 -46.71 27.60
C PHE F 62 -28.40 -47.77 27.34
N TYR F 63 -29.18 -47.63 26.27
CA TYR F 63 -30.11 -48.67 25.90
C TYR F 63 -30.41 -48.70 24.41
N LEU F 64 -30.80 -49.88 23.94
CA LEU F 64 -31.08 -50.18 22.55
C LEU F 64 -32.27 -51.16 22.40
N LEU F 65 -33.07 -50.96 21.36
CA LEU F 65 -34.06 -51.94 20.98
C LEU F 65 -33.66 -52.64 19.68
N TYR F 66 -33.42 -53.94 19.75
CA TYR F 66 -33.28 -54.81 18.56
C TYR F 66 -34.58 -55.57 18.32
N TYR F 67 -34.94 -55.79 17.06
CA TYR F 67 -36.22 -56.43 16.74
C TYR F 67 -36.30 -57.06 15.34
N THR F 68 -37.17 -58.06 15.19
CA THR F 68 -37.46 -58.65 13.87
C THR F 68 -38.92 -58.95 13.74
N GLU F 69 -39.42 -58.86 12.51
CA GLU F 69 -40.74 -59.37 12.20
C GLU F 69 -40.64 -60.89 12.23
N PHE F 70 -41.55 -61.52 12.97
CA PHE F 70 -41.58 -62.99 13.07
C PHE F 70 -43.00 -63.49 13.20
N THR F 71 -43.21 -64.71 12.74
CA THR F 71 -44.45 -65.42 12.97
C THR F 71 -44.15 -66.58 13.90
N PRO F 72 -44.51 -66.43 15.18
CA PRO F 72 -44.25 -67.46 16.20
C PRO F 72 -44.95 -68.77 15.86
N THR F 73 -44.16 -69.84 15.71
CA THR F 73 -44.74 -71.18 15.60
C THR F 73 -44.45 -71.91 16.90
N GLU F 74 -45.09 -73.05 17.12
CA GLU F 74 -44.91 -73.77 18.37
C GLU F 74 -43.53 -74.42 18.48
N LYS F 75 -42.96 -74.81 17.34
CA LYS F 75 -41.67 -75.51 17.32
C LYS F 75 -40.48 -74.58 17.51
N ASP F 76 -40.65 -73.31 17.17
CA ASP F 76 -39.52 -72.39 17.08
C ASP F 76 -39.17 -71.72 18.41
N GLU F 77 -37.91 -71.89 18.81
CA GLU F 77 -37.35 -71.27 20.01
C GLU F 77 -36.55 -70.01 19.64
N TYR F 78 -36.92 -68.87 20.20
CA TYR F 78 -36.24 -67.63 19.88
C TYR F 78 -35.40 -67.12 21.04
N ALA F 79 -34.30 -66.45 20.73
CA ALA F 79 -33.41 -65.97 21.78
C ALA F 79 -32.75 -64.65 21.39
N CYS F 80 -32.22 -63.93 22.38
CA CYS F 80 -31.39 -62.75 22.13
C CYS F 80 -30.00 -62.97 22.71
N ARG F 81 -28.97 -62.80 21.88
CA ARG F 81 -27.59 -63.01 22.30
C ARG F 81 -26.86 -61.68 22.39
N VAL F 82 -26.21 -61.44 23.52
CA VAL F 82 -25.61 -60.15 23.79
C VAL F 82 -24.14 -60.27 24.20
N ASN F 83 -23.29 -59.40 23.65
CA ASN F 83 -21.91 -59.31 24.14
C ASN F 83 -21.51 -57.90 24.57
N HIS F 84 -20.73 -57.84 25.64
CA HIS F 84 -20.38 -56.58 26.27
C HIS F 84 -19.11 -56.80 27.04
N VAL F 85 -18.41 -55.72 27.39
CA VAL F 85 -17.13 -55.85 28.05
C VAL F 85 -17.30 -56.41 29.47
N THR F 86 -18.51 -56.31 30.00
CA THR F 86 -18.81 -56.86 31.32
C THR F 86 -19.13 -58.36 31.29
N LEU F 87 -19.17 -58.95 30.10
CA LEU F 87 -19.54 -60.36 29.97
C LEU F 87 -18.37 -61.19 29.49
N SER F 88 -18.10 -62.28 30.22
CA SER F 88 -16.98 -63.18 29.97
C SER F 88 -17.20 -63.99 28.71
N GLN F 89 -18.46 -64.37 28.50
CA GLN F 89 -18.89 -65.06 27.29
C GLN F 89 -20.20 -64.41 26.88
N PRO F 90 -20.58 -64.57 25.60
CA PRO F 90 -21.92 -64.12 25.20
C PRO F 90 -22.99 -64.55 26.20
N LYS F 91 -23.99 -63.70 26.40
CA LYS F 91 -25.11 -64.03 27.27
C LYS F 91 -26.35 -64.24 26.41
N ILE F 92 -26.96 -65.41 26.56
CA ILE F 92 -28.14 -65.78 25.77
C ILE F 92 -29.41 -65.76 26.61
N VAL F 93 -30.40 -64.99 26.16
CA VAL F 93 -31.70 -64.94 26.83
C VAL F 93 -32.80 -65.45 25.91
N LYS F 94 -33.44 -66.56 26.29
CA LYS F 94 -34.50 -67.15 25.50
C LYS F 94 -35.82 -66.38 25.64
N TRP F 95 -36.55 -66.23 24.53
CA TRP F 95 -37.89 -65.67 24.57
C TRP F 95 -38.84 -66.59 25.36
N ASP F 96 -39.31 -66.09 26.50
CA ASP F 96 -40.19 -66.84 27.37
C ASP F 96 -41.65 -66.67 26.95
N ARG F 97 -42.32 -67.79 26.79
CA ARG F 97 -43.68 -67.79 26.31
C ARG F 97 -44.64 -68.14 27.44
N GLY G 3 15.60 23.25 -37.98
CA GLY G 3 15.95 23.32 -36.58
C GLY G 3 17.44 23.29 -36.36
N VAL G 4 18.04 22.13 -36.62
CA VAL G 4 19.49 21.99 -36.59
C VAL G 4 19.98 21.74 -38.01
N THR G 5 20.82 22.63 -38.53
CA THR G 5 21.36 22.51 -39.88
C THR G 5 22.83 22.12 -39.84
N GLN G 6 23.18 21.00 -40.46
CA GLN G 6 24.58 20.60 -40.47
C GLN G 6 24.95 20.25 -41.88
N THR G 7 26.23 20.47 -42.20
CA THR G 7 26.77 20.20 -43.53
C THR G 7 28.20 19.65 -43.40
N PRO G 8 28.65 18.84 -44.38
CA PRO G 8 27.94 18.44 -45.59
C PRO G 8 27.17 17.13 -45.34
N LYS G 9 26.23 16.80 -46.21
CA LYS G 9 25.48 15.57 -46.07
C LYS G 9 26.39 14.38 -46.34
N PHE G 10 27.29 14.56 -47.31
CA PHE G 10 28.19 13.51 -47.75
C PHE G 10 29.60 14.08 -47.95
N GLN G 11 30.63 13.28 -47.70
CA GLN G 11 31.99 13.71 -47.95
C GLN G 11 32.93 12.51 -48.00
N VAL G 12 33.70 12.43 -49.07
CA VAL G 12 34.80 11.47 -49.19
C VAL G 12 36.09 12.18 -48.82
N LEU G 13 36.91 11.56 -47.97
CA LEU G 13 38.20 12.14 -47.61
C LEU G 13 39.32 11.17 -47.88
N LYS G 14 40.47 11.70 -48.29
CA LYS G 14 41.68 10.90 -48.34
C LYS G 14 42.32 10.95 -46.96
N THR G 15 42.95 9.86 -46.54
CA THR G 15 43.64 9.80 -45.24
C THR G 15 44.60 10.97 -45.10
N GLY G 16 44.58 11.64 -43.94
CA GLY G 16 45.47 12.75 -43.67
C GLY G 16 44.92 14.13 -43.99
N GLN G 17 43.82 14.18 -44.74
CA GLN G 17 43.16 15.43 -45.09
C GLN G 17 42.50 16.07 -43.88
N SER G 18 42.39 17.40 -43.93
CA SER G 18 41.60 18.15 -42.96
C SER G 18 40.16 18.20 -43.42
N MET G 19 39.27 18.49 -42.48
CA MET G 19 37.84 18.55 -42.73
C MET G 19 37.13 19.28 -41.60
N THR G 20 36.27 20.24 -41.91
CA THR G 20 35.38 20.83 -40.90
C THR G 20 33.91 20.57 -41.22
N LEU G 21 33.20 20.02 -40.24
CA LEU G 21 31.74 19.86 -40.31
C LEU G 21 31.06 21.05 -39.61
N GLN G 22 30.14 21.70 -40.29
CA GLN G 22 29.46 22.80 -39.65
C GLN G 22 28.08 22.38 -39.13
N CYS G 23 27.73 22.95 -37.97
CA CYS G 23 26.40 22.81 -37.42
C CYS G 23 25.88 24.14 -36.87
N ALA G 24 24.64 24.48 -37.21
CA ALA G 24 24.04 25.69 -36.69
C ALA G 24 22.63 25.36 -36.20
N GLN G 25 22.20 26.02 -35.15
CA GLN G 25 20.84 25.88 -34.67
C GLN G 25 20.28 27.28 -34.42
N ASP G 26 19.07 27.53 -34.90
CA ASP G 26 18.40 28.81 -34.65
C ASP G 26 17.23 28.65 -33.64
N MET G 27 17.44 27.83 -32.62
CA MET G 27 16.38 27.64 -31.63
C MET G 27 16.71 28.35 -30.33
N ASN G 28 17.80 29.12 -30.37
CA ASN G 28 18.36 29.78 -29.20
C ASN G 28 18.63 28.79 -28.08
N HIS G 29 19.14 27.63 -28.46
CA HIS G 29 19.61 26.63 -27.51
C HIS G 29 20.98 26.99 -26.97
N ASN G 30 21.24 26.58 -25.73
CA ASN G 30 22.54 26.86 -25.15
C ASN G 30 23.56 25.74 -25.33
N SER G 31 23.08 24.50 -25.45
CA SER G 31 23.93 23.31 -25.50
C SER G 31 23.99 22.66 -26.87
N MET G 32 25.19 22.28 -27.31
CA MET G 32 25.33 21.59 -28.58
C MET G 32 26.28 20.42 -28.43
N TYR G 33 26.14 19.45 -29.33
CA TYR G 33 26.81 18.17 -29.22
C TYR G 33 27.25 17.69 -30.57
N TRP G 34 28.35 16.97 -30.60
CA TRP G 34 28.67 16.18 -31.78
C TRP G 34 28.74 14.69 -31.45
N TYR G 35 27.99 13.90 -32.22
CA TYR G 35 27.96 12.47 -32.05
C TYR G 35 28.47 11.76 -33.27
N ARG G 36 29.05 10.57 -33.09
CA ARG G 36 29.18 9.65 -34.21
C ARG G 36 28.32 8.41 -33.95
N GLN G 37 27.77 7.87 -35.03
CA GLN G 37 26.96 6.68 -34.98
C GLN G 37 27.59 5.58 -35.84
N ASP G 38 27.91 4.45 -35.22
CA ASP G 38 28.54 3.34 -35.92
C ASP G 38 27.71 2.10 -35.70
N PRO G 39 27.62 1.23 -36.72
CA PRO G 39 26.81 0.00 -36.64
C PRO G 39 27.12 -0.83 -35.39
N GLY G 40 26.06 -1.23 -34.67
CA GLY G 40 26.24 -2.16 -33.57
C GLY G 40 26.51 -1.51 -32.24
N MET G 41 26.50 -0.18 -32.18
CA MET G 41 26.69 0.42 -30.87
C MET G 41 25.81 1.67 -30.66
N GLY G 42 25.74 2.14 -29.42
CA GLY G 42 24.97 3.32 -29.12
C GLY G 42 25.70 4.56 -29.59
N LEU G 43 24.99 5.69 -29.66
CA LEU G 43 25.59 6.93 -30.10
C LEU G 43 26.78 7.24 -29.20
N ARG G 44 27.87 7.73 -29.77
CA ARG G 44 28.99 8.14 -28.94
C ARG G 44 29.31 9.62 -29.07
N LEU G 45 29.35 10.28 -27.93
CA LEU G 45 29.65 11.70 -27.84
C LEU G 45 31.14 11.96 -28.10
N ILE G 46 31.41 12.85 -29.05
CA ILE G 46 32.78 13.22 -29.42
C ILE G 46 33.22 14.42 -28.56
N TYR G 47 32.43 15.48 -28.64
CA TYR G 47 32.65 16.72 -27.90
C TYR G 47 31.28 17.34 -27.65
N TYR G 48 31.21 18.23 -26.66
CA TYR G 48 29.99 18.97 -26.42
C TYR G 48 30.28 20.37 -25.89
N SER G 49 29.27 21.21 -25.93
CA SER G 49 29.40 22.58 -25.46
C SER G 49 28.18 22.90 -24.60
N ALA G 50 28.35 23.02 -23.29
CA ALA G 50 27.19 23.10 -22.39
C ALA G 50 26.44 24.43 -22.55
N SER G 51 27.20 25.47 -22.89
CA SER G 51 26.67 26.79 -23.23
C SER G 51 27.75 27.54 -24.02
N GLU G 52 27.37 28.71 -24.53
CA GLU G 52 28.30 29.56 -25.26
C GLU G 52 29.53 29.78 -24.38
N GLY G 53 30.70 29.60 -24.94
CA GLY G 53 31.90 29.99 -24.21
C GLY G 53 32.56 28.89 -23.40
N THR G 54 32.04 27.67 -23.52
CA THR G 54 32.73 26.52 -22.97
C THR G 54 32.48 25.28 -23.82
N THR G 55 33.49 24.42 -23.91
CA THR G 55 33.36 23.14 -24.59
C THR G 55 34.11 22.11 -23.76
N ASP G 56 33.83 20.84 -24.01
CA ASP G 56 34.60 19.76 -23.40
C ASP G 56 34.52 18.46 -24.17
N LYS G 57 35.55 17.64 -23.97
CA LYS G 57 35.64 16.26 -24.48
C LYS G 57 34.42 15.45 -24.07
N GLY G 58 33.94 14.60 -24.96
CA GLY G 58 32.98 13.58 -24.62
C GLY G 58 33.72 12.25 -24.47
N GLU G 59 33.15 11.20 -25.05
CA GLU G 59 33.67 9.84 -24.87
C GLU G 59 34.79 9.52 -25.85
N VAL G 60 34.70 10.01 -27.09
CA VAL G 60 35.69 9.68 -28.11
C VAL G 60 36.30 10.92 -28.78
N PRO G 61 36.96 11.78 -28.00
CA PRO G 61 37.41 13.05 -28.56
C PRO G 61 38.70 12.97 -29.41
N ASN G 62 39.43 11.86 -29.38
CA ASN G 62 40.71 11.75 -30.08
C ASN G 62 40.61 11.74 -31.60
N GLY G 63 41.33 12.66 -32.24
CA GLY G 63 41.25 12.77 -33.68
C GLY G 63 40.43 13.98 -34.06
N TYR G 64 39.75 14.54 -33.08
CA TYR G 64 38.81 15.62 -33.28
C TYR G 64 39.10 16.82 -32.38
N ASN G 65 38.55 17.96 -32.79
CA ASN G 65 38.45 19.08 -31.90
C ASN G 65 37.25 19.90 -32.37
N VAL G 66 36.81 20.85 -31.54
CA VAL G 66 35.60 21.63 -31.81
C VAL G 66 35.77 23.11 -31.52
N SER G 67 34.92 23.90 -32.16
CA SER G 67 34.85 25.32 -31.84
C SER G 67 33.39 25.73 -31.65
N ARG G 68 33.07 26.19 -30.45
CA ARG G 68 31.78 26.83 -30.23
C ARG G 68 31.98 28.28 -30.66
N LEU G 69 31.69 28.54 -31.92
CA LEU G 69 31.95 29.84 -32.55
C LEU G 69 31.12 30.98 -31.96
N ASN G 70 29.86 30.69 -31.63
CA ASN G 70 28.93 31.67 -31.10
C ASN G 70 27.79 30.85 -30.49
N LYS G 71 26.67 31.48 -30.13
CA LYS G 71 25.57 30.71 -29.52
C LYS G 71 24.94 29.72 -30.51
N ARG G 72 24.96 30.06 -31.78
CA ARG G 72 24.32 29.27 -32.83
C ARG G 72 25.16 28.10 -33.37
N GLU G 73 26.49 28.28 -33.39
CA GLU G 73 27.33 27.39 -34.19
C GLU G 73 28.39 26.61 -33.44
N PHE G 74 28.45 25.31 -33.75
CA PHE G 74 29.35 24.36 -33.13
C PHE G 74 29.98 23.55 -34.25
N SER G 75 31.24 23.85 -34.59
CA SER G 75 31.88 23.13 -35.67
C SER G 75 32.79 22.03 -35.16
N LEU G 76 32.84 20.96 -35.94
CA LEU G 76 33.66 19.80 -35.63
C LEU G 76 34.79 19.68 -36.64
N ARG G 77 36.00 19.44 -36.16
CA ARG G 77 37.15 19.48 -37.02
C ARG G 77 37.88 18.14 -36.96
N LEU G 78 38.15 17.57 -38.13
CA LEU G 78 39.02 16.41 -38.23
C LEU G 78 40.37 16.94 -38.75
N GLU G 79 41.35 17.06 -37.86
CA GLU G 79 42.61 17.70 -38.21
C GLU G 79 43.44 16.85 -39.18
N SER G 80 43.33 15.53 -39.05
CA SER G 80 44.05 14.60 -39.93
C SER G 80 43.25 13.32 -40.11
N ALA G 81 42.35 13.31 -41.09
CA ALA G 81 41.36 12.25 -41.20
C ALA G 81 41.98 10.87 -41.29
N ALA G 82 41.37 9.93 -40.57
CA ALA G 82 41.85 8.56 -40.56
C ALA G 82 40.70 7.62 -40.95
N PRO G 83 41.03 6.47 -41.55
CA PRO G 83 39.99 5.54 -41.98
C PRO G 83 38.95 5.18 -40.89
N SER G 84 39.37 5.12 -39.63
CA SER G 84 38.47 4.75 -38.55
C SER G 84 37.47 5.85 -38.27
N GLN G 85 37.67 7.00 -38.91
CA GLN G 85 36.73 8.10 -38.74
C GLN G 85 35.61 8.09 -39.78
N THR G 86 35.61 7.06 -40.64
CA THR G 86 34.50 6.75 -41.52
C THR G 86 33.29 6.46 -40.65
N SER G 87 32.25 7.29 -40.76
CA SER G 87 31.12 7.22 -39.85
C SER G 87 29.98 8.14 -40.26
N VAL G 88 28.89 8.08 -39.50
CA VAL G 88 27.84 9.08 -39.61
C VAL G 88 27.86 9.99 -38.40
N TYR G 89 27.96 11.29 -38.68
CA TYR G 89 28.10 12.30 -37.64
C TYR G 89 26.79 13.03 -37.50
N PHE G 90 26.34 13.17 -36.24
CA PHE G 90 25.14 13.95 -35.92
C PHE G 90 25.52 15.07 -34.98
N CYS G 91 25.15 16.28 -35.38
CA CYS G 91 25.12 17.42 -34.48
C CYS G 91 23.79 17.44 -33.76
N ALA G 92 23.77 17.81 -32.49
CA ALA G 92 22.49 18.00 -31.81
C ALA G 92 22.56 19.20 -30.89
N SER G 93 21.40 19.73 -30.52
CA SER G 93 21.35 20.76 -29.51
C SER G 93 20.23 20.48 -28.49
N SER G 94 20.32 21.15 -27.34
CA SER G 94 19.24 21.13 -26.35
C SER G 94 19.19 22.51 -25.69
N VAL G 95 18.05 22.82 -25.09
CA VAL G 95 17.83 24.13 -24.51
C VAL G 95 18.93 24.40 -23.49
N TRP G 96 19.18 23.44 -22.61
CA TRP G 96 20.27 23.56 -21.63
C TRP G 96 20.88 22.19 -21.40
N THR G 97 21.82 22.11 -20.46
CA THR G 97 22.33 20.84 -19.98
C THR G 97 22.22 20.87 -18.47
N GLY G 98 21.92 19.74 -17.84
CA GLY G 98 21.72 19.74 -16.40
C GLY G 98 20.26 19.89 -16.02
N GLU G 99 19.38 19.70 -16.99
N GLU G 99 19.39 19.69 -17.00
CA GLU G 99 17.94 19.59 -16.69
CA GLU G 99 17.96 19.57 -16.77
C GLU G 99 17.47 18.24 -17.24
C GLU G 99 17.55 18.18 -17.23
N GLY G 100 16.81 17.47 -16.39
CA GLY G 100 16.48 16.08 -16.68
C GLY G 100 15.71 15.80 -17.95
N SER G 101 14.68 16.61 -18.21
CA SER G 101 13.72 16.26 -19.25
C SER G 101 14.03 16.83 -20.61
N GLY G 102 14.99 17.75 -20.68
CA GLY G 102 15.34 18.36 -21.95
C GLY G 102 15.81 17.35 -22.99
N GLU G 103 15.17 17.31 -24.14
CA GLU G 103 15.52 16.33 -25.15
C GLU G 103 16.52 16.94 -26.14
N LEU G 104 17.11 16.09 -26.97
CA LEU G 104 18.00 16.55 -28.03
C LEU G 104 17.23 16.73 -29.33
N PHE G 105 17.67 17.71 -30.10
CA PHE G 105 17.20 17.95 -31.46
C PHE G 105 18.38 17.66 -32.38
N PHE G 106 18.23 16.69 -33.27
CA PHE G 106 19.36 16.30 -34.12
C PHE G 106 19.39 16.96 -35.50
N GLY G 107 20.60 17.19 -36.01
CA GLY G 107 20.76 17.59 -37.39
C GLY G 107 20.51 16.38 -38.30
N GLU G 108 20.62 16.57 -39.61
CA GLU G 108 20.32 15.51 -40.56
C GLU G 108 21.45 14.50 -40.77
N GLY G 109 22.59 14.75 -40.15
CA GLY G 109 23.68 13.79 -40.25
C GLY G 109 24.66 14.09 -41.37
N SER G 110 25.91 13.68 -41.19
CA SER G 110 26.94 13.78 -42.23
C SER G 110 27.60 12.45 -42.46
N ARG G 111 27.51 11.93 -43.68
CA ARG G 111 28.16 10.67 -43.98
C ARG G 111 29.58 10.94 -44.46
N LEU G 112 30.53 10.45 -43.67
CA LEU G 112 31.93 10.68 -43.92
C LEU G 112 32.62 9.37 -44.24
N THR G 113 33.36 9.34 -45.34
CA THR G 113 34.08 8.13 -45.71
C THR G 113 35.55 8.48 -45.94
N VAL G 114 36.43 7.88 -45.13
CA VAL G 114 37.85 8.18 -45.20
C VAL G 114 38.61 7.01 -45.80
N LEU G 115 39.26 7.28 -46.94
CA LEU G 115 39.93 6.28 -47.76
C LEU G 115 41.41 6.57 -47.93
N GLU G 116 42.21 5.52 -47.99
CA GLU G 116 43.64 5.63 -48.21
C GLU G 116 43.96 6.23 -49.59
N ASP G 117 43.07 5.94 -50.52
CA ASP G 117 43.31 6.17 -51.92
C ASP G 117 41.96 6.43 -52.58
N LEU G 118 41.87 7.52 -53.33
CA LEU G 118 40.60 7.87 -53.95
C LEU G 118 40.30 7.03 -55.18
N LYS G 119 41.19 6.07 -55.46
CA LYS G 119 41.19 5.38 -56.75
C LYS G 119 40.19 4.25 -56.82
N ASN G 120 39.63 3.95 -55.65
N ASN G 120 39.60 3.84 -55.69
CA ASN G 120 38.61 2.93 -55.48
CA ASN G 120 38.50 2.85 -55.75
C ASN G 120 37.20 3.53 -55.51
C ASN G 120 37.14 3.52 -55.73
N VAL G 121 37.11 4.84 -55.77
CA VAL G 121 35.82 5.50 -55.81
C VAL G 121 35.21 5.34 -57.19
N PHE G 122 33.95 4.86 -57.24
CA PHE G 122 33.25 4.55 -58.50
C PHE G 122 31.78 4.93 -58.45
N PRO G 123 31.29 5.60 -59.50
CA PRO G 123 29.85 5.88 -59.53
C PRO G 123 29.10 4.59 -59.89
N PRO G 124 27.78 4.53 -59.66
CA PRO G 124 27.13 3.28 -60.05
C PRO G 124 26.86 3.18 -61.55
N GLU G 125 26.81 1.95 -62.05
CA GLU G 125 26.11 1.66 -63.29
C GLU G 125 24.64 1.39 -62.96
N VAL G 126 23.72 1.98 -63.72
CA VAL G 126 22.30 1.81 -63.42
C VAL G 126 21.61 1.07 -64.55
N ALA G 127 20.78 0.09 -64.21
CA ALA G 127 20.00 -0.57 -65.26
C ALA G 127 18.59 -0.89 -64.79
N VAL G 128 17.65 -0.83 -65.72
CA VAL G 128 16.25 -1.07 -65.41
C VAL G 128 15.81 -2.32 -66.14
N PHE G 129 15.08 -3.16 -65.43
CA PHE G 129 14.63 -4.42 -65.98
C PHE G 129 13.11 -4.42 -66.10
N GLU G 130 12.63 -4.69 -67.30
CA GLU G 130 11.22 -4.56 -67.63
C GLU G 130 10.40 -5.71 -67.05
N PRO G 131 9.14 -5.43 -66.68
CA PRO G 131 8.23 -6.43 -66.11
C PRO G 131 8.18 -7.72 -66.91
N SER G 132 8.19 -8.85 -66.21
CA SER G 132 7.98 -10.16 -66.82
C SER G 132 6.58 -10.28 -67.41
N GLU G 133 6.46 -10.81 -68.63
CA GLU G 133 5.16 -11.01 -69.25
C GLU G 133 4.36 -12.06 -68.49
N ALA G 134 5.08 -12.94 -67.80
CA ALA G 134 4.48 -13.96 -66.95
C ALA G 134 3.76 -13.34 -65.75
N GLU G 135 4.40 -12.36 -65.12
CA GLU G 135 3.81 -11.65 -63.98
C GLU G 135 2.52 -10.94 -64.39
N ILE G 136 2.55 -10.34 -65.57
CA ILE G 136 1.41 -9.57 -66.07
C ILE G 136 0.19 -10.46 -66.30
N SER G 137 0.41 -11.62 -66.91
CA SER G 137 -0.69 -12.57 -67.15
C SER G 137 -1.19 -13.18 -65.84
N HIS G 138 -0.28 -13.39 -64.90
CA HIS G 138 -0.59 -14.10 -63.66
C HIS G 138 -1.21 -13.20 -62.59
N THR G 139 -0.83 -11.91 -62.57
CA THR G 139 -1.24 -11.01 -61.49
C THR G 139 -1.99 -9.77 -61.95
N GLN G 140 -1.89 -9.45 -63.25
CA GLN G 140 -2.36 -8.17 -63.81
C GLN G 140 -1.57 -7.00 -63.22
N LYS G 141 -0.40 -7.29 -62.66
CA LYS G 141 0.50 -6.27 -62.14
C LYS G 141 1.87 -6.39 -62.82
N ALA G 142 2.60 -5.28 -62.86
CA ALA G 142 3.90 -5.26 -63.51
C ALA G 142 4.94 -4.65 -62.59
N THR G 143 6.02 -5.39 -62.35
CA THR G 143 7.09 -4.95 -61.46
C THR G 143 8.34 -4.56 -62.27
N LEU G 144 8.77 -3.31 -62.14
CA LEU G 144 10.04 -2.87 -62.72
C LEU G 144 11.13 -2.96 -61.64
N VAL G 145 12.31 -3.40 -62.03
CA VAL G 145 13.42 -3.51 -61.08
C VAL G 145 14.60 -2.64 -61.55
N CYS G 146 15.22 -1.96 -60.61
CA CYS G 146 16.36 -1.13 -60.90
C CYS G 146 17.59 -1.69 -60.17
N LEU G 147 18.73 -1.75 -60.86
CA LEU G 147 20.00 -2.13 -60.22
C LEU G 147 21.06 -1.04 -60.34
N ALA G 148 21.58 -0.60 -59.21
CA ALA G 148 22.73 0.27 -59.18
C ALA G 148 23.87 -0.59 -58.70
N THR G 149 24.87 -0.78 -59.56
CA THR G 149 25.96 -1.71 -59.27
C THR G 149 27.34 -1.09 -59.39
N GLY G 150 28.30 -1.69 -58.65
CA GLY G 150 29.70 -1.36 -58.74
C GLY G 150 30.08 0.00 -58.19
N PHE G 151 29.26 0.59 -57.33
CA PHE G 151 29.63 1.91 -56.84
C PHE G 151 30.41 1.81 -55.53
N TYR G 152 31.02 2.93 -55.17
CA TYR G 152 31.87 3.04 -53.99
C TYR G 152 32.26 4.50 -53.82
N PRO G 153 32.15 5.01 -52.59
CA PRO G 153 31.60 4.34 -51.41
C PRO G 153 30.08 4.20 -51.43
N ASP G 154 29.52 3.87 -50.27
CA ASP G 154 28.10 3.63 -50.10
C ASP G 154 27.34 4.96 -49.91
N HIS G 155 27.30 5.74 -50.98
CA HIS G 155 26.82 7.11 -50.93
C HIS G 155 25.80 7.31 -52.03
N VAL G 156 24.62 6.70 -51.91
CA VAL G 156 23.64 6.85 -52.97
C VAL G 156 22.23 7.12 -52.49
N GLU G 157 21.42 7.66 -53.39
CA GLU G 157 20.00 7.83 -53.15
C GLU G 157 19.24 7.50 -54.43
N LEU G 158 18.47 6.41 -54.38
CA LEU G 158 17.74 5.95 -55.54
C LEU G 158 16.30 6.47 -55.48
N SER G 159 15.79 6.90 -56.63
CA SER G 159 14.41 7.39 -56.75
C SER G 159 13.79 6.92 -58.07
N TRP G 160 12.46 6.89 -58.13
CA TRP G 160 11.75 6.55 -59.37
C TRP G 160 10.97 7.76 -59.92
N TRP G 161 10.97 7.90 -61.24
CA TRP G 161 10.27 9.01 -61.88
C TRP G 161 9.39 8.49 -63.01
N VAL G 162 8.10 8.81 -62.94
CA VAL G 162 7.16 8.41 -63.96
C VAL G 162 6.60 9.66 -64.63
N ASN G 163 6.95 9.81 -65.92
CA ASN G 163 6.56 10.95 -66.73
C ASN G 163 7.07 12.25 -66.11
N GLY G 164 8.29 12.19 -65.59
CA GLY G 164 8.97 13.37 -65.08
C GLY G 164 8.61 13.78 -63.65
N LYS G 165 7.72 13.03 -63.02
CA LYS G 165 7.36 13.28 -61.62
C LYS G 165 7.79 12.09 -60.77
N GLU G 166 8.40 12.35 -59.62
CA GLU G 166 8.89 11.28 -58.77
C GLU G 166 7.74 10.53 -58.09
N VAL G 167 7.81 9.20 -58.07
CA VAL G 167 6.78 8.38 -57.44
C VAL G 167 7.28 7.61 -56.21
N HIS G 168 6.37 7.42 -55.26
CA HIS G 168 6.66 6.72 -54.01
C HIS G 168 5.76 5.48 -53.87
N SER G 169 4.57 5.55 -54.43
CA SER G 169 3.61 4.44 -54.38
C SER G 169 4.05 3.25 -55.25
N GLY G 170 4.07 2.06 -54.66
CA GLY G 170 4.45 0.85 -55.37
C GLY G 170 5.94 0.69 -55.42
N VAL G 171 6.65 1.53 -54.67
CA VAL G 171 8.11 1.48 -54.64
C VAL G 171 8.62 0.81 -53.37
N CYS G 172 9.71 0.05 -53.51
CA CYS G 172 10.46 -0.43 -52.36
C CYS G 172 11.92 -0.60 -52.74
N THR G 173 12.79 0.12 -52.04
CA THR G 173 14.23 0.14 -52.30
C THR G 173 14.96 -0.46 -51.10
N ASP G 174 15.95 -1.30 -51.36
CA ASP G 174 16.75 -1.92 -50.28
C ASP G 174 17.22 -0.85 -49.31
N PRO G 175 16.96 -1.05 -48.01
CA PRO G 175 17.43 -0.06 -47.03
C PRO G 175 18.97 0.00 -46.96
N GLN G 176 19.64 -1.11 -47.28
CA GLN G 176 21.09 -1.15 -47.31
C GLN G 176 21.58 -1.83 -48.57
N PRO G 177 22.59 -1.23 -49.24
CA PRO G 177 23.25 -1.90 -50.37
C PRO G 177 24.03 -3.12 -49.91
N LEU G 178 24.19 -4.12 -50.77
CA LEU G 178 24.98 -5.27 -50.38
C LEU G 178 26.38 -5.15 -50.99
N LYS G 179 27.31 -5.95 -50.49
CA LYS G 179 28.70 -5.89 -50.92
C LYS G 179 28.93 -6.86 -52.05
N GLU G 180 29.54 -6.37 -53.14
CA GLU G 180 29.81 -7.23 -54.28
C GLU G 180 30.99 -8.15 -54.02
N GLN G 181 31.85 -7.78 -53.08
CA GLN G 181 32.96 -8.63 -52.70
C GLN G 181 33.05 -8.69 -51.18
N PRO G 182 32.17 -9.47 -50.53
CA PRO G 182 31.99 -9.49 -49.06
C PRO G 182 33.26 -9.72 -48.27
N ALA G 183 34.20 -10.44 -48.88
CA ALA G 183 35.49 -10.71 -48.27
C ALA G 183 36.37 -9.47 -48.19
N LEU G 184 36.21 -8.57 -49.15
CA LEU G 184 37.11 -7.42 -49.30
C LEU G 184 36.71 -6.25 -48.40
N ASN G 185 37.71 -5.59 -47.82
CA ASN G 185 37.45 -4.47 -46.91
C ASN G 185 36.98 -3.25 -47.70
N ASP G 186 37.26 -3.24 -48.99
CA ASP G 186 36.88 -2.12 -49.82
C ASP G 186 35.94 -2.58 -50.92
N SER G 187 35.14 -3.59 -50.61
CA SER G 187 34.13 -4.09 -51.54
C SER G 187 33.32 -2.96 -52.16
N ARG G 188 33.03 -3.04 -53.46
CA ARG G 188 32.09 -2.10 -54.04
C ARG G 188 30.65 -2.58 -53.73
N TYR G 189 29.67 -1.74 -54.02
CA TYR G 189 28.30 -1.99 -53.58
C TYR G 189 27.31 -2.14 -54.72
N ALA G 190 26.16 -2.70 -54.38
CA ALA G 190 25.02 -2.86 -55.27
C ALA G 190 23.70 -2.57 -54.52
N LEU G 191 22.77 -1.90 -55.21
CA LEU G 191 21.48 -1.58 -54.66
C LEU G 191 20.37 -1.94 -55.66
N SER G 192 19.29 -2.56 -55.16
CA SER G 192 18.16 -2.90 -55.99
C SER G 192 16.90 -2.18 -55.51
N SER G 193 15.98 -1.91 -56.43
CA SER G 193 14.72 -1.26 -56.09
C SER G 193 13.64 -1.78 -57.02
N ARG G 194 12.39 -1.66 -56.59
CA ARG G 194 11.27 -2.02 -57.44
C ARG G 194 10.17 -1.00 -57.44
N LEU G 195 9.56 -0.84 -58.60
CA LEU G 195 8.33 -0.09 -58.75
C LEU G 195 7.29 -1.00 -59.39
N ARG G 196 6.16 -1.17 -58.72
CA ARG G 196 5.09 -2.00 -59.25
C ARG G 196 3.89 -1.13 -59.66
N VAL G 197 3.45 -1.33 -60.90
CA VAL G 197 2.33 -0.59 -61.45
C VAL G 197 1.30 -1.59 -61.92
N SER G 198 0.11 -1.12 -62.27
CA SER G 198 -0.88 -1.99 -62.89
C SER G 198 -0.39 -2.41 -64.26
N ALA G 199 -0.79 -3.59 -64.71
CA ALA G 199 -0.46 -4.04 -66.06
C ALA G 199 -0.93 -3.00 -67.09
N THR G 200 -2.13 -2.46 -66.87
CA THR G 200 -2.67 -1.40 -67.70
C THR G 200 -1.69 -0.25 -67.89
N PHE G 201 -1.17 0.26 -66.77
CA PHE G 201 -0.33 1.44 -66.77
C PHE G 201 0.98 1.17 -67.49
N TRP G 202 1.55 -0.02 -67.27
CA TRP G 202 2.75 -0.42 -67.97
C TRP G 202 2.50 -0.53 -69.47
N GLN G 203 1.34 -1.06 -69.85
CA GLN G 203 1.04 -1.34 -71.26
C GLN G 203 0.76 -0.05 -72.06
N ASN G 204 0.64 1.07 -71.37
CA ASN G 204 0.49 2.37 -72.02
C ASN G 204 1.85 2.90 -72.49
N PRO G 205 2.09 2.91 -73.80
CA PRO G 205 3.40 3.25 -74.35
C PRO G 205 3.72 4.74 -74.21
N ARG G 206 2.75 5.52 -73.74
CA ARG G 206 2.96 6.93 -73.47
C ARG G 206 3.33 7.13 -72.00
N ASN G 207 3.81 6.07 -71.37
CA ASN G 207 4.32 6.14 -69.99
C ASN G 207 5.81 5.90 -69.91
N HIS G 208 6.53 6.87 -69.36
CA HIS G 208 7.97 6.82 -69.27
C HIS G 208 8.37 6.53 -67.83
N PHE G 209 9.18 5.48 -67.62
CA PHE G 209 9.66 5.13 -66.31
C PHE G 209 11.17 5.35 -66.25
N ARG G 210 11.64 6.08 -65.25
CA ARG G 210 13.06 6.30 -65.12
C ARG G 210 13.52 6.03 -63.69
N CYS G 211 14.60 5.26 -63.57
CA CYS G 211 15.24 5.04 -62.29
C CYS G 211 16.42 5.97 -62.16
N GLN G 212 16.44 6.77 -61.10
CA GLN G 212 17.51 7.75 -60.91
C GLN G 212 18.33 7.51 -59.67
N VAL G 213 19.64 7.52 -59.83
CA VAL G 213 20.55 7.34 -58.69
C VAL G 213 21.49 8.54 -58.54
N GLN G 214 21.27 9.32 -57.50
CA GLN G 214 22.24 10.33 -57.05
C GLN G 214 23.41 9.60 -56.37
N PHE G 215 24.61 9.83 -56.88
CA PHE G 215 25.85 9.33 -56.27
C PHE G 215 26.64 10.51 -55.72
N TYR G 216 27.22 10.32 -54.53
CA TYR G 216 28.02 11.36 -53.89
C TYR G 216 29.44 10.88 -53.81
N GLY G 217 30.30 11.51 -54.60
CA GLY G 217 31.68 11.05 -54.73
C GLY G 217 32.66 12.18 -54.55
N LEU G 218 33.53 12.37 -55.55
CA LEU G 218 34.60 13.36 -55.42
C LEU G 218 34.07 14.75 -55.71
N SER G 219 34.76 15.74 -55.17
CA SER G 219 34.44 17.14 -55.42
C SER G 219 35.38 17.75 -56.46
N GLU G 220 35.21 19.04 -56.74
CA GLU G 220 36.08 19.70 -57.70
C GLU G 220 37.53 19.69 -57.23
N ASN G 221 37.76 20.12 -55.99
CA ASN G 221 39.12 20.25 -55.44
C ASN G 221 39.92 18.94 -55.39
N ASP G 222 39.24 17.79 -55.44
CA ASP G 222 39.95 16.51 -55.49
C ASP G 222 40.65 16.40 -56.84
N GLU G 223 41.95 16.13 -56.82
CA GLU G 223 42.69 16.02 -58.06
C GLU G 223 42.57 14.61 -58.60
N TRP G 224 42.52 14.49 -59.92
CA TRP G 224 42.28 13.21 -60.54
C TRP G 224 43.17 13.07 -61.78
N THR G 225 43.98 12.03 -61.78
CA THR G 225 44.90 11.79 -62.89
C THR G 225 44.73 10.42 -63.56
N GLN G 226 43.59 9.77 -63.37
CA GLN G 226 43.38 8.47 -64.01
C GLN G 226 42.72 8.61 -65.37
N ASP G 227 42.93 7.60 -66.21
CA ASP G 227 42.31 7.55 -67.53
C ASP G 227 40.79 7.61 -67.47
N ARG G 228 40.22 6.89 -66.50
CA ARG G 228 38.77 6.86 -66.40
C ARG G 228 38.29 8.19 -65.84
N ALA G 229 37.05 8.53 -66.21
CA ALA G 229 36.41 9.75 -65.77
C ALA G 229 36.46 9.89 -64.25
N LYS G 230 36.77 11.09 -63.79
CA LYS G 230 36.82 11.41 -62.37
C LYS G 230 35.47 11.11 -61.72
N PRO G 231 35.46 10.23 -60.71
CA PRO G 231 34.15 9.79 -60.20
C PRO G 231 33.50 10.87 -59.32
N VAL G 232 33.12 11.98 -59.95
CA VAL G 232 32.50 13.09 -59.23
C VAL G 232 31.08 12.72 -58.80
N THR G 233 30.55 13.53 -57.89
CA THR G 233 29.13 13.51 -57.55
C THR G 233 28.33 13.68 -58.83
N GLN G 234 27.29 12.87 -58.99
CA GLN G 234 26.60 12.81 -60.27
C GLN G 234 25.33 11.96 -60.18
N ILE G 235 24.45 12.18 -61.13
CA ILE G 235 23.25 11.37 -61.26
C ILE G 235 23.49 10.38 -62.37
N VAL G 236 23.12 9.13 -62.15
CA VAL G 236 23.09 8.14 -63.22
C VAL G 236 21.69 7.54 -63.28
N SER G 237 21.14 7.47 -64.48
CA SER G 237 19.76 7.00 -64.67
C SER G 237 19.72 5.89 -65.71
N ALA G 238 18.68 5.07 -65.62
CA ALA G 238 18.31 4.17 -66.70
C ALA G 238 16.79 4.26 -66.84
N GLU G 239 16.27 3.92 -68.00
CA GLU G 239 14.84 4.12 -68.24
C GLU G 239 14.18 3.03 -69.07
N ALA G 240 12.84 3.06 -69.12
CA ALA G 240 12.06 2.17 -69.96
C ALA G 240 10.74 2.83 -70.33
N TRP G 241 10.24 2.53 -71.54
CA TRP G 241 8.93 2.99 -71.97
C TRP G 241 7.92 1.86 -71.90
N GLY G 242 6.65 2.20 -71.70
CA GLY G 242 5.59 1.21 -71.71
C GLY G 242 5.54 0.46 -73.03
N ARG G 243 5.26 -0.84 -72.97
CA ARG G 243 5.29 -1.68 -74.17
C ARG G 243 3.93 -2.30 -74.51
N ILE H 1 15.13 46.11 0.02
CA ILE H 1 15.37 45.77 1.43
C ILE H 1 16.77 45.23 1.65
N GLN H 2 17.62 46.04 2.26
CA GLN H 2 18.97 45.65 2.60
C GLN H 2 19.07 45.37 4.08
N ARG H 3 19.91 44.42 4.45
CA ARG H 3 20.04 44.04 5.85
C ARG H 3 21.46 44.27 6.32
N THR H 4 21.60 44.98 7.44
CA THR H 4 22.88 45.38 7.98
C THR H 4 23.51 44.23 8.79
N PRO H 5 24.84 44.12 8.77
CA PRO H 5 25.39 42.90 9.37
C PRO H 5 25.31 42.87 10.88
N LYS H 6 24.98 41.70 11.43
CA LYS H 6 25.23 41.43 12.84
C LYS H 6 26.70 41.15 13.00
N ILE H 7 27.30 41.72 14.05
CA ILE H 7 28.73 41.57 14.30
C ILE H 7 29.01 41.06 15.72
N GLN H 8 29.52 39.84 15.82
CA GLN H 8 29.74 39.21 17.10
C GLN H 8 31.23 38.88 17.27
N VAL H 9 31.78 39.33 18.38
CA VAL H 9 33.19 39.24 18.63
C VAL H 9 33.39 38.49 19.93
N TYR H 10 34.17 37.40 19.89
CA TYR H 10 34.27 36.50 21.03
C TYR H 10 35.50 35.58 20.89
N SER H 11 36.09 35.20 22.03
CA SER H 11 37.18 34.26 22.00
C SER H 11 36.70 32.83 21.76
N ARG H 12 37.57 32.02 21.17
CA ARG H 12 37.33 30.61 20.91
C ARG H 12 37.07 29.82 22.21
N HIS H 13 37.97 30.00 23.18
CA HIS H 13 37.88 29.41 24.51
C HIS H 13 37.60 30.53 25.53
N PRO H 14 37.07 30.19 26.72
CA PRO H 14 36.96 31.19 27.78
C PRO H 14 38.28 31.95 27.98
N ALA H 15 38.24 33.28 28.00
CA ALA H 15 39.48 34.09 27.97
C ALA H 15 40.14 34.28 29.33
N GLU H 16 41.47 34.23 29.33
CA GLU H 16 42.26 34.53 30.51
C GLU H 16 43.49 35.32 30.07
N ASN H 17 43.75 36.47 30.69
CA ASN H 17 44.89 37.31 30.31
C ASN H 17 46.19 36.54 30.41
N GLY H 18 47.03 36.64 29.39
CA GLY H 18 48.30 35.93 29.41
C GLY H 18 48.28 34.53 28.81
N LYS H 19 47.09 34.01 28.52
CA LYS H 19 46.97 32.67 27.91
C LYS H 19 46.53 32.72 26.45
N SER H 20 47.26 32.04 25.58
CA SER H 20 47.00 32.00 24.14
C SER H 20 45.60 31.48 23.78
N ASN H 21 44.99 32.11 22.77
CA ASN H 21 43.59 31.89 22.43
C ASN H 21 43.36 32.29 20.96
N PHE H 22 42.11 32.25 20.50
CA PHE H 22 41.79 32.74 19.18
C PHE H 22 40.65 33.73 19.31
N LEU H 23 40.78 34.89 18.67
CA LEU H 23 39.73 35.90 18.65
C LEU H 23 38.86 35.78 17.38
N ASN H 24 37.55 35.58 17.59
CA ASN H 24 36.62 35.40 16.46
C ASN H 24 35.79 36.65 16.17
N CYS H 25 35.49 36.86 14.91
CA CYS H 25 34.51 37.85 14.54
C CYS H 25 33.62 37.22 13.48
N TYR H 26 32.37 37.03 13.88
CA TYR H 26 31.33 36.38 13.10
C TYR H 26 30.39 37.47 12.59
N VAL H 27 30.31 37.59 11.29
CA VAL H 27 29.57 38.66 10.63
C VAL H 27 28.47 37.99 9.83
N SER H 28 27.21 38.29 10.15
CA SER H 28 26.14 37.48 9.61
C SER H 28 24.90 38.32 9.40
N GLY H 29 23.94 37.75 8.68
CA GLY H 29 22.65 38.37 8.47
C GLY H 29 22.65 39.51 7.49
N PHE H 30 23.68 39.60 6.65
CA PHE H 30 23.73 40.79 5.80
C PHE H 30 23.33 40.48 4.38
N HIS H 31 22.82 41.53 3.74
CA HIS H 31 22.43 41.48 2.34
C HIS H 31 22.44 42.93 1.84
N PRO H 32 23.10 43.20 0.69
CA PRO H 32 23.76 42.23 -0.21
C PRO H 32 25.15 41.77 0.27
N SER H 33 25.89 41.07 -0.60
CA SER H 33 27.03 40.26 -0.17
C SER H 33 28.36 40.99 -0.03
N ASP H 34 28.52 42.13 -0.70
CA ASP H 34 29.78 42.85 -0.63
C ASP H 34 30.07 43.34 0.77
N ILE H 35 31.22 42.99 1.31
CA ILE H 35 31.49 43.33 2.68
C ILE H 35 32.99 43.39 2.95
N GLU H 36 33.38 44.26 3.87
CA GLU H 36 34.79 44.35 4.27
C GLU H 36 34.91 44.17 5.77
N VAL H 37 35.84 43.30 6.19
CA VAL H 37 36.06 43.04 7.60
C VAL H 37 37.54 43.06 7.98
N ASP H 38 37.88 43.76 9.06
CA ASP H 38 39.22 43.67 9.65
C ASP H 38 39.20 43.50 11.16
N LEU H 39 40.17 42.76 11.69
CA LEU H 39 40.35 42.70 13.13
C LEU H 39 41.41 43.73 13.53
N LEU H 40 41.16 44.43 14.65
CA LEU H 40 42.05 45.47 15.12
C LEU H 40 42.60 45.20 16.54
N LYS H 41 43.88 45.54 16.72
CA LYS H 41 44.50 45.58 18.05
C LYS H 41 44.88 47.02 18.36
N ASN H 42 44.29 47.58 19.41
CA ASN H 42 44.52 48.98 19.81
C ASN H 42 44.34 49.98 18.66
N GLY H 43 43.40 49.68 17.77
CA GLY H 43 43.08 50.58 16.67
C GLY H 43 43.72 50.26 15.34
N GLU H 44 44.75 49.41 15.36
CA GLU H 44 45.52 49.11 14.15
C GLU H 44 45.17 47.73 13.59
N ARG H 45 45.04 47.68 12.27
CA ARG H 45 44.72 46.45 11.56
C ARG H 45 45.68 45.27 11.83
N ILE H 46 45.13 44.09 12.15
CA ILE H 46 45.95 42.90 12.37
C ILE H 46 46.21 42.21 11.02
N GLU H 47 47.45 41.81 10.80
CA GLU H 47 47.86 41.40 9.47
C GLU H 47 47.54 39.95 9.17
N LYS H 48 47.80 39.09 10.15
CA LYS H 48 47.63 37.68 9.94
C LYS H 48 46.21 37.27 10.40
N VAL H 49 45.22 37.64 9.61
CA VAL H 49 43.80 37.33 9.89
C VAL H 49 43.22 36.33 8.91
N GLU H 50 42.81 35.17 9.39
CA GLU H 50 42.18 34.20 8.50
C GLU H 50 40.65 34.36 8.48
N HIS H 51 40.05 33.90 7.40
CA HIS H 51 38.60 33.94 7.29
C HIS H 51 38.04 32.83 6.40
N SER H 52 36.78 32.51 6.65
CA SER H 52 36.01 31.59 5.82
C SER H 52 35.65 32.29 4.53
N ASP H 53 35.22 31.53 3.53
CA ASP H 53 34.62 32.09 2.34
C ASP H 53 33.25 32.65 2.72
N LEU H 54 32.71 33.53 1.89
CA LEU H 54 31.33 33.96 2.03
C LEU H 54 30.43 32.73 2.13
N SER H 55 29.57 32.68 3.15
CA SER H 55 28.62 31.58 3.31
C SER H 55 27.16 32.02 3.13
N PHE H 56 26.29 31.06 2.87
CA PHE H 56 24.90 31.35 2.50
C PHE H 56 23.91 30.83 3.53
N SER H 57 23.01 31.70 4.00
CA SER H 57 21.96 31.29 4.91
C SER H 57 20.66 31.03 4.17
N LYS H 58 19.85 30.13 4.71
CA LYS H 58 18.57 29.78 4.11
C LYS H 58 17.61 30.98 4.06
N ASP H 59 17.84 32.02 4.86
CA ASP H 59 17.02 33.22 4.71
C ASP H 59 17.54 34.21 3.64
N TRP H 60 18.52 33.79 2.83
CA TRP H 60 19.14 34.54 1.71
C TRP H 60 20.20 35.58 2.14
N SER H 61 20.42 35.70 3.44
CA SER H 61 21.51 36.55 3.91
C SER H 61 22.81 35.76 3.85
N PHE H 62 23.90 36.42 4.25
CA PHE H 62 25.23 35.84 4.15
C PHE H 62 25.95 35.97 5.47
N TYR H 63 27.02 35.19 5.64
CA TYR H 63 27.77 35.23 6.87
C TYR H 63 29.25 34.86 6.68
N LEU H 64 30.08 35.34 7.60
CA LEU H 64 31.53 35.24 7.52
C LEU H 64 32.14 35.06 8.90
N LEU H 65 33.19 34.25 8.99
CA LEU H 65 34.00 34.18 10.21
C LEU H 65 35.43 34.63 9.91
N TYR H 66 35.88 35.68 10.60
CA TYR H 66 37.28 36.11 10.62
C TYR H 66 37.91 35.79 11.98
N TYR H 67 39.16 35.35 12.01
CA TYR H 67 39.80 35.09 13.31
C TYR H 67 41.34 35.20 13.29
N THR H 68 41.91 35.52 14.45
CA THR H 68 43.38 35.56 14.65
C THR H 68 43.79 34.92 15.97
N GLU H 69 44.99 34.33 15.99
CA GLU H 69 45.58 33.90 17.24
C GLU H 69 45.97 35.13 18.04
N PHE H 70 45.59 35.18 19.30
CA PHE H 70 46.00 36.32 20.16
C PHE H 70 46.20 35.83 21.58
N THR H 71 46.99 36.57 22.34
CA THR H 71 47.05 36.37 23.77
C THR H 71 46.50 37.62 24.43
N PRO H 72 45.29 37.53 25.01
CA PRO H 72 44.68 38.72 25.62
C PRO H 72 45.51 39.21 26.80
N THR H 73 45.62 40.52 26.95
CA THR H 73 46.24 41.13 28.12
C THR H 73 45.22 42.11 28.69
N GLU H 74 45.56 42.74 29.81
CA GLU H 74 44.66 43.73 30.40
C GLU H 74 44.66 45.02 29.58
N LYS H 75 45.80 45.36 29.00
CA LYS H 75 45.99 46.66 28.36
C LYS H 75 45.60 46.67 26.89
N ASP H 76 45.59 45.51 26.25
CA ASP H 76 45.28 45.43 24.82
C ASP H 76 43.78 45.44 24.53
N GLU H 77 43.37 46.29 23.59
CA GLU H 77 41.96 46.40 23.21
C GLU H 77 41.77 45.84 21.80
N TYR H 78 40.84 44.88 21.65
CA TYR H 78 40.56 44.31 20.33
C TYR H 78 39.18 44.70 19.83
N ALA H 79 39.02 44.70 18.52
CA ALA H 79 37.75 45.04 17.90
C ALA H 79 37.66 44.44 16.52
N CYS H 80 36.43 44.41 15.98
CA CYS H 80 36.17 43.98 14.62
C CYS H 80 35.61 45.18 13.85
N ARG H 81 36.30 45.63 12.80
CA ARG H 81 35.81 46.75 11.97
C ARG H 81 35.16 46.21 10.70
N VAL H 82 33.94 46.66 10.40
CA VAL H 82 33.15 46.11 9.31
C VAL H 82 32.56 47.24 8.46
N ASN H 83 32.67 47.12 7.14
CA ASN H 83 31.95 48.05 6.27
C ASN H 83 31.02 47.28 5.31
N HIS H 84 29.91 47.92 4.98
CA HIS H 84 28.83 47.31 4.20
C HIS H 84 28.03 48.46 3.63
N VAL H 85 27.30 48.25 2.54
CA VAL H 85 26.56 49.35 1.91
C VAL H 85 25.53 49.99 2.86
N THR H 86 25.10 49.25 3.89
CA THR H 86 24.11 49.78 4.85
C THR H 86 24.75 50.73 5.85
N LEU H 87 26.08 50.81 5.87
CA LEU H 87 26.73 51.64 6.87
C LEU H 87 27.31 52.87 6.20
N SER H 88 27.07 54.05 6.79
CA SER H 88 27.64 55.30 6.27
C SER H 88 29.14 55.27 6.38
N GLN H 89 29.63 54.72 7.49
CA GLN H 89 31.05 54.61 7.75
C GLN H 89 31.35 53.26 8.38
N PRO H 90 32.63 52.84 8.38
CA PRO H 90 32.93 51.51 8.91
C PRO H 90 32.51 51.37 10.38
N LYS H 91 32.02 50.19 10.77
CA LYS H 91 31.56 50.04 12.15
C LYS H 91 32.63 49.29 12.93
N ILE H 92 33.08 49.90 14.01
CA ILE H 92 34.08 49.29 14.87
C ILE H 92 33.43 48.69 16.12
N VAL H 93 33.46 47.36 16.22
CA VAL H 93 32.80 46.67 17.32
C VAL H 93 33.83 46.13 18.28
N LYS H 94 33.82 46.64 19.51
CA LYS H 94 34.82 46.25 20.50
C LYS H 94 34.55 44.86 21.07
N TRP H 95 35.62 44.12 21.37
CA TRP H 95 35.52 42.87 22.11
C TRP H 95 35.18 43.14 23.57
N ASP H 96 34.20 42.42 24.11
CA ASP H 96 33.76 42.66 25.47
C ASP H 96 34.64 41.95 26.51
N ARG H 97 35.80 41.46 26.08
CA ARG H 97 36.78 40.78 26.94
C ARG H 97 36.19 39.54 27.61
N ASP H 98 35.24 38.90 26.92
CA ASP H 98 34.60 37.68 27.44
C ASP H 98 33.91 37.93 28.78
N MET H 99 33.28 39.09 28.94
CA MET H 99 32.66 39.49 30.20
C MET H 99 31.27 38.89 30.37
C2 7WP I . 24.26 21.67 -8.08
N3 7WP I . 20.55 20.32 -8.84
C4 7WP I . 21.79 20.78 -8.63
C5 7WP I . 24.05 20.33 -8.38
N 7WP I . 25.53 22.11 -7.82
C 7WP I . 27.91 21.77 -7.70
C1 7WP I . 26.48 21.23 -7.88
C3 7WP I . 23.15 22.57 -8.09
C6 7WP I . 26.27 19.89 -8.16
N1 7WP I . 23.27 23.91 -7.93
N2 7WP I . 21.92 22.11 -8.36
N4 7WP I . 22.80 19.87 -8.68
N5 7WP I . 25.05 19.42 -8.41
C1 GOL J . 25.22 9.02 -6.03
O1 GOL J . 25.62 7.73 -6.43
C2 GOL J . 24.50 9.70 -7.19
O2 GOL J . 24.53 8.90 -8.37
C3 GOL J . 23.05 9.94 -6.78
O3 GOL J . 22.53 10.96 -7.59
C1 GOL K . 3.21 8.15 -14.98
O1 GOL K . 1.98 7.98 -15.69
C2 GOL K . 4.01 9.41 -15.34
O2 GOL K . 3.85 9.87 -16.67
C3 GOL K . 3.69 10.54 -14.38
O3 GOL K . 4.37 10.32 -13.15
C2 7WP L . -27.56 -28.51 22.57
N3 7WP L . -27.34 -26.03 25.73
C4 7WP L . -27.38 -26.82 24.66
C5 7WP L . -28.18 -27.26 22.54
N 7WP L . -27.66 -29.36 21.51
C 7WP L . -28.43 -29.91 19.29
C1 7WP L . -28.36 -28.95 20.48
C3 7WP L . -26.77 -28.83 23.71
C6 7WP L . -28.99 -27.72 20.45
N1 7WP L . -26.03 -29.96 23.78
N2 7WP L . -26.69 -27.99 24.74
N4 7WP L . -28.10 -26.39 23.59
N5 7WP L . -28.91 -26.86 21.46
C1 GOL M . -14.54 -34.00 47.01
O1 GOL M . -13.55 -34.98 47.18
C2 GOL M . -14.22 -32.69 47.73
O2 GOL M . -12.87 -32.34 47.67
C3 GOL M . -15.05 -31.60 47.08
O3 GOL M . -16.38 -32.01 47.29
C1 GOL N . -37.21 -20.92 20.41
O1 GOL N . -38.55 -20.64 20.05
C2 GOL N . -36.67 -19.78 21.25
O2 GOL N . -35.97 -18.84 20.46
C3 GOL N . -35.78 -20.33 22.36
O3 GOL N . -35.71 -19.33 23.35
C1 GOL O . -19.25 -28.15 5.97
O1 GOL O . -20.33 -29.06 5.98
C2 GOL O . -19.71 -26.77 6.46
O2 GOL O . -18.65 -26.09 7.11
C3 GOL O . -20.19 -25.94 5.27
O3 GOL O . -19.72 -24.62 5.39
C1 GOL P . -16.64 -39.43 39.19
O1 GOL P . -17.25 -39.14 37.95
C2 GOL P . -15.97 -40.79 39.12
O2 GOL P . -15.64 -41.11 37.78
C3 GOL P . -14.71 -40.82 39.97
O3 GOL P . -15.08 -40.65 41.33
C ACT Q . -34.58 -18.82 15.94
O ACT Q . -35.03 -19.99 16.05
OXT ACT Q . -35.02 -18.10 15.00
CH3 ACT Q . -33.57 -18.26 16.89
C1 GOL R . 18.94 27.26 23.12
O1 GOL R . 18.07 26.21 22.76
C2 GOL R . 20.27 27.20 22.34
O2 GOL R . 20.01 26.76 21.03
C3 GOL R . 20.86 28.58 22.15
O3 GOL R . 20.81 29.31 23.35
NA NA S . -18.92 -16.06 -0.55
C ACT T . -34.25 -40.22 27.91
O ACT T . -34.30 -41.36 27.38
OXT ACT T . -34.65 -39.26 27.22
CH3 ACT T . -33.75 -40.02 29.31
NA NA U . 40.71 15.74 -29.45
C1 GOL V . 31.51 42.14 22.01
O1 GOL V . 32.45 41.11 22.12
C2 GOL V . 30.34 41.76 21.10
O2 GOL V . 30.60 40.87 20.03
C3 GOL V . 29.61 43.00 20.62
O3 GOL V . 28.43 43.07 21.38
C1 GOL W . 23.93 25.09 5.74
O1 GOL W . 23.59 24.25 4.66
C2 GOL W . 23.79 26.54 5.31
O2 GOL W . 22.43 26.90 5.24
C3 GOL W . 24.48 27.39 6.37
O3 GOL W . 25.58 28.02 5.75
NA NA X . 29.58 51.81 3.55
#